data_7H3X
# 
_entry.id   7H3X 
# 
_audit_conform.dict_name       mmcif_pdbx.dic 
_audit_conform.dict_version    5.397 
_audit_conform.dict_location   http://mmcif.pdb.org/dictionaries/ascii/mmcif_pdbx.dic 
# 
loop_
_database_2.database_id 
_database_2.database_code 
_database_2.pdbx_database_accession 
_database_2.pdbx_DOI 
PDB   7H3X         pdb_00007h3x 10.2210/pdb7h3x/pdb 
WWPDB D_1001406992 ?            ?                   
# 
loop_
_pdbx_audit_revision_history.ordinal 
_pdbx_audit_revision_history.data_content_type 
_pdbx_audit_revision_history.major_revision 
_pdbx_audit_revision_history.minor_revision 
_pdbx_audit_revision_history.revision_date 
1 'Structure model' 1 0 2024-04-24 
2 'Structure model' 1 1 2024-10-16 
# 
_pdbx_audit_revision_details.ordinal             1 
_pdbx_audit_revision_details.revision_ordinal    1 
_pdbx_audit_revision_details.data_content_type   'Structure model' 
_pdbx_audit_revision_details.provider            repository 
_pdbx_audit_revision_details.type                'Initial release' 
_pdbx_audit_revision_details.description         ? 
_pdbx_audit_revision_details.details             ? 
# 
loop_
_pdbx_audit_revision_group.ordinal 
_pdbx_audit_revision_group.revision_ordinal 
_pdbx_audit_revision_group.data_content_type 
_pdbx_audit_revision_group.group 
1 2 'Structure model' 'Database references' 
2 2 'Structure model' 'Structure summary'   
# 
loop_
_pdbx_audit_revision_category.ordinal 
_pdbx_audit_revision_category.revision_ordinal 
_pdbx_audit_revision_category.data_content_type 
_pdbx_audit_revision_category.category 
1 2 'Structure model' citation           
2 2 'Structure model' citation_author    
3 2 'Structure model' pdbx_entry_details 
# 
loop_
_pdbx_audit_revision_item.ordinal 
_pdbx_audit_revision_item.revision_ordinal 
_pdbx_audit_revision_item.data_content_type 
_pdbx_audit_revision_item.item 
1 2 'Structure model' '_citation.country'                 
2 2 'Structure model' '_citation.journal_abbrev'          
3 2 'Structure model' '_citation.journal_id_CSD'          
4 2 'Structure model' '_citation.journal_id_ISSN'         
5 2 'Structure model' '_citation.pdbx_database_id_DOI'    
6 2 'Structure model' '_citation.pdbx_database_id_PubMed' 
7 2 'Structure model' '_citation.title'                   
8 2 'Structure model' '_citation.year'                    
# 
_pdbx_database_status.entry_id                        7H3X 
_pdbx_database_status.status_code                     REL 
_pdbx_database_status.status_code_sf                  REL 
_pdbx_database_status.status_code_mr                  ? 
_pdbx_database_status.status_code_cs                  ? 
_pdbx_database_status.recvd_initial_deposition_date   2024-04-04 
_pdbx_database_status.status_code_nmr_data            ? 
_pdbx_database_status.deposit_site                    RCSB 
_pdbx_database_status.process_site                    RCSB 
_pdbx_database_status.SG_entry                        ? 
_pdbx_database_status.pdb_format_compatible           N 
_pdbx_database_status.methods_development_category    ? 
# 
_pdbx_contact_author.id                 1 
_pdbx_contact_author.email              frank.von-delft@diamond.ac.uk 
_pdbx_contact_author.name_first         Frank 
_pdbx_contact_author.name_last          'von Delft' 
_pdbx_contact_author.role               'principal investigator/group leader' 
_pdbx_contact_author.identifier_ORCID   0000-0003-0378-0017 
_pdbx_contact_author.name_mi            ? 
# 
loop_
_audit_author.name 
_audit_author.pdbx_ordinal 
'Lithgo, R.M.'        1  
'Fairhead, M.'        2  
'Koekemoer, L.'       3  
'Balcomb, B.H.'       4  
'Capkin, E.'          5  
'Chandran, A.V.'      6  
'Golding, M.'         7  
'Godoy, A.S.'         8  
'Aschenbrenner, J.C.' 9  
'Marples, P.G.'       10 
'Ni, X.'              11 
'Thompson, W.'        12 
'Tomlinson, C.W.E.'   13 
'Wild, C.'            14 
'Winokan, M.'         15 
'Xavier, M.-A.E.'     16 
'Fearon, D.'          17 
'von Delft, F.'       18 
# 
_citation.id                        primary 
_citation.title                     
;Crystallographic Fragment Screen of Coxsackievirus A16 2A Protease identifies new opportunities for the development of broad-spectrum anti-enterovirals.
;
_citation.journal_abbrev            Biorxiv 
_citation.journal_volume            ? 
_citation.page_first                ? 
_citation.page_last                 ? 
_citation.year                      2024 
_citation.journal_id_ASTM           ? 
_citation.country                   US 
_citation.journal_id_ISSN           2692-8205 
_citation.journal_id_CSD            ? 
_citation.book_publisher            ? 
_citation.pdbx_database_id_PubMed   38746446 
_citation.pdbx_database_id_DOI      10.1101/2024.04.29.591684 
# 
loop_
_citation_author.citation_id 
_citation_author.name 
_citation_author.identifier_ORCID 
_citation_author.ordinal 
primary 'Lithgo, R.M.'        0000-0002-4706-9916 1  
primary 'Tomlinson, C.W.E.'   0000-0002-1845-6028 2  
primary 'Fairhead, M.'        0000-0001-5361-3933 3  
primary 'Winokan, M.'         ?                   4  
primary 'Thompson, W.'        0000-0003-1474-7810 5  
primary 'Wild, C.'            0000-0003-0654-8141 6  
primary 'Aschenbrenner, J.C.' 0000-0002-4318-0481 7  
primary 'Balcomb, B.H.'       0000-0001-7599-8467 8  
primary 'Marples, P.G.'       0000-0002-8787-7969 9  
primary 'Chandran, A.V.'      0000-0001-9942-2614 10 
primary 'Golding, M.'         0009-0004-7472-8333 11 
primary 'Koekemoer, L.'       0000-0001-9226-9127 12 
primary 'Williams, E.P.'      0000-0002-1331-9518 13 
primary 'Wang, S.'            ?                   14 
primary 'Ni, X.'              0000-0002-7769-8297 15 
primary 'MacLean, E.'         0000-0003-1680-4292 16 
primary 'Giroud, C.'          0000-0002-1629-1581 17 
primary 'Godoy, A.S.'         0000-0002-0613-9164 18 
primary 'Xavier, M.A.'        0000-0002-1709-9479 19 
primary 'Walsh, M.'           0000-0001-5683-1151 20 
primary 'Fearon, D.'          0000-0003-3529-7863 21 
primary 'von Delft, F.'       0000-0003-0378-0017 22 
# 
loop_
_entity.id 
_entity.type 
_entity.src_method 
_entity.pdbx_description 
_entity.formula_weight 
_entity.pdbx_number_of_molecules 
_entity.pdbx_ec 
_entity.pdbx_mutation 
_entity.pdbx_fragment 
_entity.details 
1 polymer     man 'Protease 2A'                          16493.311 1   3.4.22.29 ? ? ? 
2 non-polymer man 'methyl 3-aminopyridine-4-carboxylate' 152.151   2   ?         ? ? ? 
3 non-polymer syn 'ZINC ION'                             65.409    1   ?         ? ? ? 
4 non-polymer syn 'DIMETHYL SULFOXIDE'                   78.133    2   ?         ? ? ? 
5 water       nat water                                  18.015    118 ?         ? ? ? 
# 
_entity_name_com.entity_id   1 
_entity_name_com.name        'P2A,Picornain 2A,Protein 2A' 
# 
_entity_poly.entity_id                      1 
_entity_poly.type                           'polypeptide(L)' 
_entity_poly.nstd_linkage                   no 
_entity_poly.nstd_monomer                   no 
_entity_poly.pdbx_seq_one_letter_code       
;QEQTGGSGAIYVGNYRVVNRHLATHNDWANLVWEDSSRDLLVSSTTAQGCDTIARCDCQTGVYYCSSRRKHYPVSFSKPS
LIFVEASEYYPARYQSHLMLAVGHSEPGDCGGILRCQHGVVGIVSTGGNGLVGFADVRDLLWLDEEAMEQ
;
_entity_poly.pdbx_seq_one_letter_code_can   
;QEQTGGSGAIYVGNYRVVNRHLATHNDWANLVWEDSSRDLLVSSTTAQGCDTIARCDCQTGVYYCSSRRKHYPVSFSKPS
LIFVEASEYYPARYQSHLMLAVGHSEPGDCGGILRCQHGVVGIVSTGGNGLVGFADVRDLLWLDEEAMEQ
;
_entity_poly.pdbx_strand_id                 A 
_entity_poly.pdbx_target_identifier         ? 
# 
loop_
_pdbx_entity_nonpoly.entity_id 
_pdbx_entity_nonpoly.name 
_pdbx_entity_nonpoly.comp_id 
2 'methyl 3-aminopyridine-4-carboxylate' A1AM8 
3 'ZINC ION'                             ZN    
4 'DIMETHYL SULFOXIDE'                   DMS   
5 water                                  HOH   
# 
loop_
_entity_poly_seq.entity_id 
_entity_poly_seq.num 
_entity_poly_seq.mon_id 
_entity_poly_seq.hetero 
1 1   GLN n 
1 2   GLU n 
1 3   GLN n 
1 4   THR n 
1 5   GLY n 
1 6   GLY n 
1 7   SER n 
1 8   GLY n 
1 9   ALA n 
1 10  ILE n 
1 11  TYR n 
1 12  VAL n 
1 13  GLY n 
1 14  ASN n 
1 15  TYR n 
1 16  ARG n 
1 17  VAL n 
1 18  VAL n 
1 19  ASN n 
1 20  ARG n 
1 21  HIS n 
1 22  LEU n 
1 23  ALA n 
1 24  THR n 
1 25  HIS n 
1 26  ASN n 
1 27  ASP n 
1 28  TRP n 
1 29  ALA n 
1 30  ASN n 
1 31  LEU n 
1 32  VAL n 
1 33  TRP n 
1 34  GLU n 
1 35  ASP n 
1 36  SER n 
1 37  SER n 
1 38  ARG n 
1 39  ASP n 
1 40  LEU n 
1 41  LEU n 
1 42  VAL n 
1 43  SER n 
1 44  SER n 
1 45  THR n 
1 46  THR n 
1 47  ALA n 
1 48  GLN n 
1 49  GLY n 
1 50  CYS n 
1 51  ASP n 
1 52  THR n 
1 53  ILE n 
1 54  ALA n 
1 55  ARG n 
1 56  CYS n 
1 57  ASP n 
1 58  CYS n 
1 59  GLN n 
1 60  THR n 
1 61  GLY n 
1 62  VAL n 
1 63  TYR n 
1 64  TYR n 
1 65  CYS n 
1 66  SER n 
1 67  SER n 
1 68  ARG n 
1 69  ARG n 
1 70  LYS n 
1 71  HIS n 
1 72  TYR n 
1 73  PRO n 
1 74  VAL n 
1 75  SER n 
1 76  PHE n 
1 77  SER n 
1 78  LYS n 
1 79  PRO n 
1 80  SER n 
1 81  LEU n 
1 82  ILE n 
1 83  PHE n 
1 84  VAL n 
1 85  GLU n 
1 86  ALA n 
1 87  SER n 
1 88  GLU n 
1 89  TYR n 
1 90  TYR n 
1 91  PRO n 
1 92  ALA n 
1 93  ARG n 
1 94  TYR n 
1 95  GLN n 
1 96  SER n 
1 97  HIS n 
1 98  LEU n 
1 99  MET n 
1 100 LEU n 
1 101 ALA n 
1 102 VAL n 
1 103 GLY n 
1 104 HIS n 
1 105 SER n 
1 106 GLU n 
1 107 PRO n 
1 108 GLY n 
1 109 ASP n 
1 110 CYS n 
1 111 GLY n 
1 112 GLY n 
1 113 ILE n 
1 114 LEU n 
1 115 ARG n 
1 116 CYS n 
1 117 GLN n 
1 118 HIS n 
1 119 GLY n 
1 120 VAL n 
1 121 VAL n 
1 122 GLY n 
1 123 ILE n 
1 124 VAL n 
1 125 SER n 
1 126 THR n 
1 127 GLY n 
1 128 GLY n 
1 129 ASN n 
1 130 GLY n 
1 131 LEU n 
1 132 VAL n 
1 133 GLY n 
1 134 PHE n 
1 135 ALA n 
1 136 ASP n 
1 137 VAL n 
1 138 ARG n 
1 139 ASP n 
1 140 LEU n 
1 141 LEU n 
1 142 TRP n 
1 143 LEU n 
1 144 ASP n 
1 145 GLU n 
1 146 GLU n 
1 147 ALA n 
1 148 MET n 
1 149 GLU n 
1 150 GLN n 
# 
loop_
_entity_src_gen.entity_id 
_entity_src_gen.pdbx_src_id 
_entity_src_gen.pdbx_alt_source_flag 
_entity_src_gen.pdbx_seq_type 
_entity_src_gen.pdbx_beg_seq_num 
_entity_src_gen.pdbx_end_seq_num 
_entity_src_gen.gene_src_common_name 
_entity_src_gen.gene_src_genus 
_entity_src_gen.pdbx_gene_src_gene 
_entity_src_gen.gene_src_species 
_entity_src_gen.gene_src_strain 
_entity_src_gen.gene_src_tissue 
_entity_src_gen.gene_src_tissue_fraction 
_entity_src_gen.gene_src_details 
_entity_src_gen.pdbx_gene_src_fragment 
_entity_src_gen.pdbx_gene_src_scientific_name 
_entity_src_gen.pdbx_gene_src_ncbi_taxonomy_id 
_entity_src_gen.pdbx_gene_src_variant 
_entity_src_gen.pdbx_gene_src_cell_line 
_entity_src_gen.pdbx_gene_src_atcc 
_entity_src_gen.pdbx_gene_src_organ 
_entity_src_gen.pdbx_gene_src_organelle 
_entity_src_gen.pdbx_gene_src_cell 
_entity_src_gen.pdbx_gene_src_cellular_location 
_entity_src_gen.host_org_common_name 
_entity_src_gen.pdbx_host_org_scientific_name 
_entity_src_gen.pdbx_host_org_ncbi_taxonomy_id 
_entity_src_gen.host_org_genus 
_entity_src_gen.pdbx_host_org_gene 
_entity_src_gen.pdbx_host_org_organ 
_entity_src_gen.host_org_species 
_entity_src_gen.pdbx_host_org_tissue 
_entity_src_gen.pdbx_host_org_tissue_fraction 
_entity_src_gen.pdbx_host_org_strain 
_entity_src_gen.pdbx_host_org_variant 
_entity_src_gen.pdbx_host_org_cell_line 
_entity_src_gen.pdbx_host_org_atcc 
_entity_src_gen.pdbx_host_org_culture_collection 
_entity_src_gen.pdbx_host_org_cell 
_entity_src_gen.pdbx_host_org_organelle 
_entity_src_gen.pdbx_host_org_cellular_location 
_entity_src_gen.pdbx_host_org_vector_type 
_entity_src_gen.pdbx_host_org_vector 
_entity_src_gen.host_org_details 
_entity_src_gen.expression_system_id 
_entity_src_gen.plasmid_name 
_entity_src_gen.plasmid_details 
_entity_src_gen.pdbx_description 
1 1 sample 'Biological sequence' 1 150 ? ? ? ? ? ? ? ? ? 'Coxsackievirus A16' 31704 ? ? ? ? ? ? ? ? 'Escherichia coli' 562 ? ? ? ? 
? ? ? ? ? ? ? ? ? ? ? ? ? ? ? ? ? 
2 1 sample ?                     ? ?   ? ? ? ? ? ? ? ? ? 'Coxsackievirus A16' 31704 ? ? ? ? ? ? ? ? 'Escherichia coli' 562 ? ? ? ? 
? ? ? ? ? ? ? ? ? ? ? ? ? ? ? ? ? 
# 
loop_
_chem_comp.id 
_chem_comp.type 
_chem_comp.mon_nstd_flag 
_chem_comp.name 
_chem_comp.pdbx_synonyms 
_chem_comp.formula 
_chem_comp.formula_weight 
A1AM8 non-polymer         . 'methyl 3-aminopyridine-4-carboxylate' ? 'C7 H8 N2 O2'    152.151 
ALA   'L-peptide linking' y ALANINE                                ? 'C3 H7 N O2'     89.093  
ARG   'L-peptide linking' y ARGININE                               ? 'C6 H15 N4 O2 1' 175.209 
ASN   'L-peptide linking' y ASPARAGINE                             ? 'C4 H8 N2 O3'    132.118 
ASP   'L-peptide linking' y 'ASPARTIC ACID'                        ? 'C4 H7 N O4'     133.103 
CYS   'L-peptide linking' y CYSTEINE                               ? 'C3 H7 N O2 S'   121.158 
DMS   non-polymer         . 'DIMETHYL SULFOXIDE'                   ? 'C2 H6 O S'      78.133  
GLN   'L-peptide linking' y GLUTAMINE                              ? 'C5 H10 N2 O3'   146.144 
GLU   'L-peptide linking' y 'GLUTAMIC ACID'                        ? 'C5 H9 N O4'     147.129 
GLY   'peptide linking'   y GLYCINE                                ? 'C2 H5 N O2'     75.067  
HIS   'L-peptide linking' y HISTIDINE                              ? 'C6 H10 N3 O2 1' 156.162 
HOH   non-polymer         . WATER                                  ? 'H2 O'           18.015  
ILE   'L-peptide linking' y ISOLEUCINE                             ? 'C6 H13 N O2'    131.173 
LEU   'L-peptide linking' y LEUCINE                                ? 'C6 H13 N O2'    131.173 
LYS   'L-peptide linking' y LYSINE                                 ? 'C6 H15 N2 O2 1' 147.195 
MET   'L-peptide linking' y METHIONINE                             ? 'C5 H11 N O2 S'  149.211 
PHE   'L-peptide linking' y PHENYLALANINE                          ? 'C9 H11 N O2'    165.189 
PRO   'L-peptide linking' y PROLINE                                ? 'C5 H9 N O2'     115.130 
SER   'L-peptide linking' y SERINE                                 ? 'C3 H7 N O3'     105.093 
THR   'L-peptide linking' y THREONINE                              ? 'C4 H9 N O3'     119.119 
TRP   'L-peptide linking' y TRYPTOPHAN                             ? 'C11 H12 N2 O2'  204.225 
TYR   'L-peptide linking' y TYROSINE                               ? 'C9 H11 N O3'    181.189 
VAL   'L-peptide linking' y VALINE                                 ? 'C5 H11 N O2'    117.146 
ZN    non-polymer         . 'ZINC ION'                             ? 'Zn 2'           65.409  
# 
loop_
_pdbx_poly_seq_scheme.asym_id 
_pdbx_poly_seq_scheme.entity_id 
_pdbx_poly_seq_scheme.seq_id 
_pdbx_poly_seq_scheme.mon_id 
_pdbx_poly_seq_scheme.ndb_seq_num 
_pdbx_poly_seq_scheme.pdb_seq_num 
_pdbx_poly_seq_scheme.auth_seq_num 
_pdbx_poly_seq_scheme.pdb_mon_id 
_pdbx_poly_seq_scheme.auth_mon_id 
_pdbx_poly_seq_scheme.pdb_strand_id 
_pdbx_poly_seq_scheme.pdb_ins_code 
_pdbx_poly_seq_scheme.hetero 
A 1 1   GLN 1   1   ?   ?   ?   A . n 
A 1 2   GLU 2   2   ?   ?   ?   A . n 
A 1 3   GLN 3   3   ?   ?   ?   A . n 
A 1 4   THR 4   4   ?   ?   ?   A . n 
A 1 5   GLY 5   5   ?   ?   ?   A . n 
A 1 6   GLY 6   6   ?   ?   ?   A . n 
A 1 7   SER 7   7   7   SER SER A . n 
A 1 8   GLY 8   8   8   GLY GLY A . n 
A 1 9   ALA 9   9   9   ALA ALA A . n 
A 1 10  ILE 10  10  10  ILE ILE A . n 
A 1 11  TYR 11  11  11  TYR TYR A . n 
A 1 12  VAL 12  12  12  VAL VAL A . n 
A 1 13  GLY 13  13  13  GLY GLY A . n 
A 1 14  ASN 14  14  14  ASN ASN A . n 
A 1 15  TYR 15  15  15  TYR TYR A . n 
A 1 16  ARG 16  16  16  ARG ARG A . n 
A 1 17  VAL 17  17  17  VAL VAL A . n 
A 1 18  VAL 18  18  18  VAL VAL A . n 
A 1 19  ASN 19  19  19  ASN ASN A . n 
A 1 20  ARG 20  20  20  ARG ARG A . n 
A 1 21  HIS 21  21  21  HIS HIS A . n 
A 1 22  LEU 22  22  22  LEU LEU A . n 
A 1 23  ALA 23  23  23  ALA ALA A . n 
A 1 24  THR 24  24  24  THR THR A . n 
A 1 25  HIS 25  25  25  HIS HIS A . n 
A 1 26  ASN 26  26  26  ASN ASN A . n 
A 1 27  ASP 27  27  27  ASP ASP A . n 
A 1 28  TRP 28  28  28  TRP TRP A . n 
A 1 29  ALA 29  29  29  ALA ALA A . n 
A 1 30  ASN 30  30  30  ASN ASN A . n 
A 1 31  LEU 31  31  31  LEU LEU A . n 
A 1 32  VAL 32  32  32  VAL VAL A . n 
A 1 33  TRP 33  33  33  TRP TRP A . n 
A 1 34  GLU 34  34  34  GLU GLU A . n 
A 1 35  ASP 35  35  35  ASP ASP A . n 
A 1 36  SER 36  36  36  SER SER A . n 
A 1 37  SER 37  37  37  SER SER A . n 
A 1 38  ARG 38  38  38  ARG ARG A . n 
A 1 39  ASP 39  39  39  ASP ASP A . n 
A 1 40  LEU 40  40  40  LEU LEU A . n 
A 1 41  LEU 41  41  41  LEU LEU A . n 
A 1 42  VAL 42  42  42  VAL VAL A . n 
A 1 43  SER 43  43  43  SER SER A . n 
A 1 44  SER 44  44  44  SER SER A . n 
A 1 45  THR 45  45  45  THR THR A . n 
A 1 46  THR 46  46  46  THR THR A . n 
A 1 47  ALA 47  47  47  ALA ALA A . n 
A 1 48  GLN 48  48  48  GLN GLN A . n 
A 1 49  GLY 49  49  49  GLY GLY A . n 
A 1 50  CYS 50  50  50  CYS CYS A . n 
A 1 51  ASP 51  51  51  ASP ASP A . n 
A 1 52  THR 52  52  52  THR THR A . n 
A 1 53  ILE 53  53  53  ILE ILE A . n 
A 1 54  ALA 54  54  54  ALA ALA A . n 
A 1 55  ARG 55  55  55  ARG ARG A . n 
A 1 56  CYS 56  56  56  CYS CYS A . n 
A 1 57  ASP 57  57  57  ASP ASP A . n 
A 1 58  CYS 58  58  58  CYS CYS A . n 
A 1 59  GLN 59  59  59  GLN GLN A . n 
A 1 60  THR 60  60  60  THR THR A . n 
A 1 61  GLY 61  61  61  GLY GLY A . n 
A 1 62  VAL 62  62  62  VAL VAL A . n 
A 1 63  TYR 63  63  63  TYR TYR A . n 
A 1 64  TYR 64  64  64  TYR TYR A . n 
A 1 65  CYS 65  65  65  CYS CYS A . n 
A 1 66  SER 66  66  66  SER SER A . n 
A 1 67  SER 67  67  67  SER SER A . n 
A 1 68  ARG 68  68  68  ARG ARG A . n 
A 1 69  ARG 69  69  69  ARG ARG A . n 
A 1 70  LYS 70  70  70  LYS LYS A . n 
A 1 71  HIS 71  71  71  HIS HIS A . n 
A 1 72  TYR 72  72  72  TYR TYR A . n 
A 1 73  PRO 73  73  73  PRO PRO A . n 
A 1 74  VAL 74  74  74  VAL VAL A . n 
A 1 75  SER 75  75  75  SER SER A . n 
A 1 76  PHE 76  76  76  PHE PHE A . n 
A 1 77  SER 77  77  77  SER SER A . n 
A 1 78  LYS 78  78  78  LYS LYS A . n 
A 1 79  PRO 79  79  79  PRO PRO A . n 
A 1 80  SER 80  80  80  SER SER A . n 
A 1 81  LEU 81  81  81  LEU LEU A . n 
A 1 82  ILE 82  82  82  ILE ILE A . n 
A 1 83  PHE 83  83  83  PHE PHE A . n 
A 1 84  VAL 84  84  84  VAL VAL A . n 
A 1 85  GLU 85  85  85  GLU GLU A . n 
A 1 86  ALA 86  86  86  ALA ALA A . n 
A 1 87  SER 87  87  87  SER SER A . n 
A 1 88  GLU 88  88  88  GLU GLU A . n 
A 1 89  TYR 89  89  89  TYR TYR A . n 
A 1 90  TYR 90  90  90  TYR TYR A . n 
A 1 91  PRO 91  91  91  PRO PRO A . n 
A 1 92  ALA 92  92  92  ALA ALA A . n 
A 1 93  ARG 93  93  93  ARG ARG A . n 
A 1 94  TYR 94  94  94  TYR TYR A . n 
A 1 95  GLN 95  95  95  GLN GLN A . n 
A 1 96  SER 96  96  96  SER SER A . n 
A 1 97  HIS 97  97  97  HIS HIS A . n 
A 1 98  LEU 98  98  98  LEU LEU A . n 
A 1 99  MET 99  99  99  MET MET A . n 
A 1 100 LEU 100 100 100 LEU LEU A . n 
A 1 101 ALA 101 101 101 ALA ALA A . n 
A 1 102 VAL 102 102 102 VAL VAL A . n 
A 1 103 GLY 103 103 103 GLY GLY A . n 
A 1 104 HIS 104 104 104 HIS HIS A . n 
A 1 105 SER 105 105 105 SER SER A . n 
A 1 106 GLU 106 106 106 GLU GLU A . n 
A 1 107 PRO 107 107 107 PRO PRO A . n 
A 1 108 GLY 108 108 108 GLY GLY A . n 
A 1 109 ASP 109 109 109 ASP ASP A . n 
A 1 110 CYS 110 110 110 CYS CYS A . n 
A 1 111 GLY 111 111 111 GLY GLY A . n 
A 1 112 GLY 112 112 112 GLY GLY A . n 
A 1 113 ILE 113 113 113 ILE ILE A . n 
A 1 114 LEU 114 114 114 LEU LEU A . n 
A 1 115 ARG 115 115 115 ARG ARG A . n 
A 1 116 CYS 116 116 116 CYS CYS A . n 
A 1 117 GLN 117 117 117 GLN GLN A . n 
A 1 118 HIS 118 118 118 HIS HIS A . n 
A 1 119 GLY 119 119 119 GLY GLY A . n 
A 1 120 VAL 120 120 120 VAL VAL A . n 
A 1 121 VAL 121 121 121 VAL VAL A . n 
A 1 122 GLY 122 122 122 GLY GLY A . n 
A 1 123 ILE 123 123 123 ILE ILE A . n 
A 1 124 VAL 124 124 124 VAL VAL A . n 
A 1 125 SER 125 125 125 SER SER A . n 
A 1 126 THR 126 126 126 THR THR A . n 
A 1 127 GLY 127 127 127 GLY GLY A . n 
A 1 128 GLY 128 128 128 GLY GLY A . n 
A 1 129 ASN 129 129 129 ASN ASN A . n 
A 1 130 GLY 130 130 130 GLY GLY A . n 
A 1 131 LEU 131 131 131 LEU LEU A . n 
A 1 132 VAL 132 132 132 VAL VAL A . n 
A 1 133 GLY 133 133 133 GLY GLY A . n 
A 1 134 PHE 134 134 134 PHE PHE A . n 
A 1 135 ALA 135 135 135 ALA ALA A . n 
A 1 136 ASP 136 136 136 ASP ASP A . n 
A 1 137 VAL 137 137 137 VAL VAL A . n 
A 1 138 ARG 138 138 138 ARG ARG A . n 
A 1 139 ASP 139 139 139 ASP ASP A . n 
A 1 140 LEU 140 140 140 LEU LEU A . n 
A 1 141 LEU 141 141 141 LEU LEU A . n 
A 1 142 TRP 142 142 142 TRP TRP A . n 
A 1 143 LEU 143 143 143 LEU LEU A . n 
A 1 144 ASP 144 144 144 ASP ASP A . n 
A 1 145 GLU 145 145 145 GLU GLU A . n 
A 1 146 GLU 146 146 ?   ?   ?   A . n 
A 1 147 ALA 147 147 ?   ?   ?   A . n 
A 1 148 MET 148 148 ?   ?   ?   A . n 
A 1 149 GLU 149 149 ?   ?   ?   A . n 
A 1 150 GLN 150 150 ?   ?   ?   A . n 
# 
loop_
_pdbx_nonpoly_scheme.asym_id 
_pdbx_nonpoly_scheme.entity_id 
_pdbx_nonpoly_scheme.mon_id 
_pdbx_nonpoly_scheme.ndb_seq_num 
_pdbx_nonpoly_scheme.pdb_seq_num 
_pdbx_nonpoly_scheme.auth_seq_num 
_pdbx_nonpoly_scheme.pdb_mon_id 
_pdbx_nonpoly_scheme.auth_mon_id 
_pdbx_nonpoly_scheme.pdb_strand_id 
_pdbx_nonpoly_scheme.pdb_ins_code 
B 2 A1AM8 1   201 147 A1AM8 LIG A . 
C 2 A1AM8 1   202 201 A1AM8 LIG A . 
D 3 ZN    1   203 1   ZN    ZN  A . 
E 4 DMS   1   204 0   DMS   DMS A . 
F 4 DMS   1   205 3   DMS   DMS A . 
G 5 HOH   1   301 12  HOH   HOH A . 
G 5 HOH   2   302 106 HOH   HOH A . 
G 5 HOH   3   303 20  HOH   HOH A . 
G 5 HOH   4   304 60  HOH   HOH A . 
G 5 HOH   5   305 74  HOH   HOH A . 
G 5 HOH   6   306 104 HOH   HOH A . 
G 5 HOH   7   307 102 HOH   HOH A . 
G 5 HOH   8   308 78  HOH   HOH A . 
G 5 HOH   9   309 94  HOH   HOH A . 
G 5 HOH   10  310 39  HOH   HOH A . 
G 5 HOH   11  311 79  HOH   HOH A . 
G 5 HOH   12  312 7   HOH   HOH A . 
G 5 HOH   13  313 83  HOH   HOH A . 
G 5 HOH   14  314 45  HOH   HOH A . 
G 5 HOH   15  315 115 HOH   HOH A . 
G 5 HOH   16  316 29  HOH   HOH A . 
G 5 HOH   17  317 1   HOH   HOH A . 
G 5 HOH   18  318 25  HOH   HOH A . 
G 5 HOH   19  319 75  HOH   HOH A . 
G 5 HOH   20  320 112 HOH   HOH A . 
G 5 HOH   21  321 48  HOH   HOH A . 
G 5 HOH   22  322 4   HOH   HOH A . 
G 5 HOH   23  323 69  HOH   HOH A . 
G 5 HOH   24  324 103 HOH   HOH A . 
G 5 HOH   25  325 17  HOH   HOH A . 
G 5 HOH   26  326 6   HOH   HOH A . 
G 5 HOH   27  327 55  HOH   HOH A . 
G 5 HOH   28  328 99  HOH   HOH A . 
G 5 HOH   29  329 58  HOH   HOH A . 
G 5 HOH   30  330 119 HOH   HOH A . 
G 5 HOH   31  331 118 HOH   HOH A . 
G 5 HOH   32  332 91  HOH   HOH A . 
G 5 HOH   33  333 66  HOH   HOH A . 
G 5 HOH   34  334 5   HOH   HOH A . 
G 5 HOH   35  335 70  HOH   HOH A . 
G 5 HOH   36  336 54  HOH   HOH A . 
G 5 HOH   37  337 95  HOH   HOH A . 
G 5 HOH   38  338 87  HOH   HOH A . 
G 5 HOH   39  339 59  HOH   HOH A . 
G 5 HOH   40  340 73  HOH   HOH A . 
G 5 HOH   41  341 86  HOH   HOH A . 
G 5 HOH   42  342 53  HOH   HOH A . 
G 5 HOH   43  343 67  HOH   HOH A . 
G 5 HOH   44  344 9   HOH   HOH A . 
G 5 HOH   45  345 8   HOH   HOH A . 
G 5 HOH   46  346 31  HOH   HOH A . 
G 5 HOH   47  347 32  HOH   HOH A . 
G 5 HOH   48  348 16  HOH   HOH A . 
G 5 HOH   49  349 113 HOH   HOH A . 
G 5 HOH   50  350 11  HOH   HOH A . 
G 5 HOH   51  351 40  HOH   HOH A . 
G 5 HOH   52  352 68  HOH   HOH A . 
G 5 HOH   53  353 51  HOH   HOH A . 
G 5 HOH   54  354 108 HOH   HOH A . 
G 5 HOH   55  355 84  HOH   HOH A . 
G 5 HOH   56  356 33  HOH   HOH A . 
G 5 HOH   57  357 97  HOH   HOH A . 
G 5 HOH   58  358 65  HOH   HOH A . 
G 5 HOH   59  359 110 HOH   HOH A . 
G 5 HOH   60  360 47  HOH   HOH A . 
G 5 HOH   61  361 18  HOH   HOH A . 
G 5 HOH   62  362 28  HOH   HOH A . 
G 5 HOH   63  363 100 HOH   HOH A . 
G 5 HOH   64  364 27  HOH   HOH A . 
G 5 HOH   65  365 114 HOH   HOH A . 
G 5 HOH   66  366 24  HOH   HOH A . 
G 5 HOH   67  367 10  HOH   HOH A . 
G 5 HOH   68  368 61  HOH   HOH A . 
G 5 HOH   69  369 109 HOH   HOH A . 
G 5 HOH   70  370 21  HOH   HOH A . 
G 5 HOH   71  371 116 HOH   HOH A . 
G 5 HOH   72  372 30  HOH   HOH A . 
G 5 HOH   73  373 35  HOH   HOH A . 
G 5 HOH   74  374 77  HOH   HOH A . 
G 5 HOH   75  375 46  HOH   HOH A . 
G 5 HOH   76  376 105 HOH   HOH A . 
G 5 HOH   77  377 41  HOH   HOH A . 
G 5 HOH   78  378 96  HOH   HOH A . 
G 5 HOH   79  379 34  HOH   HOH A . 
G 5 HOH   80  380 88  HOH   HOH A . 
G 5 HOH   81  381 76  HOH   HOH A . 
G 5 HOH   82  382 72  HOH   HOH A . 
G 5 HOH   83  383 26  HOH   HOH A . 
G 5 HOH   84  384 2   HOH   HOH A . 
G 5 HOH   85  385 36  HOH   HOH A . 
G 5 HOH   86  386 111 HOH   HOH A . 
G 5 HOH   87  387 19  HOH   HOH A . 
G 5 HOH   88  388 93  HOH   HOH A . 
G 5 HOH   89  389 71  HOH   HOH A . 
G 5 HOH   90  390 57  HOH   HOH A . 
G 5 HOH   91  391 14  HOH   HOH A . 
G 5 HOH   92  392 81  HOH   HOH A . 
G 5 HOH   93  393 3   HOH   HOH A . 
G 5 HOH   94  394 92  HOH   HOH A . 
G 5 HOH   95  395 15  HOH   HOH A . 
G 5 HOH   96  396 80  HOH   HOH A . 
G 5 HOH   97  397 22  HOH   HOH A . 
G 5 HOH   98  398 120 HOH   HOH A . 
G 5 HOH   99  399 89  HOH   HOH A . 
G 5 HOH   100 400 52  HOH   HOH A . 
G 5 HOH   101 401 82  HOH   HOH A . 
G 5 HOH   102 402 50  HOH   HOH A . 
G 5 HOH   103 403 38  HOH   HOH A . 
G 5 HOH   104 404 121 HOH   HOH A . 
G 5 HOH   105 405 90  HOH   HOH A . 
G 5 HOH   106 406 56  HOH   HOH A . 
G 5 HOH   107 407 85  HOH   HOH A . 
G 5 HOH   108 408 122 HOH   HOH A . 
G 5 HOH   109 409 63  HOH   HOH A . 
G 5 HOH   110 410 107 HOH   HOH A . 
G 5 HOH   111 411 43  HOH   HOH A . 
G 5 HOH   112 412 101 HOH   HOH A . 
G 5 HOH   113 413 117 HOH   HOH A . 
G 5 HOH   114 414 64  HOH   HOH A . 
G 5 HOH   115 415 23  HOH   HOH A . 
G 5 HOH   116 416 62  HOH   HOH A . 
G 5 HOH   117 417 98  HOH   HOH A . 
G 5 HOH   118 418 123 HOH   HOH A . 
# 
loop_
_software.classification 
_software.name 
_software.version 
_software.citation_id 
_software.pdbx_ordinal 
refinement       REFMAC  5.8.0267 ? 1 
refinement       REFMAC5 .        ? 2 
'data scaling'   Aimless .        ? 3 
phasing          PHASER  .        ? 4 
'data reduction' XDS     .        ? 5 
# 
_cell.entry_id           7H3X 
_cell.length_a           73.195 
_cell.length_b           60.369 
_cell.length_c           32.464 
_cell.angle_alpha        90.00 
_cell.angle_beta         93.29 
_cell.angle_gamma        90.00 
_cell.Z_PDB              4 
_cell.pdbx_unique_axis   ? 
# 
_symmetry.entry_id                         7H3X 
_symmetry.space_group_name_H-M             'C 1 2 1' 
_symmetry.pdbx_full_space_group_name_H-M   ? 
_symmetry.cell_setting                     ? 
_symmetry.Int_Tables_number                5 
# 
_exptl.entry_id          7H3X 
_exptl.method            'X-RAY DIFFRACTION' 
_exptl.crystals_number   1 
# 
_exptl_crystal.id                    1 
_exptl_crystal.density_meas          ? 
_exptl_crystal.density_Matthews      2.17 
_exptl_crystal.density_percent_sol   43.34 
_exptl_crystal.description           ? 
# 
_exptl_crystal_grow.crystal_id      1 
_exptl_crystal_grow.method          'VAPOR DIFFUSION, SITTING DROP' 
_exptl_crystal_grow.pH              6.05 
_exptl_crystal_grow.temp            293.15 
_exptl_crystal_grow.pdbx_details    '0.1 M MES, pH 6.05, 16 % PEG 20,000' 
_exptl_crystal_grow.temp_details    ? 
_exptl_crystal_grow.pdbx_pH_range   ? 
# 
_diffrn.id                     1 
_diffrn.ambient_temp           100 
_diffrn.crystal_id             1 
_diffrn.ambient_temp_details   ? 
# 
_diffrn_detector.detector               PIXEL 
_diffrn_detector.type                   'DECTRIS EIGER2 XE 16M' 
_diffrn_detector.pdbx_collection_date   2023-10-11 
_diffrn_detector.diffrn_id              1 
_diffrn_detector.details                ? 
# 
_diffrn_radiation.diffrn_id                        1 
_diffrn_radiation.wavelength_id                    1 
_diffrn_radiation.pdbx_diffrn_protocol             'SINGLE WAVELENGTH' 
_diffrn_radiation.pdbx_monochromatic_or_laue_m_l   ? 
_diffrn_radiation.monochromator                    ? 
_diffrn_radiation.pdbx_scattering_type             x-ray 
# 
_diffrn_radiation_wavelength.id           1 
_diffrn_radiation_wavelength.wavelength   0.94054 
_diffrn_radiation_wavelength.wt           1.0 
# 
_diffrn_source.diffrn_id                   1 
_diffrn_source.source                      SYNCHROTRON 
_diffrn_source.type                        'DIAMOND BEAMLINE I03' 
_diffrn_source.pdbx_wavelength_list        0.94054 
_diffrn_source.pdbx_synchrotron_site       Diamond 
_diffrn_source.pdbx_synchrotron_beamline   I03 
_diffrn_source.pdbx_wavelength             ? 
# 
_reflns.entry_id                     7H3X 
_reflns.pdbx_diffrn_id               1 
_reflns.pdbx_ordinal                 1 
_reflns.d_resolution_low             46.55 
_reflns.d_resolution_high            1.31 
_reflns.number_obs                   30906 
_reflns.percent_possible_obs         91.2 
_reflns.pdbx_Rmerge_I_obs            0.242 
_reflns.pdbx_netI_over_sigmaI        4.8 
_reflns.pdbx_redundancy              7.3 
_reflns.pdbx_Rrim_I_all              0.260 
_reflns.pdbx_Rpim_I_all              0.096 
_reflns.pdbx_CC_half                 0.976 
_reflns.pdbx_number_measured_all     226360 
_reflns.pdbx_chi_squared             0.42 
_reflns.observed_criterion_sigma_I   ? 
_reflns.observed_criterion_sigma_F   ? 
_reflns.number_all                   ? 
_reflns.pdbx_Rsym_value              ? 
_reflns.B_iso_Wilson_estimate        ? 
# 
_reflns_shell.pdbx_diffrn_id              1 
_reflns_shell.pdbx_ordinal                1 
_reflns_shell.d_res_high                  1.31 
_reflns_shell.d_res_low                   1.33 
_reflns_shell.number_measured_all         10561 
_reflns_shell.number_unique_obs           1440 
_reflns_shell.Rmerge_I_obs                4.880 
_reflns_shell.pdbx_chi_squared            0.11 
_reflns_shell.pdbx_redundancy             7.3 
_reflns_shell.percent_possible_obs        86.6 
_reflns_shell.pdbx_netI_over_sigmaI_obs   0.3 
_reflns_shell.pdbx_Rrim_I_all             5.244 
_reflns_shell.pdbx_Rpim_I_all             1.908 
_reflns_shell.pdbx_CC_half                0.195 
_reflns_shell.percent_possible_all        ? 
_reflns_shell.pdbx_Rsym_value             ? 
_reflns_shell.meanI_over_sigI_obs         ? 
# 
_refine.pdbx_refine_id                           'X-RAY DIFFRACTION' 
_refine.entry_id                                 7H3X 
_refine.pdbx_diffrn_id                           1 
_refine.pdbx_TLS_residual_ADP_flag               ? 
_refine.ls_number_reflns_obs                     28664 
_refine.ls_number_reflns_all                     ? 
_refine.pdbx_ls_sigma_I                          ? 
_refine.pdbx_ls_sigma_F                          ? 
_refine.pdbx_data_cutoff_high_absF               ? 
_refine.pdbx_data_cutoff_low_absF                ? 
_refine.pdbx_data_cutoff_high_rms_absF           ? 
_refine.ls_d_res_low                             46.54 
_refine.ls_d_res_high                            1.31 
_refine.ls_percent_reflns_obs                    88.64 
_refine.ls_R_factor_obs                          0.21993 
_refine.ls_R_factor_all                          ? 
_refine.ls_R_factor_R_work                       0.21830 
_refine.ls_R_factor_R_free                       0.25626 
_refine.ls_R_factor_R_free_error                 ? 
_refine.ls_R_factor_R_free_error_details         ? 
_refine.ls_percent_reflns_R_free                 4.8 
_refine.ls_number_reflns_R_free                  1434 
_refine.ls_number_parameters                     ? 
_refine.ls_number_restraints                     ? 
_refine.occupancy_min                            ? 
_refine.occupancy_max                            ? 
_refine.correlation_coeff_Fo_to_Fc               0.952 
_refine.correlation_coeff_Fo_to_Fc_free          0.925 
_refine.B_iso_mean                               18.886 
_refine.aniso_B[1][1]                            0.32 
_refine.aniso_B[2][2]                            -0.04 
_refine.aniso_B[3][3]                            -0.28 
_refine.aniso_B[1][2]                            -0.00 
_refine.aniso_B[1][3]                            -0.03 
_refine.aniso_B[2][3]                            -0.00 
_refine.solvent_model_details                    MASK 
_refine.solvent_model_param_ksol                 ? 
_refine.solvent_model_param_bsol                 ? 
_refine.pdbx_solvent_vdw_probe_radii             1.20 
_refine.pdbx_solvent_ion_probe_radii             0.80 
_refine.pdbx_solvent_shrinkage_radii             0.80 
_refine.pdbx_ls_cross_valid_method               THROUGHOUT 
_refine.details                                  'HYDROGENS HAVE BEEN ADDED IN THE RIDING POSITIONS' 
_refine.pdbx_starting_model                      ? 
_refine.pdbx_method_to_determine_struct          'MOLECULAR REPLACEMENT' 
_refine.pdbx_isotropic_thermal_model             ? 
_refine.pdbx_stereochemistry_target_values       'MAXIMUM LIKELIHOOD' 
_refine.pdbx_stereochem_target_val_spec_case     ? 
_refine.pdbx_R_Free_selection_details            RANDOM 
_refine.pdbx_overall_ESU_R                       0.091 
_refine.pdbx_overall_ESU_R_Free                  0.092 
_refine.overall_SU_ML                            0.110 
_refine.pdbx_overall_phase_error                 ? 
_refine.overall_SU_B                             2.950 
_refine.overall_SU_R_Cruickshank_DPI             ? 
_refine.pdbx_overall_SU_R_free_Cruickshank_DPI   ? 
_refine.pdbx_overall_SU_R_Blow_DPI               ? 
_refine.pdbx_overall_SU_R_free_Blow_DPI          ? 
# 
_refine_hist.pdbx_refine_id                   'X-RAY DIFFRACTION' 
_refine_hist.cycle_id                         1 
_refine_hist.pdbx_number_atoms_protein        1074 
_refine_hist.pdbx_number_atoms_nucleic_acid   0 
_refine_hist.pdbx_number_atoms_ligand         31 
_refine_hist.number_atoms_solvent             118 
_refine_hist.number_atoms_total               1223 
_refine_hist.d_res_high                       1.31 
_refine_hist.d_res_low                        46.54 
# 
loop_
_refine_ls_restr.type 
_refine_ls_restr.dev_ideal 
_refine_ls_restr.dev_ideal_target 
_refine_ls_restr.weight 
_refine_ls_restr.number 
_refine_ls_restr.pdbx_refine_id 
_refine_ls_restr.pdbx_restraint_function 
r_bond_refined_d             0.008  0.014  ? 2264 'X-RAY DIFFRACTION' ? 
r_bond_other_d               0.001  0.014  ? 1540 'X-RAY DIFFRACTION' ? 
r_angle_refined_deg          1.379  1.633  ? 2458 'X-RAY DIFFRACTION' ? 
r_angle_other_deg            1.319  1.601  ? 3534 'X-RAY DIFFRACTION' ? 
r_dihedral_angle_1_deg       6.630  5.000  ? 233  'X-RAY DIFFRACTION' ? 
r_dihedral_angle_2_deg       32.192 20.686 ? 102  'X-RAY DIFFRACTION' ? 
r_dihedral_angle_3_deg       16.356 15.000 ? 252  'X-RAY DIFFRACTION' ? 
r_dihedral_angle_4_deg       15.087 15.000 ? 15   'X-RAY DIFFRACTION' ? 
r_chiral_restr               0.062  0.200  ? 204  'X-RAY DIFFRACTION' ? 
r_gen_planes_refined         0.007  0.020  ? 2344 'X-RAY DIFFRACTION' ? 
r_gen_planes_other           0.003  0.020  ? 482  'X-RAY DIFFRACTION' ? 
r_nbd_refined                ?      ?      ? ?    'X-RAY DIFFRACTION' ? 
r_nbd_other                  ?      ?      ? ?    'X-RAY DIFFRACTION' ? 
r_nbtor_refined              ?      ?      ? ?    'X-RAY DIFFRACTION' ? 
r_nbtor_other                ?      ?      ? ?    'X-RAY DIFFRACTION' ? 
r_xyhbond_nbd_refined        ?      ?      ? ?    'X-RAY DIFFRACTION' ? 
r_xyhbond_nbd_other          ?      ?      ? ?    'X-RAY DIFFRACTION' ? 
r_metal_ion_refined          ?      ?      ? ?    'X-RAY DIFFRACTION' ? 
r_metal_ion_other            ?      ?      ? ?    'X-RAY DIFFRACTION' ? 
r_symmetry_vdw_refined       ?      ?      ? ?    'X-RAY DIFFRACTION' ? 
r_symmetry_vdw_other         ?      ?      ? ?    'X-RAY DIFFRACTION' ? 
r_symmetry_hbond_refined     ?      ?      ? ?    'X-RAY DIFFRACTION' ? 
r_symmetry_hbond_other       ?      ?      ? ?    'X-RAY DIFFRACTION' ? 
r_symmetry_metal_ion_refined ?      ?      ? ?    'X-RAY DIFFRACTION' ? 
r_symmetry_metal_ion_other   ?      ?      ? ?    'X-RAY DIFFRACTION' ? 
r_mcbond_it                  1.131  1.949  ? 1133 'X-RAY DIFFRACTION' ? 
r_mcbond_other               1.170  1.897  ? 1059 'X-RAY DIFFRACTION' ? 
r_mcangle_it                 2.174  2.724  ? 1119 'X-RAY DIFFRACTION' ? 
r_mcangle_other              2.173  2.724  ? 1120 'X-RAY DIFFRACTION' ? 
r_scbond_it                  1.311  2.144  ? 1131 'X-RAY DIFFRACTION' ? 
r_scbond_other               1.317  2.120  ? 1119 'X-RAY DIFFRACTION' ? 
r_scangle_it                 ?      ?      ? ?    'X-RAY DIFFRACTION' ? 
r_scangle_other              2.151  3.025  ? 1328 'X-RAY DIFFRACTION' ? 
r_long_range_B_refined       4.327  21.701 ? 2023 'X-RAY DIFFRACTION' ? 
r_long_range_B_other         4.327  21.540 ? 1994 'X-RAY DIFFRACTION' ? 
r_rigid_bond_restr           ?      ?      ? ?    'X-RAY DIFFRACTION' ? 
r_sphericity_free            ?      ?      ? ?    'X-RAY DIFFRACTION' ? 
r_sphericity_bonded          ?      ?      ? ?    'X-RAY DIFFRACTION' ? 
# 
_refine_ls_shell.pdbx_refine_id                   'X-RAY DIFFRACTION' 
_refine_ls_shell.pdbx_total_number_of_bins_used   20 
_refine_ls_shell.d_res_high                       1.309 
_refine_ls_shell.d_res_low                        1.343 
_refine_ls_shell.number_reflns_R_work             1537 
_refine_ls_shell.R_factor_R_work                  0.382 
_refine_ls_shell.percent_reflns_obs               64.99 
_refine_ls_shell.R_factor_R_free                  0.329 
_refine_ls_shell.R_factor_R_free_error            ? 
_refine_ls_shell.percent_reflns_R_free            ? 
_refine_ls_shell.number_reflns_R_free             91 
_refine_ls_shell.number_reflns_all                ? 
_refine_ls_shell.R_factor_all                     ? 
# 
_struct.entry_id                  7H3X 
_struct.title                     
;Group deposition for crystallographic fragment screening of Coxsackievirus A16 (G-10) 2A protease -- Crystal structure of Coxsackievirus A16 (G-10) 2A protease in complex with Z1201621547 (A71EV2A-x0515)
;
_struct.pdbx_model_details        ? 
_struct.pdbx_CASP_flag            ? 
_struct.pdbx_model_type_details   ? 
# 
_struct_keywords.entry_id        7H3X 
_struct_keywords.pdbx_keywords   HYDROLASE 
_struct_keywords.text            
;Diamond Light Source, I03, ASAP, Coxsackievirus A16, crystallographic fragment screening, PanDDA, Pandda2, XChemExplorer, viral protein, HYDROLASE
;
# 
loop_
_struct_asym.id 
_struct_asym.pdbx_blank_PDB_chainid_flag 
_struct_asym.pdbx_modified 
_struct_asym.entity_id 
_struct_asym.details 
A N N 1 ? 
B N N 2 ? 
C N N 2 ? 
D N N 3 ? 
E N N 4 ? 
F N N 4 ? 
G N N 5 ? 
# 
_struct_ref.id                         1 
_struct_ref.db_name                    UNP 
_struct_ref.db_code                    POLG_CX16G 
_struct_ref.pdbx_db_accession          Q65900 
_struct_ref.pdbx_db_isoform            ? 
_struct_ref.entity_id                  1 
_struct_ref.pdbx_seq_one_letter_code   
;SGAIYVGNYRVVNRHLATHNDWANLVWEDSSRDLLVSSTTAQGCDTIARCDCQTGVYYCSSRRKHYPVSFSKPSLIFVEA
SEYYPARYQSHLMLAVGHSEPGDCGGILRCQHGVVGIVSTGGNGLVGFADVRDLLWLDEEAMEQ
;
_struct_ref.pdbx_align_begin           869 
# 
_struct_ref_seq.align_id                      1 
_struct_ref_seq.ref_id                        1 
_struct_ref_seq.pdbx_PDB_id_code              7H3X 
_struct_ref_seq.pdbx_strand_id                A 
_struct_ref_seq.seq_align_beg                 7 
_struct_ref_seq.pdbx_seq_align_beg_ins_code   ? 
_struct_ref_seq.seq_align_end                 150 
_struct_ref_seq.pdbx_seq_align_end_ins_code   ? 
_struct_ref_seq.pdbx_db_accession             Q65900 
_struct_ref_seq.db_align_beg                  869 
_struct_ref_seq.pdbx_db_align_beg_ins_code    ? 
_struct_ref_seq.db_align_end                  1012 
_struct_ref_seq.pdbx_db_align_end_ins_code    ? 
_struct_ref_seq.pdbx_auth_seq_align_beg       7 
_struct_ref_seq.pdbx_auth_seq_align_end       150 
# 
loop_
_struct_ref_seq_dif.align_id 
_struct_ref_seq_dif.pdbx_pdb_id_code 
_struct_ref_seq_dif.mon_id 
_struct_ref_seq_dif.pdbx_pdb_strand_id 
_struct_ref_seq_dif.seq_num 
_struct_ref_seq_dif.pdbx_pdb_ins_code 
_struct_ref_seq_dif.pdbx_seq_db_name 
_struct_ref_seq_dif.pdbx_seq_db_accession_code 
_struct_ref_seq_dif.db_mon_id 
_struct_ref_seq_dif.pdbx_seq_db_seq_num 
_struct_ref_seq_dif.details 
_struct_ref_seq_dif.pdbx_auth_seq_num 
_struct_ref_seq_dif.pdbx_ordinal 
1 7H3X GLN A 1 ? UNP Q65900 ? ? 'expression tag' 1 1 
1 7H3X GLU A 2 ? UNP Q65900 ? ? 'expression tag' 2 2 
1 7H3X GLN A 3 ? UNP Q65900 ? ? 'expression tag' 3 3 
1 7H3X THR A 4 ? UNP Q65900 ? ? 'expression tag' 4 4 
1 7H3X GLY A 5 ? UNP Q65900 ? ? 'expression tag' 5 5 
1 7H3X GLY A 6 ? UNP Q65900 ? ? 'expression tag' 6 6 
# 
_pdbx_struct_assembly.id                   1 
_pdbx_struct_assembly.details              author_and_software_defined_assembly 
_pdbx_struct_assembly.method_details       PISA 
_pdbx_struct_assembly.oligomeric_details   monomeric 
_pdbx_struct_assembly.oligomeric_count     1 
# 
loop_
_pdbx_struct_assembly_prop.biol_id 
_pdbx_struct_assembly_prop.type 
_pdbx_struct_assembly_prop.value 
_pdbx_struct_assembly_prop.details 
1 'ABSA (A^2)' 840  ? 
1 MORE         -2   ? 
1 'SSA (A^2)'  7290 ? 
# 
_pdbx_struct_assembly_gen.assembly_id       1 
_pdbx_struct_assembly_gen.oper_expression   1 
_pdbx_struct_assembly_gen.asym_id_list      A,B,C,D,E,F,G 
# 
_pdbx_struct_oper_list.id                   1 
_pdbx_struct_oper_list.type                 'identity operation' 
_pdbx_struct_oper_list.name                 1_555 
_pdbx_struct_oper_list.symmetry_operation   x,y,z 
_pdbx_struct_oper_list.matrix[1][1]         1.0000000000 
_pdbx_struct_oper_list.matrix[1][2]         0.0000000000 
_pdbx_struct_oper_list.matrix[1][3]         0.0000000000 
_pdbx_struct_oper_list.vector[1]            0.0000000000 
_pdbx_struct_oper_list.matrix[2][1]         0.0000000000 
_pdbx_struct_oper_list.matrix[2][2]         1.0000000000 
_pdbx_struct_oper_list.matrix[2][3]         0.0000000000 
_pdbx_struct_oper_list.vector[2]            0.0000000000 
_pdbx_struct_oper_list.matrix[3][1]         0.0000000000 
_pdbx_struct_oper_list.matrix[3][2]         0.0000000000 
_pdbx_struct_oper_list.matrix[3][3]         1.0000000000 
_pdbx_struct_oper_list.vector[3]            0.0000000000 
# 
loop_
_struct_conf.conf_type_id 
_struct_conf.id 
_struct_conf.pdbx_PDB_helix_id 
_struct_conf.beg_label_comp_id 
_struct_conf.beg_label_asym_id 
_struct_conf.beg_label_seq_id 
_struct_conf.pdbx_beg_PDB_ins_code 
_struct_conf.end_label_comp_id 
_struct_conf.end_label_asym_id 
_struct_conf.end_label_seq_id 
_struct_conf.pdbx_end_PDB_ins_code 
_struct_conf.beg_auth_comp_id 
_struct_conf.beg_auth_asym_id 
_struct_conf.beg_auth_seq_id 
_struct_conf.end_auth_comp_id 
_struct_conf.end_auth_asym_id 
_struct_conf.end_auth_seq_id 
_struct_conf.pdbx_PDB_helix_class 
_struct_conf.details 
_struct_conf.pdbx_PDB_helix_length 
HELX_P HELX_P1 AA1 HIS A 21  ? ALA A 23  ? HIS A 21  ALA A 23  5 ? 3 
HELX_P HELX_P2 AA2 THR A 24  ? ASN A 30  ? THR A 24  ASN A 30  1 ? 7 
HELX_P HELX_P3 AA3 SER A 36  ? ARG A 38  ? SER A 36  ARG A 38  5 ? 3 
HELX_P HELX_P4 AA4 SER A 66  ? ARG A 69  ? SER A 66  ARG A 69  5 ? 4 
HELX_P HELX_P5 AA5 GLU A 106 ? CYS A 110 ? GLU A 106 CYS A 110 5 ? 5 
HELX_P HELX_P6 AA6 LEU A 140 ? GLU A 145 ? LEU A 140 GLU A 145 5 ? 6 
# 
_struct_conf_type.id          HELX_P 
_struct_conf_type.criteria    ? 
_struct_conf_type.reference   ? 
# 
loop_
_struct_conn.id 
_struct_conn.conn_type_id 
_struct_conn.pdbx_leaving_atom_flag 
_struct_conn.pdbx_PDB_id 
_struct_conn.ptnr1_label_asym_id 
_struct_conn.ptnr1_label_comp_id 
_struct_conn.ptnr1_label_seq_id 
_struct_conn.ptnr1_label_atom_id 
_struct_conn.pdbx_ptnr1_label_alt_id 
_struct_conn.pdbx_ptnr1_PDB_ins_code 
_struct_conn.pdbx_ptnr1_standard_comp_id 
_struct_conn.ptnr1_symmetry 
_struct_conn.ptnr2_label_asym_id 
_struct_conn.ptnr2_label_comp_id 
_struct_conn.ptnr2_label_seq_id 
_struct_conn.ptnr2_label_atom_id 
_struct_conn.pdbx_ptnr2_label_alt_id 
_struct_conn.pdbx_ptnr2_PDB_ins_code 
_struct_conn.ptnr1_auth_asym_id 
_struct_conn.ptnr1_auth_comp_id 
_struct_conn.ptnr1_auth_seq_id 
_struct_conn.ptnr2_auth_asym_id 
_struct_conn.ptnr2_auth_comp_id 
_struct_conn.ptnr2_auth_seq_id 
_struct_conn.ptnr2_symmetry 
_struct_conn.pdbx_ptnr3_label_atom_id 
_struct_conn.pdbx_ptnr3_label_seq_id 
_struct_conn.pdbx_ptnr3_label_comp_id 
_struct_conn.pdbx_ptnr3_label_asym_id 
_struct_conn.pdbx_ptnr3_label_alt_id 
_struct_conn.pdbx_ptnr3_PDB_ins_code 
_struct_conn.details 
_struct_conn.pdbx_dist_value 
_struct_conn.pdbx_value_order 
_struct_conn.pdbx_role 
metalc1 metalc ? ? A CYS 56  SG  ? ? ? 1_555 D ZN . ZN ? ? A CYS 56  A ZN 203 1_555 ? ? ? ? ? ? ? 2.331 ? ? 
metalc2 metalc ? ? A CYS 58  SG  ? ? ? 1_555 D ZN . ZN ? ? A CYS 58  A ZN 203 1_555 ? ? ? ? ? ? ? 2.292 ? ? 
metalc3 metalc ? ? A CYS 116 SG  ? ? ? 1_555 D ZN . ZN ? ? A CYS 116 A ZN 203 1_555 ? ? ? ? ? ? ? 2.302 ? ? 
metalc4 metalc ? ? A HIS 118 ND1 ? ? ? 1_555 D ZN . ZN ? ? A HIS 118 A ZN 203 1_555 ? ? ? ? ? ? ? 2.004 ? ? 
# 
_struct_conn_type.id          metalc 
_struct_conn_type.criteria    ? 
_struct_conn_type.reference   ? 
# 
loop_
_pdbx_struct_conn_angle.id 
_pdbx_struct_conn_angle.ptnr1_label_atom_id 
_pdbx_struct_conn_angle.ptnr1_label_alt_id 
_pdbx_struct_conn_angle.ptnr1_label_asym_id 
_pdbx_struct_conn_angle.ptnr1_label_comp_id 
_pdbx_struct_conn_angle.ptnr1_label_seq_id 
_pdbx_struct_conn_angle.ptnr1_auth_atom_id 
_pdbx_struct_conn_angle.ptnr1_auth_asym_id 
_pdbx_struct_conn_angle.ptnr1_auth_comp_id 
_pdbx_struct_conn_angle.ptnr1_auth_seq_id 
_pdbx_struct_conn_angle.ptnr1_PDB_ins_code 
_pdbx_struct_conn_angle.ptnr1_symmetry 
_pdbx_struct_conn_angle.ptnr2_label_atom_id 
_pdbx_struct_conn_angle.ptnr2_label_alt_id 
_pdbx_struct_conn_angle.ptnr2_label_asym_id 
_pdbx_struct_conn_angle.ptnr2_label_comp_id 
_pdbx_struct_conn_angle.ptnr2_label_seq_id 
_pdbx_struct_conn_angle.ptnr2_auth_atom_id 
_pdbx_struct_conn_angle.ptnr2_auth_asym_id 
_pdbx_struct_conn_angle.ptnr2_auth_comp_id 
_pdbx_struct_conn_angle.ptnr2_auth_seq_id 
_pdbx_struct_conn_angle.ptnr2_PDB_ins_code 
_pdbx_struct_conn_angle.ptnr2_symmetry 
_pdbx_struct_conn_angle.ptnr3_label_atom_id 
_pdbx_struct_conn_angle.ptnr3_label_alt_id 
_pdbx_struct_conn_angle.ptnr3_label_asym_id 
_pdbx_struct_conn_angle.ptnr3_label_comp_id 
_pdbx_struct_conn_angle.ptnr3_label_seq_id 
_pdbx_struct_conn_angle.ptnr3_auth_atom_id 
_pdbx_struct_conn_angle.ptnr3_auth_asym_id 
_pdbx_struct_conn_angle.ptnr3_auth_comp_id 
_pdbx_struct_conn_angle.ptnr3_auth_seq_id 
_pdbx_struct_conn_angle.ptnr3_PDB_ins_code 
_pdbx_struct_conn_angle.ptnr3_symmetry 
_pdbx_struct_conn_angle.value 
_pdbx_struct_conn_angle.value_esd 
1 SG ? A CYS 56  ? A CYS 56  ? 1_555 ZN ? D ZN . ? A ZN 203 ? 1_555 SG  ? A CYS 58  ? A CYS 58  ? 1_555 108.3 ? 
2 SG ? A CYS 56  ? A CYS 56  ? 1_555 ZN ? D ZN . ? A ZN 203 ? 1_555 SG  ? A CYS 116 ? A CYS 116 ? 1_555 106.9 ? 
3 SG ? A CYS 58  ? A CYS 58  ? 1_555 ZN ? D ZN . ? A ZN 203 ? 1_555 SG  ? A CYS 116 ? A CYS 116 ? 1_555 116.8 ? 
4 SG ? A CYS 56  ? A CYS 56  ? 1_555 ZN ? D ZN . ? A ZN 203 ? 1_555 ND1 ? A HIS 118 ? A HIS 118 ? 1_555 105.2 ? 
5 SG ? A CYS 58  ? A CYS 58  ? 1_555 ZN ? D ZN . ? A ZN 203 ? 1_555 ND1 ? A HIS 118 ? A HIS 118 ? 1_555 101.7 ? 
6 SG ? A CYS 116 ? A CYS 116 ? 1_555 ZN ? D ZN . ? A ZN 203 ? 1_555 ND1 ? A HIS 118 ? A HIS 118 ? 1_555 117.2 ? 
# 
loop_
_struct_sheet.id 
_struct_sheet.type 
_struct_sheet.number_strands 
_struct_sheet.details 
AA1 ? 3 ? 
AA2 ? 7 ? 
# 
loop_
_struct_sheet_order.sheet_id 
_struct_sheet_order.range_id_1 
_struct_sheet_order.range_id_2 
_struct_sheet_order.offset 
_struct_sheet_order.sense 
AA1 1 2 ? anti-parallel 
AA1 2 3 ? anti-parallel 
AA2 1 2 ? anti-parallel 
AA2 2 3 ? anti-parallel 
AA2 3 4 ? anti-parallel 
AA2 4 5 ? anti-parallel 
AA2 5 6 ? anti-parallel 
AA2 6 7 ? anti-parallel 
# 
loop_
_struct_sheet_range.sheet_id 
_struct_sheet_range.id 
_struct_sheet_range.beg_label_comp_id 
_struct_sheet_range.beg_label_asym_id 
_struct_sheet_range.beg_label_seq_id 
_struct_sheet_range.pdbx_beg_PDB_ins_code 
_struct_sheet_range.end_label_comp_id 
_struct_sheet_range.end_label_asym_id 
_struct_sheet_range.end_label_seq_id 
_struct_sheet_range.pdbx_end_PDB_ins_code 
_struct_sheet_range.beg_auth_comp_id 
_struct_sheet_range.beg_auth_asym_id 
_struct_sheet_range.beg_auth_seq_id 
_struct_sheet_range.end_auth_comp_id 
_struct_sheet_range.end_auth_asym_id 
_struct_sheet_range.end_auth_seq_id 
AA1 1 LEU A 31  ? ASP A 35  ? LEU A 31  ASP A 35  
AA1 2 LEU A 40  ? CYS A 50  ? LEU A 40  CYS A 50  
AA1 3 ILE A 10  ? ASN A 19  ? ILE A 10  ASN A 19  
AA2 1 LYS A 70  ? SER A 75  ? LYS A 70  SER A 75  
AA2 2 THR A 60  ? CYS A 65  ? THR A 60  CYS A 65  
AA2 3 ILE A 113 ? CYS A 116 ? ILE A 113 CYS A 116 
AA2 4 GLY A 119 ? GLY A 128 ? GLY A 119 GLY A 128 
AA2 5 LEU A 131 ? ASP A 136 ? LEU A 131 ASP A 136 
AA2 6 ARG A 93  ? VAL A 102 ? ARG A 93  VAL A 102 
AA2 7 SER A 80  ? VAL A 84  ? SER A 80  VAL A 84  
# 
loop_
_pdbx_struct_sheet_hbond.sheet_id 
_pdbx_struct_sheet_hbond.range_id_1 
_pdbx_struct_sheet_hbond.range_id_2 
_pdbx_struct_sheet_hbond.range_1_label_atom_id 
_pdbx_struct_sheet_hbond.range_1_label_comp_id 
_pdbx_struct_sheet_hbond.range_1_label_asym_id 
_pdbx_struct_sheet_hbond.range_1_label_seq_id 
_pdbx_struct_sheet_hbond.range_1_PDB_ins_code 
_pdbx_struct_sheet_hbond.range_1_auth_atom_id 
_pdbx_struct_sheet_hbond.range_1_auth_comp_id 
_pdbx_struct_sheet_hbond.range_1_auth_asym_id 
_pdbx_struct_sheet_hbond.range_1_auth_seq_id 
_pdbx_struct_sheet_hbond.range_2_label_atom_id 
_pdbx_struct_sheet_hbond.range_2_label_comp_id 
_pdbx_struct_sheet_hbond.range_2_label_asym_id 
_pdbx_struct_sheet_hbond.range_2_label_seq_id 
_pdbx_struct_sheet_hbond.range_2_PDB_ins_code 
_pdbx_struct_sheet_hbond.range_2_auth_atom_id 
_pdbx_struct_sheet_hbond.range_2_auth_comp_id 
_pdbx_struct_sheet_hbond.range_2_auth_asym_id 
_pdbx_struct_sheet_hbond.range_2_auth_seq_id 
AA1 1 2 N TRP A 33  ? N TRP A 33  O VAL A 42  ? O VAL A 42  
AA1 2 3 N GLY A 49  ? N GLY A 49  O GLY A 13  ? O GLY A 13  
AA2 1 2 O LYS A 70  ? O LYS A 70  N CYS A 65  ? N CYS A 65  
AA2 2 3 N VAL A 62  ? N VAL A 62  O ARG A 115 ? O ARG A 115 
AA2 3 4 N LEU A 114 ? N LEU A 114 O VAL A 121 ? O VAL A 121 
AA2 4 5 N SER A 125 ? N SER A 125 O GLY A 133 ? O GLY A 133 
AA2 5 6 O VAL A 132 ? O VAL A 132 N ALA A 101 ? N ALA A 101 
AA2 6 7 O ARG A 93  ? O ARG A 93  N VAL A 84  ? N VAL A 84  
# 
_pdbx_entry_details.entry_id                   7H3X 
_pdbx_entry_details.compound_details           ? 
_pdbx_entry_details.source_details             ? 
_pdbx_entry_details.nonpolymer_details         ? 
_pdbx_entry_details.sequence_details           ? 
_pdbx_entry_details.has_ligand_of_interest     ? 
_pdbx_entry_details.has_protein_modification   N 
# 
loop_
_pdbx_validate_close_contact.id 
_pdbx_validate_close_contact.PDB_model_num 
_pdbx_validate_close_contact.auth_atom_id_1 
_pdbx_validate_close_contact.auth_asym_id_1 
_pdbx_validate_close_contact.auth_comp_id_1 
_pdbx_validate_close_contact.auth_seq_id_1 
_pdbx_validate_close_contact.PDB_ins_code_1 
_pdbx_validate_close_contact.label_alt_id_1 
_pdbx_validate_close_contact.auth_atom_id_2 
_pdbx_validate_close_contact.auth_asym_id_2 
_pdbx_validate_close_contact.auth_comp_id_2 
_pdbx_validate_close_contact.auth_seq_id_2 
_pdbx_validate_close_contact.PDB_ins_code_2 
_pdbx_validate_close_contact.label_alt_id_2 
_pdbx_validate_close_contact.dist 
1 1 O1 A A1AM8 201 ? ? O A HOH 301 ? ? 1.95 
2 1 O  A HOH   360 ? ? O A HOH 415 ? ? 2.15 
# 
loop_
_pdbx_validate_torsion.id 
_pdbx_validate_torsion.PDB_model_num 
_pdbx_validate_torsion.auth_comp_id 
_pdbx_validate_torsion.auth_asym_id 
_pdbx_validate_torsion.auth_seq_id 
_pdbx_validate_torsion.PDB_ins_code 
_pdbx_validate_torsion.label_alt_id 
_pdbx_validate_torsion.phi 
_pdbx_validate_torsion.psi 
1 1 ASN A 14  ? ? -98.42  38.19   
2 1 SER A 87  ? ? -126.53 -168.61 
3 1 SER A 125 ? ? -131.46 -34.36  
# 
loop_
_pdbx_struct_special_symmetry.id 
_pdbx_struct_special_symmetry.PDB_model_num 
_pdbx_struct_special_symmetry.auth_asym_id 
_pdbx_struct_special_symmetry.auth_comp_id 
_pdbx_struct_special_symmetry.auth_seq_id 
_pdbx_struct_special_symmetry.PDB_ins_code 
_pdbx_struct_special_symmetry.label_asym_id 
_pdbx_struct_special_symmetry.label_comp_id 
_pdbx_struct_special_symmetry.label_seq_id 
1 1 A HOH 302 ? G HOH . 
2 1 A HOH 418 ? G HOH . 
# 
loop_
_pdbx_unobs_or_zero_occ_residues.id 
_pdbx_unobs_or_zero_occ_residues.PDB_model_num 
_pdbx_unobs_or_zero_occ_residues.polymer_flag 
_pdbx_unobs_or_zero_occ_residues.occupancy_flag 
_pdbx_unobs_or_zero_occ_residues.auth_asym_id 
_pdbx_unobs_or_zero_occ_residues.auth_comp_id 
_pdbx_unobs_or_zero_occ_residues.auth_seq_id 
_pdbx_unobs_or_zero_occ_residues.PDB_ins_code 
_pdbx_unobs_or_zero_occ_residues.label_asym_id 
_pdbx_unobs_or_zero_occ_residues.label_comp_id 
_pdbx_unobs_or_zero_occ_residues.label_seq_id 
1  1 Y 1 A GLN 1   ? A GLN 1   
2  1 Y 1 A GLU 2   ? A GLU 2   
3  1 Y 1 A GLN 3   ? A GLN 3   
4  1 Y 1 A THR 4   ? A THR 4   
5  1 Y 1 A GLY 5   ? A GLY 5   
6  1 Y 1 A GLY 6   ? A GLY 6   
7  1 Y 1 A GLU 146 ? A GLU 146 
8  1 Y 1 A ALA 147 ? A ALA 147 
9  1 Y 1 A MET 148 ? A MET 148 
10 1 Y 1 A GLU 149 ? A GLU 149 
11 1 Y 1 A GLN 150 ? A GLN 150 
# 
loop_
_chem_comp_atom.comp_id 
_chem_comp_atom.atom_id 
_chem_comp_atom.type_symbol 
_chem_comp_atom.pdbx_aromatic_flag 
_chem_comp_atom.pdbx_stereo_config 
_chem_comp_atom.pdbx_ordinal 
A1AM8 N1   N  N N 1   
A1AM8 C4   C  Y N 2   
A1AM8 C5   C  Y N 3   
A1AM8 C6   C  Y N 4   
A1AM8 N    N  Y N 5   
A1AM8 C    C  N N 6   
A1AM8 O    O  N N 7   
A1AM8 C1   C  N N 8   
A1AM8 C2   C  Y N 9   
A1AM8 C3   C  Y N 10  
A1AM8 O1   O  N N 11  
A1AM8 H6   H  N N 12  
A1AM8 H7   H  N N 13  
A1AM8 H4   H  N N 14  
A1AM8 H5   H  N N 15  
A1AM8 H2   H  N N 16  
A1AM8 H    H  N N 17  
A1AM8 H1   H  N N 18  
A1AM8 H3   H  N N 19  
ALA   N    N  N N 20  
ALA   CA   C  N S 21  
ALA   C    C  N N 22  
ALA   O    O  N N 23  
ALA   CB   C  N N 24  
ALA   OXT  O  N N 25  
ALA   H    H  N N 26  
ALA   H2   H  N N 27  
ALA   HA   H  N N 28  
ALA   HB1  H  N N 29  
ALA   HB2  H  N N 30  
ALA   HB3  H  N N 31  
ALA   HXT  H  N N 32  
ARG   N    N  N N 33  
ARG   CA   C  N S 34  
ARG   C    C  N N 35  
ARG   O    O  N N 36  
ARG   CB   C  N N 37  
ARG   CG   C  N N 38  
ARG   CD   C  N N 39  
ARG   NE   N  N N 40  
ARG   CZ   C  N N 41  
ARG   NH1  N  N N 42  
ARG   NH2  N  N N 43  
ARG   OXT  O  N N 44  
ARG   H    H  N N 45  
ARG   H2   H  N N 46  
ARG   HA   H  N N 47  
ARG   HB2  H  N N 48  
ARG   HB3  H  N N 49  
ARG   HG2  H  N N 50  
ARG   HG3  H  N N 51  
ARG   HD2  H  N N 52  
ARG   HD3  H  N N 53  
ARG   HE   H  N N 54  
ARG   HH11 H  N N 55  
ARG   HH12 H  N N 56  
ARG   HH21 H  N N 57  
ARG   HH22 H  N N 58  
ARG   HXT  H  N N 59  
ASN   N    N  N N 60  
ASN   CA   C  N S 61  
ASN   C    C  N N 62  
ASN   O    O  N N 63  
ASN   CB   C  N N 64  
ASN   CG   C  N N 65  
ASN   OD1  O  N N 66  
ASN   ND2  N  N N 67  
ASN   OXT  O  N N 68  
ASN   H    H  N N 69  
ASN   H2   H  N N 70  
ASN   HA   H  N N 71  
ASN   HB2  H  N N 72  
ASN   HB3  H  N N 73  
ASN   HD21 H  N N 74  
ASN   HD22 H  N N 75  
ASN   HXT  H  N N 76  
ASP   N    N  N N 77  
ASP   CA   C  N S 78  
ASP   C    C  N N 79  
ASP   O    O  N N 80  
ASP   CB   C  N N 81  
ASP   CG   C  N N 82  
ASP   OD1  O  N N 83  
ASP   OD2  O  N N 84  
ASP   OXT  O  N N 85  
ASP   H    H  N N 86  
ASP   H2   H  N N 87  
ASP   HA   H  N N 88  
ASP   HB2  H  N N 89  
ASP   HB3  H  N N 90  
ASP   HD2  H  N N 91  
ASP   HXT  H  N N 92  
CYS   N    N  N N 93  
CYS   CA   C  N R 94  
CYS   C    C  N N 95  
CYS   O    O  N N 96  
CYS   CB   C  N N 97  
CYS   SG   S  N N 98  
CYS   OXT  O  N N 99  
CYS   H    H  N N 100 
CYS   H2   H  N N 101 
CYS   HA   H  N N 102 
CYS   HB2  H  N N 103 
CYS   HB3  H  N N 104 
CYS   HG   H  N N 105 
CYS   HXT  H  N N 106 
DMS   S    S  N N 107 
DMS   O    O  N N 108 
DMS   C1   C  N N 109 
DMS   C2   C  N N 110 
DMS   H11  H  N N 111 
DMS   H12  H  N N 112 
DMS   H13  H  N N 113 
DMS   H21  H  N N 114 
DMS   H22  H  N N 115 
DMS   H23  H  N N 116 
GLN   N    N  N N 117 
GLN   CA   C  N S 118 
GLN   C    C  N N 119 
GLN   O    O  N N 120 
GLN   CB   C  N N 121 
GLN   CG   C  N N 122 
GLN   CD   C  N N 123 
GLN   OE1  O  N N 124 
GLN   NE2  N  N N 125 
GLN   OXT  O  N N 126 
GLN   H    H  N N 127 
GLN   H2   H  N N 128 
GLN   HA   H  N N 129 
GLN   HB2  H  N N 130 
GLN   HB3  H  N N 131 
GLN   HG2  H  N N 132 
GLN   HG3  H  N N 133 
GLN   HE21 H  N N 134 
GLN   HE22 H  N N 135 
GLN   HXT  H  N N 136 
GLU   N    N  N N 137 
GLU   CA   C  N S 138 
GLU   C    C  N N 139 
GLU   O    O  N N 140 
GLU   CB   C  N N 141 
GLU   CG   C  N N 142 
GLU   CD   C  N N 143 
GLU   OE1  O  N N 144 
GLU   OE2  O  N N 145 
GLU   OXT  O  N N 146 
GLU   H    H  N N 147 
GLU   H2   H  N N 148 
GLU   HA   H  N N 149 
GLU   HB2  H  N N 150 
GLU   HB3  H  N N 151 
GLU   HG2  H  N N 152 
GLU   HG3  H  N N 153 
GLU   HE2  H  N N 154 
GLU   HXT  H  N N 155 
GLY   N    N  N N 156 
GLY   CA   C  N N 157 
GLY   C    C  N N 158 
GLY   O    O  N N 159 
GLY   OXT  O  N N 160 
GLY   H    H  N N 161 
GLY   H2   H  N N 162 
GLY   HA2  H  N N 163 
GLY   HA3  H  N N 164 
GLY   HXT  H  N N 165 
HIS   N    N  N N 166 
HIS   CA   C  N S 167 
HIS   C    C  N N 168 
HIS   O    O  N N 169 
HIS   CB   C  N N 170 
HIS   CG   C  Y N 171 
HIS   ND1  N  Y N 172 
HIS   CD2  C  Y N 173 
HIS   CE1  C  Y N 174 
HIS   NE2  N  Y N 175 
HIS   OXT  O  N N 176 
HIS   H    H  N N 177 
HIS   H2   H  N N 178 
HIS   HA   H  N N 179 
HIS   HB2  H  N N 180 
HIS   HB3  H  N N 181 
HIS   HD1  H  N N 182 
HIS   HD2  H  N N 183 
HIS   HE1  H  N N 184 
HIS   HE2  H  N N 185 
HIS   HXT  H  N N 186 
HOH   O    O  N N 187 
HOH   H1   H  N N 188 
HOH   H2   H  N N 189 
ILE   N    N  N N 190 
ILE   CA   C  N S 191 
ILE   C    C  N N 192 
ILE   O    O  N N 193 
ILE   CB   C  N S 194 
ILE   CG1  C  N N 195 
ILE   CG2  C  N N 196 
ILE   CD1  C  N N 197 
ILE   OXT  O  N N 198 
ILE   H    H  N N 199 
ILE   H2   H  N N 200 
ILE   HA   H  N N 201 
ILE   HB   H  N N 202 
ILE   HG12 H  N N 203 
ILE   HG13 H  N N 204 
ILE   HG21 H  N N 205 
ILE   HG22 H  N N 206 
ILE   HG23 H  N N 207 
ILE   HD11 H  N N 208 
ILE   HD12 H  N N 209 
ILE   HD13 H  N N 210 
ILE   HXT  H  N N 211 
LEU   N    N  N N 212 
LEU   CA   C  N S 213 
LEU   C    C  N N 214 
LEU   O    O  N N 215 
LEU   CB   C  N N 216 
LEU   CG   C  N N 217 
LEU   CD1  C  N N 218 
LEU   CD2  C  N N 219 
LEU   OXT  O  N N 220 
LEU   H    H  N N 221 
LEU   H2   H  N N 222 
LEU   HA   H  N N 223 
LEU   HB2  H  N N 224 
LEU   HB3  H  N N 225 
LEU   HG   H  N N 226 
LEU   HD11 H  N N 227 
LEU   HD12 H  N N 228 
LEU   HD13 H  N N 229 
LEU   HD21 H  N N 230 
LEU   HD22 H  N N 231 
LEU   HD23 H  N N 232 
LEU   HXT  H  N N 233 
LYS   N    N  N N 234 
LYS   CA   C  N S 235 
LYS   C    C  N N 236 
LYS   O    O  N N 237 
LYS   CB   C  N N 238 
LYS   CG   C  N N 239 
LYS   CD   C  N N 240 
LYS   CE   C  N N 241 
LYS   NZ   N  N N 242 
LYS   OXT  O  N N 243 
LYS   H    H  N N 244 
LYS   H2   H  N N 245 
LYS   HA   H  N N 246 
LYS   HB2  H  N N 247 
LYS   HB3  H  N N 248 
LYS   HG2  H  N N 249 
LYS   HG3  H  N N 250 
LYS   HD2  H  N N 251 
LYS   HD3  H  N N 252 
LYS   HE2  H  N N 253 
LYS   HE3  H  N N 254 
LYS   HZ1  H  N N 255 
LYS   HZ2  H  N N 256 
LYS   HZ3  H  N N 257 
LYS   HXT  H  N N 258 
MET   N    N  N N 259 
MET   CA   C  N S 260 
MET   C    C  N N 261 
MET   O    O  N N 262 
MET   CB   C  N N 263 
MET   CG   C  N N 264 
MET   SD   S  N N 265 
MET   CE   C  N N 266 
MET   OXT  O  N N 267 
MET   H    H  N N 268 
MET   H2   H  N N 269 
MET   HA   H  N N 270 
MET   HB2  H  N N 271 
MET   HB3  H  N N 272 
MET   HG2  H  N N 273 
MET   HG3  H  N N 274 
MET   HE1  H  N N 275 
MET   HE2  H  N N 276 
MET   HE3  H  N N 277 
MET   HXT  H  N N 278 
PHE   N    N  N N 279 
PHE   CA   C  N S 280 
PHE   C    C  N N 281 
PHE   O    O  N N 282 
PHE   CB   C  N N 283 
PHE   CG   C  Y N 284 
PHE   CD1  C  Y N 285 
PHE   CD2  C  Y N 286 
PHE   CE1  C  Y N 287 
PHE   CE2  C  Y N 288 
PHE   CZ   C  Y N 289 
PHE   OXT  O  N N 290 
PHE   H    H  N N 291 
PHE   H2   H  N N 292 
PHE   HA   H  N N 293 
PHE   HB2  H  N N 294 
PHE   HB3  H  N N 295 
PHE   HD1  H  N N 296 
PHE   HD2  H  N N 297 
PHE   HE1  H  N N 298 
PHE   HE2  H  N N 299 
PHE   HZ   H  N N 300 
PHE   HXT  H  N N 301 
PRO   N    N  N N 302 
PRO   CA   C  N S 303 
PRO   C    C  N N 304 
PRO   O    O  N N 305 
PRO   CB   C  N N 306 
PRO   CG   C  N N 307 
PRO   CD   C  N N 308 
PRO   OXT  O  N N 309 
PRO   H    H  N N 310 
PRO   HA   H  N N 311 
PRO   HB2  H  N N 312 
PRO   HB3  H  N N 313 
PRO   HG2  H  N N 314 
PRO   HG3  H  N N 315 
PRO   HD2  H  N N 316 
PRO   HD3  H  N N 317 
PRO   HXT  H  N N 318 
SER   N    N  N N 319 
SER   CA   C  N S 320 
SER   C    C  N N 321 
SER   O    O  N N 322 
SER   CB   C  N N 323 
SER   OG   O  N N 324 
SER   OXT  O  N N 325 
SER   H    H  N N 326 
SER   H2   H  N N 327 
SER   HA   H  N N 328 
SER   HB2  H  N N 329 
SER   HB3  H  N N 330 
SER   HG   H  N N 331 
SER   HXT  H  N N 332 
THR   N    N  N N 333 
THR   CA   C  N S 334 
THR   C    C  N N 335 
THR   O    O  N N 336 
THR   CB   C  N R 337 
THR   OG1  O  N N 338 
THR   CG2  C  N N 339 
THR   OXT  O  N N 340 
THR   H    H  N N 341 
THR   H2   H  N N 342 
THR   HA   H  N N 343 
THR   HB   H  N N 344 
THR   HG1  H  N N 345 
THR   HG21 H  N N 346 
THR   HG22 H  N N 347 
THR   HG23 H  N N 348 
THR   HXT  H  N N 349 
TRP   N    N  N N 350 
TRP   CA   C  N S 351 
TRP   C    C  N N 352 
TRP   O    O  N N 353 
TRP   CB   C  N N 354 
TRP   CG   C  Y N 355 
TRP   CD1  C  Y N 356 
TRP   CD2  C  Y N 357 
TRP   NE1  N  Y N 358 
TRP   CE2  C  Y N 359 
TRP   CE3  C  Y N 360 
TRP   CZ2  C  Y N 361 
TRP   CZ3  C  Y N 362 
TRP   CH2  C  Y N 363 
TRP   OXT  O  N N 364 
TRP   H    H  N N 365 
TRP   H2   H  N N 366 
TRP   HA   H  N N 367 
TRP   HB2  H  N N 368 
TRP   HB3  H  N N 369 
TRP   HD1  H  N N 370 
TRP   HE1  H  N N 371 
TRP   HE3  H  N N 372 
TRP   HZ2  H  N N 373 
TRP   HZ3  H  N N 374 
TRP   HH2  H  N N 375 
TRP   HXT  H  N N 376 
TYR   N    N  N N 377 
TYR   CA   C  N S 378 
TYR   C    C  N N 379 
TYR   O    O  N N 380 
TYR   CB   C  N N 381 
TYR   CG   C  Y N 382 
TYR   CD1  C  Y N 383 
TYR   CD2  C  Y N 384 
TYR   CE1  C  Y N 385 
TYR   CE2  C  Y N 386 
TYR   CZ   C  Y N 387 
TYR   OH   O  N N 388 
TYR   OXT  O  N N 389 
TYR   H    H  N N 390 
TYR   H2   H  N N 391 
TYR   HA   H  N N 392 
TYR   HB2  H  N N 393 
TYR   HB3  H  N N 394 
TYR   HD1  H  N N 395 
TYR   HD2  H  N N 396 
TYR   HE1  H  N N 397 
TYR   HE2  H  N N 398 
TYR   HH   H  N N 399 
TYR   HXT  H  N N 400 
VAL   N    N  N N 401 
VAL   CA   C  N S 402 
VAL   C    C  N N 403 
VAL   O    O  N N 404 
VAL   CB   C  N N 405 
VAL   CG1  C  N N 406 
VAL   CG2  C  N N 407 
VAL   OXT  O  N N 408 
VAL   H    H  N N 409 
VAL   H2   H  N N 410 
VAL   HA   H  N N 411 
VAL   HB   H  N N 412 
VAL   HG11 H  N N 413 
VAL   HG12 H  N N 414 
VAL   HG13 H  N N 415 
VAL   HG21 H  N N 416 
VAL   HG22 H  N N 417 
VAL   HG23 H  N N 418 
VAL   HXT  H  N N 419 
ZN    ZN   ZN N N 420 
# 
loop_
_chem_comp_bond.comp_id 
_chem_comp_bond.atom_id_1 
_chem_comp_bond.atom_id_2 
_chem_comp_bond.value_order 
_chem_comp_bond.pdbx_aromatic_flag 
_chem_comp_bond.pdbx_stereo_config 
_chem_comp_bond.pdbx_ordinal 
A1AM8 C   O    sing N N 1   
A1AM8 O   C1   sing N N 2   
A1AM8 C1  O1   doub N N 3   
A1AM8 C2  C1   sing N N 4   
A1AM8 C2  C3   doub Y N 5   
A1AM8 C3  C4   sing Y N 6   
A1AM8 C4  N    doub Y N 7   
A1AM8 N   C5   sing Y N 8   
A1AM8 C5  C6   doub Y N 9   
A1AM8 C6  C2   sing Y N 10  
A1AM8 N1  C6   sing N N 11  
A1AM8 N1  H6   sing N N 12  
A1AM8 N1  H7   sing N N 13  
A1AM8 C4  H4   sing N N 14  
A1AM8 C5  H5   sing N N 15  
A1AM8 C   H2   sing N N 16  
A1AM8 C   H    sing N N 17  
A1AM8 C   H1   sing N N 18  
A1AM8 C3  H3   sing N N 19  
ALA   N   CA   sing N N 20  
ALA   N   H    sing N N 21  
ALA   N   H2   sing N N 22  
ALA   CA  C    sing N N 23  
ALA   CA  CB   sing N N 24  
ALA   CA  HA   sing N N 25  
ALA   C   O    doub N N 26  
ALA   C   OXT  sing N N 27  
ALA   CB  HB1  sing N N 28  
ALA   CB  HB2  sing N N 29  
ALA   CB  HB3  sing N N 30  
ALA   OXT HXT  sing N N 31  
ARG   N   CA   sing N N 32  
ARG   N   H    sing N N 33  
ARG   N   H2   sing N N 34  
ARG   CA  C    sing N N 35  
ARG   CA  CB   sing N N 36  
ARG   CA  HA   sing N N 37  
ARG   C   O    doub N N 38  
ARG   C   OXT  sing N N 39  
ARG   CB  CG   sing N N 40  
ARG   CB  HB2  sing N N 41  
ARG   CB  HB3  sing N N 42  
ARG   CG  CD   sing N N 43  
ARG   CG  HG2  sing N N 44  
ARG   CG  HG3  sing N N 45  
ARG   CD  NE   sing N N 46  
ARG   CD  HD2  sing N N 47  
ARG   CD  HD3  sing N N 48  
ARG   NE  CZ   sing N N 49  
ARG   NE  HE   sing N N 50  
ARG   CZ  NH1  sing N N 51  
ARG   CZ  NH2  doub N N 52  
ARG   NH1 HH11 sing N N 53  
ARG   NH1 HH12 sing N N 54  
ARG   NH2 HH21 sing N N 55  
ARG   NH2 HH22 sing N N 56  
ARG   OXT HXT  sing N N 57  
ASN   N   CA   sing N N 58  
ASN   N   H    sing N N 59  
ASN   N   H2   sing N N 60  
ASN   CA  C    sing N N 61  
ASN   CA  CB   sing N N 62  
ASN   CA  HA   sing N N 63  
ASN   C   O    doub N N 64  
ASN   C   OXT  sing N N 65  
ASN   CB  CG   sing N N 66  
ASN   CB  HB2  sing N N 67  
ASN   CB  HB3  sing N N 68  
ASN   CG  OD1  doub N N 69  
ASN   CG  ND2  sing N N 70  
ASN   ND2 HD21 sing N N 71  
ASN   ND2 HD22 sing N N 72  
ASN   OXT HXT  sing N N 73  
ASP   N   CA   sing N N 74  
ASP   N   H    sing N N 75  
ASP   N   H2   sing N N 76  
ASP   CA  C    sing N N 77  
ASP   CA  CB   sing N N 78  
ASP   CA  HA   sing N N 79  
ASP   C   O    doub N N 80  
ASP   C   OXT  sing N N 81  
ASP   CB  CG   sing N N 82  
ASP   CB  HB2  sing N N 83  
ASP   CB  HB3  sing N N 84  
ASP   CG  OD1  doub N N 85  
ASP   CG  OD2  sing N N 86  
ASP   OD2 HD2  sing N N 87  
ASP   OXT HXT  sing N N 88  
CYS   N   CA   sing N N 89  
CYS   N   H    sing N N 90  
CYS   N   H2   sing N N 91  
CYS   CA  C    sing N N 92  
CYS   CA  CB   sing N N 93  
CYS   CA  HA   sing N N 94  
CYS   C   O    doub N N 95  
CYS   C   OXT  sing N N 96  
CYS   CB  SG   sing N N 97  
CYS   CB  HB2  sing N N 98  
CYS   CB  HB3  sing N N 99  
CYS   SG  HG   sing N N 100 
CYS   OXT HXT  sing N N 101 
DMS   S   O    doub N N 102 
DMS   S   C1   sing N N 103 
DMS   S   C2   sing N N 104 
DMS   C1  H11  sing N N 105 
DMS   C1  H12  sing N N 106 
DMS   C1  H13  sing N N 107 
DMS   C2  H21  sing N N 108 
DMS   C2  H22  sing N N 109 
DMS   C2  H23  sing N N 110 
GLN   N   CA   sing N N 111 
GLN   N   H    sing N N 112 
GLN   N   H2   sing N N 113 
GLN   CA  C    sing N N 114 
GLN   CA  CB   sing N N 115 
GLN   CA  HA   sing N N 116 
GLN   C   O    doub N N 117 
GLN   C   OXT  sing N N 118 
GLN   CB  CG   sing N N 119 
GLN   CB  HB2  sing N N 120 
GLN   CB  HB3  sing N N 121 
GLN   CG  CD   sing N N 122 
GLN   CG  HG2  sing N N 123 
GLN   CG  HG3  sing N N 124 
GLN   CD  OE1  doub N N 125 
GLN   CD  NE2  sing N N 126 
GLN   NE2 HE21 sing N N 127 
GLN   NE2 HE22 sing N N 128 
GLN   OXT HXT  sing N N 129 
GLU   N   CA   sing N N 130 
GLU   N   H    sing N N 131 
GLU   N   H2   sing N N 132 
GLU   CA  C    sing N N 133 
GLU   CA  CB   sing N N 134 
GLU   CA  HA   sing N N 135 
GLU   C   O    doub N N 136 
GLU   C   OXT  sing N N 137 
GLU   CB  CG   sing N N 138 
GLU   CB  HB2  sing N N 139 
GLU   CB  HB3  sing N N 140 
GLU   CG  CD   sing N N 141 
GLU   CG  HG2  sing N N 142 
GLU   CG  HG3  sing N N 143 
GLU   CD  OE1  doub N N 144 
GLU   CD  OE2  sing N N 145 
GLU   OE2 HE2  sing N N 146 
GLU   OXT HXT  sing N N 147 
GLY   N   CA   sing N N 148 
GLY   N   H    sing N N 149 
GLY   N   H2   sing N N 150 
GLY   CA  C    sing N N 151 
GLY   CA  HA2  sing N N 152 
GLY   CA  HA3  sing N N 153 
GLY   C   O    doub N N 154 
GLY   C   OXT  sing N N 155 
GLY   OXT HXT  sing N N 156 
HIS   N   CA   sing N N 157 
HIS   N   H    sing N N 158 
HIS   N   H2   sing N N 159 
HIS   CA  C    sing N N 160 
HIS   CA  CB   sing N N 161 
HIS   CA  HA   sing N N 162 
HIS   C   O    doub N N 163 
HIS   C   OXT  sing N N 164 
HIS   CB  CG   sing N N 165 
HIS   CB  HB2  sing N N 166 
HIS   CB  HB3  sing N N 167 
HIS   CG  ND1  sing Y N 168 
HIS   CG  CD2  doub Y N 169 
HIS   ND1 CE1  doub Y N 170 
HIS   ND1 HD1  sing N N 171 
HIS   CD2 NE2  sing Y N 172 
HIS   CD2 HD2  sing N N 173 
HIS   CE1 NE2  sing Y N 174 
HIS   CE1 HE1  sing N N 175 
HIS   NE2 HE2  sing N N 176 
HIS   OXT HXT  sing N N 177 
HOH   O   H1   sing N N 178 
HOH   O   H2   sing N N 179 
ILE   N   CA   sing N N 180 
ILE   N   H    sing N N 181 
ILE   N   H2   sing N N 182 
ILE   CA  C    sing N N 183 
ILE   CA  CB   sing N N 184 
ILE   CA  HA   sing N N 185 
ILE   C   O    doub N N 186 
ILE   C   OXT  sing N N 187 
ILE   CB  CG1  sing N N 188 
ILE   CB  CG2  sing N N 189 
ILE   CB  HB   sing N N 190 
ILE   CG1 CD1  sing N N 191 
ILE   CG1 HG12 sing N N 192 
ILE   CG1 HG13 sing N N 193 
ILE   CG2 HG21 sing N N 194 
ILE   CG2 HG22 sing N N 195 
ILE   CG2 HG23 sing N N 196 
ILE   CD1 HD11 sing N N 197 
ILE   CD1 HD12 sing N N 198 
ILE   CD1 HD13 sing N N 199 
ILE   OXT HXT  sing N N 200 
LEU   N   CA   sing N N 201 
LEU   N   H    sing N N 202 
LEU   N   H2   sing N N 203 
LEU   CA  C    sing N N 204 
LEU   CA  CB   sing N N 205 
LEU   CA  HA   sing N N 206 
LEU   C   O    doub N N 207 
LEU   C   OXT  sing N N 208 
LEU   CB  CG   sing N N 209 
LEU   CB  HB2  sing N N 210 
LEU   CB  HB3  sing N N 211 
LEU   CG  CD1  sing N N 212 
LEU   CG  CD2  sing N N 213 
LEU   CG  HG   sing N N 214 
LEU   CD1 HD11 sing N N 215 
LEU   CD1 HD12 sing N N 216 
LEU   CD1 HD13 sing N N 217 
LEU   CD2 HD21 sing N N 218 
LEU   CD2 HD22 sing N N 219 
LEU   CD2 HD23 sing N N 220 
LEU   OXT HXT  sing N N 221 
LYS   N   CA   sing N N 222 
LYS   N   H    sing N N 223 
LYS   N   H2   sing N N 224 
LYS   CA  C    sing N N 225 
LYS   CA  CB   sing N N 226 
LYS   CA  HA   sing N N 227 
LYS   C   O    doub N N 228 
LYS   C   OXT  sing N N 229 
LYS   CB  CG   sing N N 230 
LYS   CB  HB2  sing N N 231 
LYS   CB  HB3  sing N N 232 
LYS   CG  CD   sing N N 233 
LYS   CG  HG2  sing N N 234 
LYS   CG  HG3  sing N N 235 
LYS   CD  CE   sing N N 236 
LYS   CD  HD2  sing N N 237 
LYS   CD  HD3  sing N N 238 
LYS   CE  NZ   sing N N 239 
LYS   CE  HE2  sing N N 240 
LYS   CE  HE3  sing N N 241 
LYS   NZ  HZ1  sing N N 242 
LYS   NZ  HZ2  sing N N 243 
LYS   NZ  HZ3  sing N N 244 
LYS   OXT HXT  sing N N 245 
MET   N   CA   sing N N 246 
MET   N   H    sing N N 247 
MET   N   H2   sing N N 248 
MET   CA  C    sing N N 249 
MET   CA  CB   sing N N 250 
MET   CA  HA   sing N N 251 
MET   C   O    doub N N 252 
MET   C   OXT  sing N N 253 
MET   CB  CG   sing N N 254 
MET   CB  HB2  sing N N 255 
MET   CB  HB3  sing N N 256 
MET   CG  SD   sing N N 257 
MET   CG  HG2  sing N N 258 
MET   CG  HG3  sing N N 259 
MET   SD  CE   sing N N 260 
MET   CE  HE1  sing N N 261 
MET   CE  HE2  sing N N 262 
MET   CE  HE3  sing N N 263 
MET   OXT HXT  sing N N 264 
PHE   N   CA   sing N N 265 
PHE   N   H    sing N N 266 
PHE   N   H2   sing N N 267 
PHE   CA  C    sing N N 268 
PHE   CA  CB   sing N N 269 
PHE   CA  HA   sing N N 270 
PHE   C   O    doub N N 271 
PHE   C   OXT  sing N N 272 
PHE   CB  CG   sing N N 273 
PHE   CB  HB2  sing N N 274 
PHE   CB  HB3  sing N N 275 
PHE   CG  CD1  doub Y N 276 
PHE   CG  CD2  sing Y N 277 
PHE   CD1 CE1  sing Y N 278 
PHE   CD1 HD1  sing N N 279 
PHE   CD2 CE2  doub Y N 280 
PHE   CD2 HD2  sing N N 281 
PHE   CE1 CZ   doub Y N 282 
PHE   CE1 HE1  sing N N 283 
PHE   CE2 CZ   sing Y N 284 
PHE   CE2 HE2  sing N N 285 
PHE   CZ  HZ   sing N N 286 
PHE   OXT HXT  sing N N 287 
PRO   N   CA   sing N N 288 
PRO   N   CD   sing N N 289 
PRO   N   H    sing N N 290 
PRO   CA  C    sing N N 291 
PRO   CA  CB   sing N N 292 
PRO   CA  HA   sing N N 293 
PRO   C   O    doub N N 294 
PRO   C   OXT  sing N N 295 
PRO   CB  CG   sing N N 296 
PRO   CB  HB2  sing N N 297 
PRO   CB  HB3  sing N N 298 
PRO   CG  CD   sing N N 299 
PRO   CG  HG2  sing N N 300 
PRO   CG  HG3  sing N N 301 
PRO   CD  HD2  sing N N 302 
PRO   CD  HD3  sing N N 303 
PRO   OXT HXT  sing N N 304 
SER   N   CA   sing N N 305 
SER   N   H    sing N N 306 
SER   N   H2   sing N N 307 
SER   CA  C    sing N N 308 
SER   CA  CB   sing N N 309 
SER   CA  HA   sing N N 310 
SER   C   O    doub N N 311 
SER   C   OXT  sing N N 312 
SER   CB  OG   sing N N 313 
SER   CB  HB2  sing N N 314 
SER   CB  HB3  sing N N 315 
SER   OG  HG   sing N N 316 
SER   OXT HXT  sing N N 317 
THR   N   CA   sing N N 318 
THR   N   H    sing N N 319 
THR   N   H2   sing N N 320 
THR   CA  C    sing N N 321 
THR   CA  CB   sing N N 322 
THR   CA  HA   sing N N 323 
THR   C   O    doub N N 324 
THR   C   OXT  sing N N 325 
THR   CB  OG1  sing N N 326 
THR   CB  CG2  sing N N 327 
THR   CB  HB   sing N N 328 
THR   OG1 HG1  sing N N 329 
THR   CG2 HG21 sing N N 330 
THR   CG2 HG22 sing N N 331 
THR   CG2 HG23 sing N N 332 
THR   OXT HXT  sing N N 333 
TRP   N   CA   sing N N 334 
TRP   N   H    sing N N 335 
TRP   N   H2   sing N N 336 
TRP   CA  C    sing N N 337 
TRP   CA  CB   sing N N 338 
TRP   CA  HA   sing N N 339 
TRP   C   O    doub N N 340 
TRP   C   OXT  sing N N 341 
TRP   CB  CG   sing N N 342 
TRP   CB  HB2  sing N N 343 
TRP   CB  HB3  sing N N 344 
TRP   CG  CD1  doub Y N 345 
TRP   CG  CD2  sing Y N 346 
TRP   CD1 NE1  sing Y N 347 
TRP   CD1 HD1  sing N N 348 
TRP   CD2 CE2  doub Y N 349 
TRP   CD2 CE3  sing Y N 350 
TRP   NE1 CE2  sing Y N 351 
TRP   NE1 HE1  sing N N 352 
TRP   CE2 CZ2  sing Y N 353 
TRP   CE3 CZ3  doub Y N 354 
TRP   CE3 HE3  sing N N 355 
TRP   CZ2 CH2  doub Y N 356 
TRP   CZ2 HZ2  sing N N 357 
TRP   CZ3 CH2  sing Y N 358 
TRP   CZ3 HZ3  sing N N 359 
TRP   CH2 HH2  sing N N 360 
TRP   OXT HXT  sing N N 361 
TYR   N   CA   sing N N 362 
TYR   N   H    sing N N 363 
TYR   N   H2   sing N N 364 
TYR   CA  C    sing N N 365 
TYR   CA  CB   sing N N 366 
TYR   CA  HA   sing N N 367 
TYR   C   O    doub N N 368 
TYR   C   OXT  sing N N 369 
TYR   CB  CG   sing N N 370 
TYR   CB  HB2  sing N N 371 
TYR   CB  HB3  sing N N 372 
TYR   CG  CD1  doub Y N 373 
TYR   CG  CD2  sing Y N 374 
TYR   CD1 CE1  sing Y N 375 
TYR   CD1 HD1  sing N N 376 
TYR   CD2 CE2  doub Y N 377 
TYR   CD2 HD2  sing N N 378 
TYR   CE1 CZ   doub Y N 379 
TYR   CE1 HE1  sing N N 380 
TYR   CE2 CZ   sing Y N 381 
TYR   CE2 HE2  sing N N 382 
TYR   CZ  OH   sing N N 383 
TYR   OH  HH   sing N N 384 
TYR   OXT HXT  sing N N 385 
VAL   N   CA   sing N N 386 
VAL   N   H    sing N N 387 
VAL   N   H2   sing N N 388 
VAL   CA  C    sing N N 389 
VAL   CA  CB   sing N N 390 
VAL   CA  HA   sing N N 391 
VAL   C   O    doub N N 392 
VAL   C   OXT  sing N N 393 
VAL   CB  CG1  sing N N 394 
VAL   CB  CG2  sing N N 395 
VAL   CB  HB   sing N N 396 
VAL   CG1 HG11 sing N N 397 
VAL   CG1 HG12 sing N N 398 
VAL   CG1 HG13 sing N N 399 
VAL   CG2 HG21 sing N N 400 
VAL   CG2 HG22 sing N N 401 
VAL   CG2 HG23 sing N N 402 
VAL   OXT HXT  sing N N 403 
# 
_pdbx_audit_support.funding_organization   
'National Institutes of Health/National Institute Of Allergy and Infectious Diseases (NIH/NIAID)' 
_pdbx_audit_support.country                'United States' 
_pdbx_audit_support.grant_number           U19AI171399 
_pdbx_audit_support.ordinal                1 
# 
_pdbx_deposit_group.group_id            G_1002288 
_pdbx_deposit_group.group_description   'Crystallographic fragment screening of Coxsackievirus A16 (G-10) 2A protease' 
_pdbx_deposit_group.group_title         
'Group deposition for crystallographic fragment screening of Coxsackievirus A16 (G-10) 2A protease' 
_pdbx_deposit_group.group_type          'changed state' 
# 
_atom_sites.entry_id                    7H3X 
_atom_sites.fract_transf_matrix[1][1]   0.00772990 
_atom_sites.fract_transf_matrix[1][2]   0.00211965 
_atom_sites.fract_transf_matrix[1][3]   0.01109146 
_atom_sites.fract_transf_matrix[2][1]   0.00682832 
_atom_sites.fract_transf_matrix[2][2]   0.01321760 
_atom_sites.fract_transf_matrix[2][3]   -0.00728479 
_atom_sites.fract_transf_matrix[3][1]   -0.02102115 
_atom_sites.fract_transf_matrix[3][2]   0.01821725 
_atom_sites.fract_transf_matrix[3][3]   0.01334962 
_atom_sites.fract_transf_vector[1]      0.219908 
_atom_sites.fract_transf_vector[2]      0.137460 
_atom_sites.fract_transf_vector[3]      0.437183 
# 
loop_
_atom_type.symbol 
C  
N  
O  
S  
ZN 
# 
loop_
_atom_site.group_PDB 
_atom_site.id 
_atom_site.type_symbol 
_atom_site.label_atom_id 
_atom_site.label_alt_id 
_atom_site.label_comp_id 
_atom_site.label_asym_id 
_atom_site.label_entity_id 
_atom_site.label_seq_id 
_atom_site.pdbx_PDB_ins_code 
_atom_site.Cartn_x 
_atom_site.Cartn_y 
_atom_site.Cartn_z 
_atom_site.occupancy 
_atom_site.B_iso_or_equiv 
_atom_site.pdbx_formal_charge 
_atom_site.auth_seq_id 
_atom_site.auth_comp_id 
_atom_site.auth_asym_id 
_atom_site.auth_atom_id 
_atom_site.pdbx_PDB_model_num 
ATOM   1    N  N   . SER   A 1 7   ? -4.837  5.909   7.523   1.00 22.49 ? 7   SER   A N   1 
ATOM   2    C  CA  . SER   A 1 7   ? -3.443  5.624   7.948   1.00 23.90 ? 7   SER   A CA  1 
ATOM   3    C  C   . SER   A 1 7   ? -3.258  4.110   8.065   1.00 21.16 ? 7   SER   A C   1 
ATOM   4    O  O   . SER   A 1 7   ? -4.282  3.379   8.000   1.00 21.06 ? 7   SER   A O   1 
ATOM   5    C  CB  . SER   A 1 7   ? -3.119  6.306   9.243   1.00 26.41 ? 7   SER   A CB  1 
ATOM   6    O  OG  . SER   A 1 7   ? -4.059  5.924   10.237  1.00 31.20 ? 7   SER   A OG  1 
ATOM   7    N  N   . GLY   A 1 8   ? -2.009  3.683   8.231   1.00 20.61 ? 8   GLY   A N   1 
ATOM   8    C  CA  . GLY   A 1 8   ? -1.617  2.285   8.461   1.00 18.14 ? 8   GLY   A CA  1 
ATOM   9    C  C   . GLY   A 1 8   ? -0.270  1.996   7.807   1.00 17.70 ? 8   GLY   A C   1 
ATOM   10   O  O   . GLY   A 1 8   ? 0.139   2.738   6.890   1.00 17.76 ? 8   GLY   A O   1 
ATOM   11   N  N   . ALA   A 1 9   ? 0.435   0.998   8.317   1.00 15.59 ? 9   ALA   A N   1 
ATOM   12   C  CA  . ALA   A 1 9   ? 1.782   0.610   7.851   1.00 15.90 ? 9   ALA   A CA  1 
ATOM   13   C  C   . ALA   A 1 9   ? 1.938   -0.903  7.923   1.00 15.29 ? 9   ALA   A C   1 
ATOM   14   O  O   . ALA   A 1 9   ? 1.164   -1.569  8.649   1.00 16.19 ? 9   ALA   A O   1 
ATOM   15   C  CB  . ALA   A 1 9   ? 2.851   1.283   8.670   1.00 16.69 ? 9   ALA   A CB  1 
ATOM   16   N  N   . ILE   A 1 10  ? 2.903   -1.406  7.164   1.00 14.17 ? 10  ILE   A N   1 
ATOM   17   C  CA  . ILE   A 1 10  ? 3.382   -2.806  7.211   1.00 14.52 ? 10  ILE   A CA  1 
ATOM   18   C  C   . ILE   A 1 10  ? 4.726   -2.839  7.938   1.00 14.69 ? 10  ILE   A C   1 
ATOM   19   O  O   . ILE   A 1 10  ? 5.623   -2.025  7.602   1.00 15.39 ? 10  ILE   A O   1 
ATOM   20   C  CB  . ILE   A 1 10  ? 3.509   -3.403  5.801   1.00 15.17 ? 10  ILE   A CB  1 
ATOM   21   C  CG1 . ILE   A 1 10  ? 2.255   -3.183  4.954   1.00 15.50 ? 10  ILE   A CG1 1 
ATOM   22   C  CG2 . ILE   A 1 10  ? 3.915   -4.875  5.875   1.00 15.30 ? 10  ILE   A CG2 1 
ATOM   23   C  CD1 . ILE   A 1 10  ? 2.527   -3.292  3.482   1.00 15.65 ? 10  ILE   A CD1 1 
ATOM   24   N  N   . TYR   A 1 11  ? 4.861   -3.777  8.876   1.00 15.70 ? 11  TYR   A N   1 
ATOM   25   C  CA  . TYR   A 1 11  ? 6.061   -3.980  9.712   1.00 17.13 ? 11  TYR   A CA  1 
ATOM   26   C  C   . TYR   A 1 11  ? 6.615   -5.380  9.453   1.00 18.22 ? 11  TYR   A C   1 
ATOM   27   O  O   . TYR   A 1 11  ? 6.029   -6.350  9.928   1.00 20.49 ? 11  TYR   A O   1 
ATOM   28   C  CB  . TYR   A 1 11  ? 5.716   -3.755  11.187  1.00 17.33 ? 11  TYR   A CB  1 
ATOM   29   C  CG  . TYR   A 1 11  ? 5.245   -2.356  11.486  1.00 17.13 ? 11  TYR   A CG  1 
ATOM   30   C  CD1 . TYR   A 1 11  ? 6.149   -1.327  11.658  1.00 17.06 ? 11  TYR   A CD1 1 
ATOM   31   C  CD2 . TYR   A 1 11  ? 3.902   -2.037  11.531  1.00 16.94 ? 11  TYR   A CD2 1 
ATOM   32   C  CE1 . TYR   A 1 11  ? 5.741   -0.033  11.934  1.00 17.22 ? 11  TYR   A CE1 1 
ATOM   33   C  CE2 . TYR   A 1 11  ? 3.466   -0.738  11.763  1.00 18.09 ? 11  TYR   A CE2 1 
ATOM   34   C  CZ  . TYR   A 1 11  ? 4.394   0.271   11.983  1.00 17.80 ? 11  TYR   A CZ  1 
ATOM   35   O  OH  . TYR   A 1 11  ? 4.015   1.564   12.201  1.00 21.49 ? 11  TYR   A OH  1 
ATOM   36   N  N   . VAL   A 1 12  ? 7.725   -5.466  8.723   1.00 19.11 ? 12  VAL   A N   1 
ATOM   37   C  CA  . VAL   A 1 12  ? 8.425   -6.734  8.390   1.00 20.47 ? 12  VAL   A CA  1 
ATOM   38   C  C   . VAL   A 1 12  ? 9.915   -6.507  8.618   1.00 21.79 ? 12  VAL   A C   1 
ATOM   39   O  O   . VAL   A 1 12  ? 10.449  -5.463  8.150   1.00 19.63 ? 12  VAL   A O   1 
ATOM   40   C  CB  . VAL   A 1 12  ? 8.110   -7.175  6.945   1.00 21.97 ? 12  VAL   A CB  1 
ATOM   41   C  CG1 . VAL   A 1 12  ? 8.372   -6.072  5.935   1.00 22.27 ? 12  VAL   A CG1 1 
ATOM   42   C  CG2 . VAL   A 1 12  ? 8.847   -8.443  6.559   1.00 24.80 ? 12  VAL   A CG2 1 
ATOM   43   N  N   . GLY   A 1 13  ? 10.562  -7.414  9.365   1.00 24.35 ? 13  GLY   A N   1 
ATOM   44   C  CA  . GLY   A 1 13  ? 11.969  -7.263  9.769   1.00 22.43 ? 13  GLY   A CA  1 
ATOM   45   C  C   . GLY   A 1 13  ? 12.227  -5.879  10.338  1.00 21.81 ? 13  GLY   A C   1 
ATOM   46   O  O   . GLY   A 1 13  ? 11.452  -5.426  11.173  1.00 21.35 ? 13  GLY   A O   1 
ATOM   47   N  N   . ASN   A 1 14  ? 13.267  -5.203  9.872   1.00 22.32 ? 14  ASN   A N   1 
ATOM   48   C  CA  . ASN   A 1 14  ? 13.594  -3.827  10.331  1.00 23.91 ? 14  ASN   A CA  1 
ATOM   49   C  C   . ASN   A 1 14  ? 13.061  -2.801  9.325   1.00 20.32 ? 14  ASN   A C   1 
ATOM   50   O  O   . ASN   A 1 14  ? 13.722  -1.802  9.103   1.00 22.66 ? 14  ASN   A O   1 
ATOM   51   C  CB  . ASN   A 1 14  ? 15.093  -3.689  10.583  1.00 25.19 ? 14  ASN   A CB  1 
ATOM   52   C  CG  . ASN   A 1 14  ? 15.496  -4.448  11.827  1.00 28.99 ? 14  ASN   A CG  1 
ATOM   53   O  OD1 . ASN   A 1 14  ? 15.221  -4.020  12.950  1.00 32.56 ? 14  ASN   A OD1 1 
ATOM   54   N  ND2 . ASN   A 1 14  ? 16.066  -5.614  11.624  1.00 32.13 ? 14  ASN   A ND2 1 
ATOM   55   N  N   . TYR   A 1 15  ? 11.880  -3.039  8.754   1.00 21.10 ? 15  TYR   A N   1 
ATOM   56   C  CA  . TYR   A 1 15  ? 11.246  -2.137  7.774   1.00 18.72 ? 15  TYR   A CA  1 
ATOM   57   C  C   . TYR   A 1 15  ? 9.845   -1.789  8.234   1.00 18.32 ? 15  TYR   A C   1 
ATOM   58   O  O   . TYR   A 1 15  ? 9.118   -2.650  8.765   1.00 20.95 ? 15  TYR   A O   1 
ATOM   59   C  CB  . TYR   A 1 15  ? 11.229  -2.769  6.379   1.00 19.66 ? 15  TYR   A CB  1 
ATOM   60   C  CG  . TYR   A 1 15  ? 12.601  -3.066  5.834   1.00 19.47 ? 15  TYR   A CG  1 
ATOM   61   C  CD1 . TYR   A 1 15  ? 13.590  -2.081  5.775   1.00 19.96 ? 15  TYR   A CD1 1 
ATOM   62   C  CD2 . TYR   A 1 15  ? 12.923  -4.335  5.374   1.00 20.01 ? 15  TYR   A CD2 1 
ATOM   63   C  CE1 . TYR   A 1 15  ? 14.848  -2.345  5.259   1.00 20.58 ? 15  TYR   A CE1 1 
ATOM   64   C  CE2 . TYR   A 1 15  ? 14.180  -4.614  4.863   1.00 20.56 ? 15  TYR   A CE2 1 
ATOM   65   C  CZ  . TYR   A 1 15  ? 15.141  -3.621  4.799   1.00 19.11 ? 15  TYR   A CZ  1 
ATOM   66   O  OH  . TYR   A 1 15  ? 16.361  -3.945  4.296   1.00 21.58 ? 15  TYR   A OH  1 
ATOM   67   N  N   . ARG   A 1 16  ? 9.493   -0.539  7.963   1.00 16.87 ? 16  ARG   A N   1 
ATOM   68   C  CA  . ARG   A 1 16  ? 8.131   0.004   8.029   1.00 15.58 ? 16  ARG   A CA  1 
ATOM   69   C  C   . ARG   A 1 16  ? 7.788   0.491   6.627   1.00 15.70 ? 16  ARG   A C   1 
ATOM   70   O  O   . ARG   A 1 16  ? 8.499   1.356   6.109   1.00 15.30 ? 16  ARG   A O   1 
ATOM   71   C  CB  . ARG   A 1 16  ? 8.092   1.147   9.048   1.00 15.63 ? 16  ARG   A CB  1 
ATOM   72   C  CG  . ARG   A 1 16  ? 6.870   2.051   8.982   1.00 15.18 ? 16  ARG   A CG  1 
ATOM   73   C  CD  . ARG   A 1 16  ? 6.890   3.067   10.125  1.00 15.90 ? 16  ARG   A CD  1 
ATOM   74   N  NE  . ARG   A 1 16  ? 6.365   4.359   9.764   1.00 15.88 ? 16  ARG   A NE  1 
ATOM   75   C  CZ  . ARG   A 1 16  ? 5.112   4.790   9.925   1.00 16.68 ? 16  ARG   A CZ  1 
ATOM   76   N  NH1 . ARG   A 1 16  ? 4.157   4.015   10.424  1.00 17.57 ? 16  ARG   A NH1 1 
ATOM   77   N  NH2 . ARG   A 1 16  ? 4.811   6.019   9.567   1.00 17.97 ? 16  ARG   A NH2 1 
ATOM   78   N  N   . VAL   A 1 17  ? 6.710   -0.038  6.075   1.00 14.44 ? 17  VAL   A N   1 
ATOM   79   C  CA  . VAL   A 1 17  ? 6.193   0.336   4.734   1.00 13.10 ? 17  VAL   A CA  1 
ATOM   80   C  C   . VAL   A 1 17  ? 4.957   1.180   4.948   1.00 12.80 ? 17  VAL   A C   1 
ATOM   81   O  O   . VAL   A 1 17  ? 3.993   0.684   5.575   1.00 13.97 ? 17  VAL   A O   1 
ATOM   82   C  CB  . VAL   A 1 17  ? 5.848   -0.902  3.902   1.00 13.81 ? 17  VAL   A CB  1 
ATOM   83   C  CG1 . VAL   A 1 17  ? 5.526   -0.522  2.455   1.00 13.91 ? 17  VAL   A CG1 1 
ATOM   84   C  CG2 . VAL   A 1 17  ? 6.960   -1.928  4.021   1.00 13.54 ? 17  VAL   A CG2 1 
ATOM   85   N  N   . VAL   A 1 18  ? 4.946   2.361   4.355   1.00 12.53 ? 18  VAL   A N   1 
ATOM   86   C  CA  . VAL   A 1 18  ? 3.878   3.374   4.513   1.00 12.53 ? 18  VAL   A CA  1 
ATOM   87   C  C   . VAL   A 1 18  ? 3.557   3.973   3.146   1.00 12.07 ? 18  VAL   A C   1 
ATOM   88   O  O   . VAL   A 1 18  ? 4.400   3.947   2.227   1.00 12.02 ? 18  VAL   A O   1 
ATOM   89   C  CB  . VAL   A 1 18  ? 4.277   4.473   5.513   1.00 14.37 ? 18  VAL   A CB  1 
ATOM   90   C  CG1 . VAL   A 1 18  ? 4.352   3.891   6.909   1.00 16.74 ? 18  VAL   A CG1 1 
ATOM   91   C  CG2 . VAL   A 1 18  ? 5.581   5.168   5.142   1.00 14.72 ? 18  VAL   A CG2 1 
ATOM   92   N  N   . ASN   A 1 19  ? 2.374   4.539   3.027   1.00 10.26 ? 19  ASN   A N   1 
ATOM   93   C  CA  . ASN   A 1 19  ? 2.077   5.431   1.874   1.00 11.44 ? 19  ASN   A CA  1 
ATOM   94   C  C   . ASN   A 1 19  ? 3.105   6.555   1.865   1.00 12.32 ? 19  ASN   A C   1 
ATOM   95   O  O   . ASN   A 1 19  ? 3.314   7.172   2.933   1.00 11.32 ? 19  ASN   A O   1 
ATOM   96   C  CB  . ASN   A 1 19  ? 0.681   6.032   1.935   1.00 11.42 ? 19  ASN   A CB  1 
ATOM   97   C  CG  . ASN   A 1 19  ? -0.394  4.975   1.846   1.00 11.15 ? 19  ASN   A CG  1 
ATOM   98   O  OD1 . ASN   A 1 19  ? -0.898  4.466   2.853   1.00 10.96 ? 19  ASN   A OD1 1 
ATOM   99   N  ND2 . ASN   A 1 19  ? -0.700  4.615   0.626   1.00 11.58 ? 19  ASN   A ND2 1 
ATOM   100  N  N   . ARG   A 1 20  ? 3.726   6.817   0.717   1.00 12.48 ? 20  ARG   A N   1 
ATOM   101  C  CA  . ARG   A 1 20  ? 4.758   7.877   0.631   1.00 12.60 ? 20  ARG   A CA  1 
ATOM   102  C  C   . ARG   A 1 20  ? 4.136   9.208   1.063   1.00 13.60 ? 20  ARG   A C   1 
ATOM   103  O  O   . ARG   A 1 20  ? 4.809   9.986   1.789   1.00 12.90 ? 20  ARG   A O   1 
ATOM   104  C  CB  . ARG   A 1 20  ? 5.322   7.955   -0.782  1.00 12.16 ? 20  ARG   A CB  1 
ATOM   105  C  CG  . ARG   A 1 20  ? 6.556   8.836   -0.905  1.00 11.71 ? 20  ARG   A CG  1 
ATOM   106  C  CD  . ARG   A 1 20  ? 6.899   8.895   -2.388  1.00 12.34 ? 20  ARG   A CD  1 
ATOM   107  N  NE  . ARG   A 1 20  ? 8.111   9.644   -2.703  1.00 12.22 ? 20  ARG   A NE  1 
ATOM   108  C  CZ  . ARG   A 1 20  ? 8.156   10.965  -2.870  1.00 13.42 ? 20  ARG   A CZ  1 
ATOM   109  N  NH1 . ARG   A 1 20  ? 7.101   11.717  -2.608  1.00 14.75 ? 20  ARG   A NH1 1 
ATOM   110  N  NH2 . ARG   A 1 20  ? 9.298   11.541  -3.237  1.00 14.42 ? 20  ARG   A NH2 1 
ATOM   111  N  N   . HIS   A 1 21  ? 2.904   9.496   0.656   1.00 13.36 ? 21  HIS   A N   1 
ATOM   112  C  CA  . HIS   A 1 21  ? 2.252   10.802  0.981   1.00 14.58 ? 21  HIS   A CA  1 
ATOM   113  C  C   . HIS   A 1 21  ? 1.928   10.941  2.466   1.00 14.55 ? 21  HIS   A C   1 
ATOM   114  O  O   . HIS   A 1 21  ? 1.707   12.091  2.870   1.00 15.72 ? 21  HIS   A O   1 
ATOM   115  C  CB  . HIS   A 1 21  ? 1.003   11.096  0.140   1.00 14.93 ? 21  HIS   A CB  1 
ATOM   116  C  CG  . HIS   A 1 21  ? -0.143  10.153  0.313   1.00 15.36 ? 21  HIS   A CG  1 
ATOM   117  N  ND1 . HIS   A 1 21  ? -1.287  10.473  1.029   1.00 16.91 ? 21  HIS   A ND1 1 
ATOM   118  C  CD2 . HIS   A 1 21  ? -0.352  8.916   -0.199  1.00 14.59 ? 21  HIS   A CD2 1 
ATOM   119  C  CE1 . HIS   A 1 21  ? -2.140  9.450   0.970   1.00 15.30 ? 21  HIS   A CE1 1 
ATOM   120  N  NE2 . HIS   A 1 21  ? -1.583  8.478   0.222   1.00 17.47 ? 21  HIS   A NE2 1 
ATOM   121  N  N   . LEU   A 1 22  ? 1.927   9.856   3.236   1.00 13.98 ? 22  LEU   A N   1 
ATOM   122  C  CA  . LEU   A 1 22  ? 1.665   9.899   4.695   1.00 15.39 ? 22  LEU   A CA  1 
ATOM   123  C  C   . LEU   A 1 22  ? 2.965   9.735   5.484   1.00 14.98 ? 22  LEU   A C   1 
ATOM   124  O  O   . LEU   A 1 22  ? 2.873   9.687   6.726   1.00 17.58 ? 22  LEU   A O   1 
ATOM   125  C  CB  . LEU   A 1 22  ? 0.646   8.802   5.032   1.00 15.28 ? 22  LEU   A CB  1 
ATOM   126  C  CG  . LEU   A 1 22  ? -0.717  8.954   4.351   1.00 16.95 ? 22  LEU   A CG  1 
ATOM   127  C  CD1 . LEU   A 1 22  ? -1.699  7.905   4.881   1.00 17.37 ? 22  LEU   A CD1 1 
ATOM   128  C  CD2 . LEU   A 1 22  ? -1.293  10.355  4.565   1.00 16.90 ? 22  LEU   A CD2 1 
ATOM   129  N  N   . ALA   A 1 23  ? 4.128   9.580   4.832   1.00 14.51 ? 23  ALA   A N   1 
ATOM   130  C  CA  . ALA   A 1 23  ? 5.397   9.366   5.563   1.00 14.83 ? 23  ALA   A CA  1 
ATOM   131  C  C   . ALA   A 1 23  ? 5.639   10.520  6.540   1.00 13.68 ? 23  ALA   A C   1 
ATOM   132  O  O   . ALA   A 1 23  ? 5.382   11.642  6.193   1.00 14.04 ? 23  ALA   A O   1 
ATOM   133  C  CB  . ALA   A 1 23  ? 6.538   9.254   4.595   1.00 15.49 ? 23  ALA   A CB  1 
ATOM   134  N  N   . THR   A 1 24  ? 6.158   10.230  7.718   1.00 16.41 ? 24  THR   A N   1 
ATOM   135  C  CA  . THR   A 1 24  ? 6.479   11.275  8.724   1.00 17.35 ? 24  THR   A CA  1 
ATOM   136  C  C   . THR   A 1 24  ? 7.909   11.775  8.500   1.00 17.83 ? 24  THR   A C   1 
ATOM   137  O  O   . THR   A 1 24  ? 8.625   11.225  7.672   1.00 16.95 ? 24  THR   A O   1 
ATOM   138  C  CB  . THR   A 1 24  ? 6.339   10.698  10.132  1.00 16.77 ? 24  THR   A CB  1 
ATOM   139  O  OG1 . THR   A 1 24  ? 7.363   9.711   10.266  1.00 16.49 ? 24  THR   A OG1 1 
ATOM   140  C  CG2 . THR   A 1 24  ? 4.940   10.156  10.366  1.00 17.24 ? 24  THR   A CG2 1 
ATOM   141  N  N   . HIS   A 1 25  ? 8.318   12.786  9.269   0.50 18.27 ? 25  HIS   A N   1 
ATOM   142  C  CA  . HIS   A 1 25  ? 9.711   13.298  9.292   0.50 18.89 ? 25  HIS   A CA  1 
ATOM   143  C  C   . HIS   A 1 25  ? 10.672  12.174  9.705   0.50 18.25 ? 25  HIS   A C   1 
ATOM   144  O  O   . HIS   A 1 25  ? 11.766  12.095  9.121   0.50 18.66 ? 25  HIS   A O   1 
ATOM   145  C  CB  . HIS   A 1 25  ? 9.797   14.540  10.186  0.50 20.09 ? 25  HIS   A CB  1 
ATOM   146  C  CG  . HIS   A 1 25  ? 9.089   15.710  9.595   0.50 20.74 ? 25  HIS   A CG  1 
ATOM   147  N  ND1 . HIS   A 1 25  ? 9.758   16.727  8.951   0.50 22.10 ? 25  HIS   A ND1 1 
ATOM   148  C  CD2 . HIS   A 1 25  ? 7.775   16.010  9.518   0.50 21.50 ? 25  HIS   A CD2 1 
ATOM   149  C  CE1 . HIS   A 1 25  ? 8.885   17.615  8.520   0.50 21.92 ? 25  HIS   A CE1 1 
ATOM   150  N  NE2 . HIS   A 1 25  ? 7.662   17.197  8.851   0.50 22.38 ? 25  HIS   A NE2 1 
ATOM   151  N  N   A ASN   A 1 26  ? 10.280  11.316  10.652  0.25 17.69 ? 26  ASN   A N   1 
ATOM   152  N  N   B ASN   A 1 26  ? 10.259  11.303  10.608  0.25 17.01 ? 26  ASN   A N   1 
ATOM   153  C  CA  A ASN   A 1 26  ? 11.136  10.182  11.091  0.25 16.95 ? 26  ASN   A CA  1 
ATOM   154  C  CA  B ASN   A 1 26  ? 11.111  10.183  11.084  0.25 16.02 ? 26  ASN   A CA  1 
ATOM   155  C  C   A ASN   A 1 26  ? 11.261  9.172   9.945   0.25 16.32 ? 26  ASN   A C   1 
ATOM   156  C  C   B ASN   A 1 26  ? 11.246  9.141   9.971   0.25 15.83 ? 26  ASN   A C   1 
ATOM   157  O  O   A ASN   A 1 26  ? 12.371  8.659   9.744   0.25 16.40 ? 26  ASN   A O   1 
ATOM   158  O  O   B ASN   A 1 26  ? 12.345  8.588   9.815   0.25 15.99 ? 26  ASN   A O   1 
ATOM   159  C  CB  A ASN   A 1 26  ? 10.633  9.491   12.358  0.25 16.38 ? 26  ASN   A CB  1 
ATOM   160  C  CB  B ASN   A 1 26  ? 10.577  9.610   12.392  0.25 14.93 ? 26  ASN   A CB  1 
ATOM   161  C  CG  A ASN   A 1 26  ? 11.588  8.411   12.822  0.25 16.76 ? 26  ASN   A CG  1 
ATOM   162  C  CG  B ASN   A 1 26  ? 10.849  10.570  13.524  0.25 14.50 ? 26  ASN   A CG  1 
ATOM   163  O  OD1 A ASN   A 1 26  ? 12.641  8.713   13.383  0.25 15.90 ? 26  ASN   A OD1 1 
ATOM   164  O  OD1 B ASN   A 1 26  ? 11.922  11.164  13.567  0.25 14.06 ? 26  ASN   A OD1 1 
ATOM   165  N  ND2 A ASN   A 1 26  ? 11.235  7.154   12.588  0.25 16.61 ? 26  ASN   A ND2 1 
ATOM   166  N  ND2 B ASN   A 1 26  ? 9.869   10.781  14.382  0.25 13.95 ? 26  ASN   A ND2 1 
ATOM   167  N  N   . ASP   A 1 27  ? 10.164  8.885   9.234   1.00 16.29 ? 27  ASP   A N   1 
ATOM   168  C  CA  . ASP   A 1 27  ? 10.218  8.012   8.031   1.00 16.92 ? 27  ASP   A CA  1 
ATOM   169  C  C   . ASP   A 1 27  ? 11.268  8.558   7.053   1.00 16.28 ? 27  ASP   A C   1 
ATOM   170  O  O   . ASP   A 1 27  ? 12.090  7.779   6.595   1.00 18.15 ? 27  ASP   A O   1 
ATOM   171  C  CB  . ASP   A 1 27  ? 8.859   7.903   7.347   1.00 16.43 ? 27  ASP   A CB  1 
ATOM   172  C  CG  . ASP   A 1 27  ? 7.895   7.014   8.116   1.00 15.58 ? 27  ASP   A CG  1 
ATOM   173  O  OD1 . ASP   A 1 27  ? 8.350   5.972   8.615   1.00 16.22 ? 27  ASP   A OD1 1 
ATOM   174  O  OD2 . ASP   A 1 27  ? 6.737   7.400   8.214   1.00 15.38 ? 27  ASP   A OD2 1 
ATOM   175  N  N   . TRP   A 1 28  ? 11.276  9.865   6.787   1.00 16.85 ? 28  TRP   A N   1 
ATOM   176  C  CA  . TRP   A 1 28  ? 12.229  10.437  5.803   1.00 16.21 ? 28  TRP   A CA  1 
ATOM   177  C  C   . TRP   A 1 28  ? 13.634  10.462  6.416   1.00 16.92 ? 28  TRP   A C   1 
ATOM   178  O  O   . TRP   A 1 28  ? 14.615  10.313  5.681   1.00 18.11 ? 28  TRP   A O   1 
ATOM   179  C  CB  . TRP   A 1 28  ? 11.747  11.816  5.363   1.00 15.81 ? 28  TRP   A CB  1 
ATOM   180  C  CG  . TRP   A 1 28  ? 10.710  11.792  4.282   1.00 15.88 ? 28  TRP   A CG  1 
ATOM   181  C  CD1 . TRP   A 1 28  ? 9.373   12.014  4.428   1.00 15.91 ? 28  TRP   A CD1 1 
ATOM   182  C  CD2 . TRP   A 1 28  ? 10.918  11.521  2.886   1.00 15.70 ? 28  TRP   A CD2 1 
ATOM   183  N  NE1 . TRP   A 1 28  ? 8.737   11.923  3.216   1.00 16.13 ? 28  TRP   A NE1 1 
ATOM   184  C  CE2 . TRP   A 1 28  ? 9.656   11.602  2.256   1.00 15.65 ? 28  TRP   A CE2 1 
ATOM   185  C  CE3 . TRP   A 1 28  ? 12.043  11.218  2.116   1.00 15.82 ? 28  TRP   A CE3 1 
ATOM   186  C  CZ2 . TRP   A 1 28  ? 9.498   11.419  0.882   1.00 14.64 ? 28  TRP   A CZ2 1 
ATOM   187  C  CZ3 . TRP   A 1 28  ? 11.888  11.046  0.758   1.00 15.98 ? 28  TRP   A CZ3 1 
ATOM   188  C  CH2 . TRP   A 1 28  ? 10.633  11.129  0.157   1.00 16.08 ? 28  TRP   A CH2 1 
ATOM   189  N  N   . ALA   A 1 29  ? 13.737  10.641  7.735   1.00 17.88 ? 29  ALA   A N   1 
ATOM   190  C  CA  . ALA   A 1 29  ? 15.049  10.667  8.424   1.00 19.50 ? 29  ALA   A CA  1 
ATOM   191  C  C   . ALA   A 1 29  ? 15.671  9.259   8.411   1.00 20.34 ? 29  ALA   A C   1 
ATOM   192  O  O   . ALA   A 1 29  ? 16.916  9.159   8.466   1.00 20.03 ? 29  ALA   A O   1 
ATOM   193  C  CB  . ALA   A 1 29  ? 14.910  11.187  9.830   1.00 19.61 ? 29  ALA   A CB  1 
ATOM   194  N  N   . ASN   A 1 30  ? 14.844  8.206   8.343   1.00 18.94 ? 30  ASN   A N   1 
ATOM   195  C  CA  . ASN   A 1 30  ? 15.310  6.790   8.370   1.00 20.28 ? 30  ASN   A CA  1 
ATOM   196  C  C   . ASN   A 1 30  ? 14.971  6.130   7.030   1.00 18.66 ? 30  ASN   A C   1 
ATOM   197  O  O   . ASN   A 1 30  ? 14.676  4.916   7.028   1.00 19.17 ? 30  ASN   A O   1 
ATOM   198  C  CB  . ASN   A 1 30  ? 14.705  6.056   9.571   1.00 20.82 ? 30  ASN   A CB  1 
ATOM   199  C  CG  . ASN   A 1 30  ? 15.268  6.576   10.874  1.00 22.84 ? 30  ASN   A CG  1 
ATOM   200  O  OD1 . ASN   A 1 30  ? 16.391  6.217   11.240  1.00 22.76 ? 30  ASN   A OD1 1 
ATOM   201  N  ND2 . ASN   A 1 30  ? 14.525  7.451   11.526  1.00 22.75 ? 30  ASN   A ND2 1 
ATOM   202  N  N   . LEU   A 1 31  ? 14.999  6.906   5.938   1.00 16.76 ? 31  LEU   A N   1 
ATOM   203  C  CA  . LEU   A 1 31  ? 14.631  6.433   4.573   1.00 17.26 ? 31  LEU   A CA  1 
ATOM   204  C  C   . LEU   A 1 31  ? 15.491  5.234   4.175   1.00 16.38 ? 31  LEU   A C   1 
ATOM   205  O  O   . LEU   A 1 31  ? 16.727  5.320   4.247   1.00 18.28 ? 31  LEU   A O   1 
ATOM   206  C  CB  . LEU   A 1 31  ? 14.810  7.572   3.560   1.00 15.96 ? 31  LEU   A CB  1 
ATOM   207  C  CG  . LEU   A 1 31  ? 14.507  7.222   2.110   1.00 16.19 ? 31  LEU   A CG  1 
ATOM   208  C  CD1 . LEU   A 1 31  ? 13.047  6.800   1.976   1.00 15.99 ? 31  LEU   A CD1 1 
ATOM   209  C  CD2 . LEU   A 1 31  ? 14.794  8.404   1.184   1.00 15.48 ? 31  LEU   A CD2 1 
ATOM   210  N  N   . VAL   A 1 32  ? 14.854  4.157   3.725   1.00 15.98 ? 32  VAL   A N   1 
ATOM   211  C  CA  . VAL   A 1 32  ? 15.537  3.020   3.051   1.00 16.57 ? 32  VAL   A CA  1 
ATOM   212  C  C   . VAL   A 1 32  ? 15.299  3.135   1.538   1.00 16.54 ? 32  VAL   A C   1 
ATOM   213  O  O   . VAL   A 1 32  ? 16.235  3.021   0.765   1.00 17.79 ? 32  VAL   A O   1 
ATOM   214  C  CB  . VAL   A 1 32  ? 15.042  1.683   3.626   1.00 17.25 ? 32  VAL   A CB  1 
ATOM   215  C  CG1 . VAL   A 1 32  ? 15.622  0.479   2.891   1.00 17.77 ? 32  VAL   A CG1 1 
ATOM   216  C  CG2 . VAL   A 1 32  ? 15.322  1.594   5.123   1.00 17.41 ? 32  VAL   A CG2 1 
ATOM   217  N  N   . TRP   A 1 33  ? 14.055  3.369   1.131   1.00 17.44 ? 33  TRP   A N   1 
ATOM   218  C  CA  . TRP   A 1 33  ? 13.647  3.344   -0.294  1.00 15.69 ? 33  TRP   A CA  1 
ATOM   219  C  C   . TRP   A 1 33  ? 12.313  4.078   -0.437  1.00 14.08 ? 33  TRP   A C   1 
ATOM   220  O  O   . TRP   A 1 33  ? 11.465  3.948   0.452   1.00 13.63 ? 33  TRP   A O   1 
ATOM   221  C  CB  . TRP   A 1 33  ? 13.550  1.896   -0.777  1.00 15.71 ? 33  TRP   A CB  1 
ATOM   222  C  CG  . TRP   A 1 33  ? 12.981  1.748   -2.150  1.00 16.74 ? 33  TRP   A CG  1 
ATOM   223  C  CD1 . TRP   A 1 33  ? 13.639  1.873   -3.341  1.00 19.19 ? 33  TRP   A CD1 1 
ATOM   224  C  CD2 . TRP   A 1 33  ? 11.611  1.462   -2.489  1.00 16.52 ? 33  TRP   A CD2 1 
ATOM   225  N  NE1 . TRP   A 1 33  ? 12.773  1.656   -4.387  1.00 18.86 ? 33  TRP   A NE1 1 
ATOM   226  C  CE2 . TRP   A 1 33  ? 11.522  1.415   -3.899  1.00 17.43 ? 33  TRP   A CE2 1 
ATOM   227  C  CE3 . TRP   A 1 33  ? 10.466  1.215   -1.738  1.00 15.93 ? 33  TRP   A CE3 1 
ATOM   228  C  CZ2 . TRP   A 1 33  ? 10.331  1.113   -4.560  1.00 16.20 ? 33  TRP   A CZ2 1 
ATOM   229  C  CZ3 . TRP   A 1 33  ? 9.288   0.942   -2.382  1.00 16.32 ? 33  TRP   A CZ3 1 
ATOM   230  C  CH2 . TRP   A 1 33  ? 9.228   0.892   -3.775  1.00 16.07 ? 33  TRP   A CH2 1 
ATOM   231  N  N   . GLU   A 1 34  ? 12.149  4.844   -1.509  1.00 13.01 ? 34  GLU   A N   1 
ATOM   232  C  CA  . GLU   A 1 34  ? 10.867  5.495   -1.827  1.00 13.32 ? 34  GLU   A CA  1 
ATOM   233  C  C   . GLU   A 1 34  ? 10.697  5.500   -3.337  1.00 12.69 ? 34  GLU   A C   1 
ATOM   234  O  O   . GLU   A 1 34  ? 11.702  5.588   -4.074  1.00 12.86 ? 34  GLU   A O   1 
ATOM   235  C  CB  . GLU   A 1 34  ? 10.755  6.884   -1.201  1.00 12.83 ? 34  GLU   A CB  1 
ATOM   236  C  CG  . GLU   A 1 34  ? 11.887  7.818   -1.587  1.00 13.54 ? 34  GLU   A CG  1 
ATOM   237  C  CD  . GLU   A 1 34  ? 11.733  8.524   -2.922  1.00 14.40 ? 34  GLU   A CD  1 
ATOM   238  O  OE1 . GLU   A 1 34  ? 12.790  8.884   -3.503  1.00 16.01 ? 34  GLU   A OE1 1 
ATOM   239  O  OE2 . GLU   A 1 34  ? 10.577  8.701   -3.385  1.00 13.86 ? 34  GLU   A OE2 1 
ATOM   240  N  N   . ASP   A 1 35  ? 9.441   5.419   -3.764  1.00 12.91 ? 35  ASP   A N   1 
ATOM   241  C  CA  . ASP   A 1 35  ? 9.084   5.540   -5.190  1.00 13.00 ? 35  ASP   A CA  1 
ATOM   242  C  C   . ASP   A 1 35  ? 7.813   6.383   -5.273  1.00 13.54 ? 35  ASP   A C   1 
ATOM   243  O  O   . ASP   A 1 35  ? 6.728   5.905   -4.884  1.00 12.38 ? 35  ASP   A O   1 
ATOM   244  C  CB  . ASP   A 1 35  ? 8.995   4.149   -5.798  1.00 12.78 ? 35  ASP   A CB  1 
ATOM   245  C  CG  . ASP   A 1 35  ? 8.778   4.195   -7.298  1.00 13.52 ? 35  ASP   A CG  1 
ATOM   246  O  OD1 . ASP   A 1 35  ? 8.011   5.067   -7.742  1.00 16.56 ? 35  ASP   A OD1 1 
ATOM   247  O  OD2 . ASP   A 1 35  ? 9.354   3.332   -7.987  1.00 15.83 ? 35  ASP   A OD2 1 
ATOM   248  N  N   A SER   A 1 36  ? 7.941   7.619   -5.757  0.36 12.89 ? 36  SER   A N   1 
ATOM   249  N  N   B SER   A 1 36  ? 7.955   7.619   -5.759  0.35 13.72 ? 36  SER   A N   1 
ATOM   250  C  CA  A SER   A 1 36  ? 6.819   8.586   -5.872  0.36 13.29 ? 36  SER   A CA  1 
ATOM   251  C  CA  B SER   A 1 36  ? 6.862   8.615   -5.902  0.35 14.69 ? 36  SER   A CA  1 
ATOM   252  C  C   A SER   A 1 36  ? 5.740   7.994   -6.781  0.36 13.65 ? 36  SER   A C   1 
ATOM   253  C  C   B SER   A 1 36  ? 5.761   8.036   -6.798  0.35 14.47 ? 36  SER   A C   1 
ATOM   254  O  O   A SER   A 1 36  ? 4.553   8.044   -6.396  0.36 13.96 ? 36  SER   A O   1 
ATOM   255  O  O   B SER   A 1 36  ? 4.578   8.138   -6.415  0.35 14.90 ? 36  SER   A O   1 
ATOM   256  C  CB  A SER   A 1 36  ? 7.272   9.925   -6.373  0.36 13.26 ? 36  SER   A CB  1 
ATOM   257  C  CB  B SER   A 1 36  ? 7.383   9.936   -6.422  0.35 15.56 ? 36  SER   A CB  1 
ATOM   258  O  OG  A SER   A 1 36  ? 6.187   10.840  -6.362  0.36 12.05 ? 36  SER   A OG  1 
ATOM   259  O  OG  B SER   A 1 36  ? 8.350   9.748   -7.447  0.35 16.63 ? 36  SER   A OG  1 
ATOM   260  N  N   . SER   A 1 37  ? 6.169   7.380   -7.889  1.00 14.64 ? 37  SER   A N   1 
ATOM   261  C  CA  . SER   A 1 37  ? 5.258   6.781   -8.889  1.00 15.01 ? 37  SER   A CA  1 
ATOM   262  C  C   . SER   A 1 37  ? 4.446   5.628   -8.287  1.00 15.03 ? 37  SER   A C   1 
ATOM   263  O  O   . SER   A 1 37  ? 3.378   5.371   -8.829  1.00 15.00 ? 37  SER   A O   1 
ATOM   264  C  CB  . SER   A 1 37  ? 5.993   6.369   -10.123 1.00 16.18 ? 37  SER   A CB  1 
ATOM   265  O  OG  . SER   A 1 37  ? 6.485   5.060   -9.992  1.00 17.40 ? 37  SER   A OG  1 
ATOM   266  N  N   . ARG   A 1 38  ? 4.889   5.011   -7.186  1.00 12.88 ? 38  ARG   A N   1 
ATOM   267  C  CA  . ARG   A 1 38  ? 4.186   3.883   -6.508  1.00 13.01 ? 38  ARG   A CA  1 
ATOM   268  C  C   . ARG   A 1 38  ? 3.458   4.362   -5.244  1.00 12.82 ? 38  ARG   A C   1 
ATOM   269  O  O   . ARG   A 1 38  ? 2.737   3.539   -4.644  1.00 12.82 ? 38  ARG   A O   1 
ATOM   270  C  CB  . ARG   A 1 38  ? 5.182   2.796   -6.102  1.00 13.40 ? 38  ARG   A CB  1 
ATOM   271  C  CG  . ARG   A 1 38  ? 5.852   2.135   -7.290  1.00 12.96 ? 38  ARG   A CG  1 
ATOM   272  C  CD  . ARG   A 1 38  ? 6.796   1.021   -6.920  1.00 13.65 ? 38  ARG   A CD  1 
ATOM   273  N  NE  . ARG   A 1 38  ? 6.150   -0.121  -6.301  1.00 12.56 ? 38  ARG   A NE  1 
ATOM   274  C  CZ  . ARG   A 1 38  ? 6.585   -1.387  -6.349  1.00 12.77 ? 38  ARG   A CZ  1 
ATOM   275  N  NH1 . ARG   A 1 38  ? 7.689   -1.698  -7.009  1.00 14.07 ? 38  ARG   A NH1 1 
ATOM   276  N  NH2 . ARG   A 1 38  ? 5.903   -2.344  -5.752  1.00 12.42 ? 38  ARG   A NH2 1 
ATOM   277  N  N   . ASP   A 1 39  ? 3.692   5.608   -4.796  1.00 12.29 ? 39  ASP   A N   1 
ATOM   278  C  CA  . ASP   A 1 39  ? 3.157   6.066   -3.485  1.00 12.28 ? 39  ASP   A CA  1 
ATOM   279  C  C   . ASP   A 1 39  ? 3.639   5.157   -2.353  1.00 11.48 ? 39  ASP   A C   1 
ATOM   280  O  O   . ASP   A 1 39  ? 2.852   4.976   -1.417  1.00 11.39 ? 39  ASP   A O   1 
ATOM   281  C  CB  . ASP   A 1 39  ? 1.623   6.041   -3.450  1.00 12.27 ? 39  ASP   A CB  1 
ATOM   282  C  CG  . ASP   A 1 39  ? 1.018   6.672   -2.197  1.00 13.09 ? 39  ASP   A CG  1 
ATOM   283  O  OD1 . ASP   A 1 39  ? 1.625   7.643   -1.677  1.00 13.09 ? 39  ASP   A OD1 1 
ATOM   284  O  OD2 . ASP   A 1 39  ? -0.043  6.168   -1.705  1.00 12.48 ? 39  ASP   A OD2 1 
ATOM   285  N  N   . LEU   A 1 40  ? 4.892   4.686   -2.396  1.00 10.99 ? 40  LEU   A N   1 
ATOM   286  C  CA  . LEU   A 1 40  ? 5.459   3.856   -1.307  1.00 10.60 ? 40  LEU   A CA  1 
ATOM   287  C  C   . LEU   A 1 40  ? 6.712   4.515   -0.762  1.00 10.77 ? 40  LEU   A C   1 
ATOM   288  O  O   . LEU   A 1 40  ? 7.494   5.071   -1.536  1.00 10.99 ? 40  LEU   A O   1 
ATOM   289  C  CB  . LEU   A 1 40  ? 5.840   2.475   -1.826  1.00 10.89 ? 40  LEU   A CB  1 
ATOM   290  C  CG  . LEU   A 1 40  ? 4.688   1.519   -2.099  1.00 10.48 ? 40  LEU   A CG  1 
ATOM   291  C  CD1 . LEU   A 1 40  ? 5.236   0.142   -2.400  1.00 11.07 ? 40  LEU   A CD1 1 
ATOM   292  C  CD2 . LEU   A 1 40  ? 3.697   1.442   -0.951  1.00 11.49 ? 40  LEU   A CD2 1 
ATOM   293  N  N   . LEU   A 1 41  ? 6.898   4.363   0.537   1.00 10.44 ? 41  LEU   A N   1 
ATOM   294  C  CA  . LEU   A 1 41  ? 8.155   4.722   1.229   1.00 10.68 ? 41  LEU   A CA  1 
ATOM   295  C  C   . LEU   A 1 41  ? 8.395   3.649   2.283   1.00 10.87 ? 41  LEU   A C   1 
ATOM   296  O  O   . LEU   A 1 41  ? 7.414   3.214   2.915   1.00 11.63 ? 41  LEU   A O   1 
ATOM   297  C  CB  . LEU   A 1 41  ? 8.046   6.117   1.841   1.00 10.88 ? 41  LEU   A CB  1 
ATOM   298  C  CG  . LEU   A 1 41  ? 9.275   6.608   2.598   1.00 11.83 ? 41  LEU   A CG  1 
ATOM   299  C  CD1 . LEU   A 1 41  ? 9.382   8.119   2.547   1.00 11.89 ? 41  LEU   A CD1 1 
ATOM   300  C  CD2 . LEU   A 1 41  ? 9.249   6.155   4.049   1.00 12.27 ? 41  LEU   A CD2 1 
ATOM   301  N  N   . VAL   A 1 42  ? 9.628   3.197   2.390   1.00 11.21 ? 42  VAL   A N   1 
ATOM   302  C  CA  . VAL   A 1 42  ? 10.088  2.239   3.418   1.00 12.24 ? 42  VAL   A CA  1 
ATOM   303  C  C   . VAL   A 1 42  ? 11.128  2.964   4.273   1.00 12.70 ? 42  VAL   A C   1 
ATOM   304  O  O   . VAL   A 1 42  ? 12.073  3.526   3.714   1.00 13.58 ? 42  VAL   A O   1 
ATOM   305  C  CB  . VAL   A 1 42  ? 10.633  0.971   2.754   1.00 12.58 ? 42  VAL   A CB  1 
ATOM   306  C  CG1 . VAL   A 1 42  ? 11.160  -0.010  3.786   1.00 13.64 ? 42  VAL   A CG1 1 
ATOM   307  C  CG2 . VAL   A 1 42  ? 9.599   0.322   1.832   1.00 12.53 ? 42  VAL   A CG2 1 
ATOM   308  N  N   . SER   A 1 43  ? 10.923  2.940   5.583   1.00 14.68 ? 43  SER   A N   1 
ATOM   309  C  CA  . SER   A 1 43  ? 11.890  3.454   6.580   1.00 14.85 ? 43  SER   A CA  1 
ATOM   310  C  C   . SER   A 1 43  ? 12.412  2.310   7.458   1.00 16.36 ? 43  SER   A C   1 
ATOM   311  O  O   . SER   A 1 43  ? 11.796  1.239   7.498   1.00 17.98 ? 43  SER   A O   1 
ATOM   312  C  CB  . SER   A 1 43  ? 11.285  4.571   7.390   1.00 14.56 ? 43  SER   A CB  1 
ATOM   313  O  OG  . SER   A 1 43  ? 10.093  4.182   8.052   1.00 14.41 ? 43  SER   A OG  1 
ATOM   314  N  N   . SER   A 1 44  ? 13.543  2.531   8.119   1.00 17.60 ? 44  SER   A N   1 
ATOM   315  C  CA  . SER   A 1 44  ? 14.173  1.561   9.035   1.00 20.06 ? 44  SER   A CA  1 
ATOM   316  C  C   . SER   A 1 44  ? 13.552  1.676   10.428  1.00 19.96 ? 44  SER   A C   1 
ATOM   317  O  O   . SER   A 1 44  ? 13.157  2.768   10.823  1.00 21.04 ? 44  SER   A O   1 
ATOM   318  C  CB  . SER   A 1 44  ? 15.663  1.749   9.042   1.00 21.54 ? 44  SER   A CB  1 
ATOM   319  O  OG  . SER   A 1 44  ? 15.987  3.053   9.484   1.00 24.89 ? 44  SER   A OG  1 
ATOM   320  N  N   . THR   A 1 45  ? 13.449  0.557   11.132  1.00 22.70 ? 45  THR   A N   1 
ATOM   321  C  CA  . THR   A 1 45  ? 12.854  0.473   12.488  1.00 23.27 ? 45  THR   A CA  1 
ATOM   322  C  C   . THR   A 1 45  ? 13.896  -0.151  13.408  1.00 27.60 ? 45  THR   A C   1 
ATOM   323  O  O   . THR   A 1 45  ? 14.633  -1.042  12.929  1.00 29.99 ? 45  THR   A O   1 
ATOM   324  C  CB  . THR   A 1 45  ? 11.599  -0.417  12.512  1.00 24.27 ? 45  THR   A CB  1 
ATOM   325  O  OG1 . THR   A 1 45  ? 12.033  -1.747  12.226  1.00 25.71 ? 45  THR   A OG1 1 
ATOM   326  C  CG2 . THR   A 1 45  ? 10.541  -0.023  11.505  1.00 24.41 ? 45  THR   A CG2 1 
ATOM   327  N  N   . THR   A 1 46  ? 13.879  0.226   14.684  1.00 30.93 ? 46  THR   A N   1 
ATOM   328  C  CA  . THR   A 1 46  ? 14.726  -0.388  15.742  1.00 33.29 ? 46  THR   A CA  1 
ATOM   329  C  C   . THR   A 1 46  ? 14.087  -1.717  16.170  1.00 34.78 ? 46  THR   A C   1 
ATOM   330  O  O   . THR   A 1 46  ? 14.814  -2.709  16.271  1.00 39.17 ? 46  THR   A O   1 
ATOM   331  C  CB  . THR   A 1 46  ? 14.952  0.613   16.879  1.00 33.54 ? 46  THR   A CB  1 
ATOM   332  O  OG1 . THR   A 1 46  ? 13.694  1.158   17.274  1.00 31.32 ? 46  THR   A OG1 1 
ATOM   333  C  CG2 . THR   A 1 46  ? 15.850  1.761   16.477  1.00 35.54 ? 46  THR   A CG2 1 
ATOM   334  N  N   . ALA   A 1 47  ? 12.768  -1.751  16.360  1.00 33.54 ? 47  ALA   A N   1 
ATOM   335  C  CA  . ALA   A 1 47  ? 12.020  -2.973  16.753  1.00 35.23 ? 47  ALA   A CA  1 
ATOM   336  C  C   . ALA   A 1 47  ? 11.827  -3.881  15.532  1.00 37.10 ? 47  ALA   A C   1 
ATOM   337  O  O   . ALA   A 1 47  ? 11.573  -3.354  14.429  1.00 34.64 ? 47  ALA   A O   1 
ATOM   338  C  CB  . ALA   A 1 47  ? 10.695  -2.605  17.375  1.00 33.54 ? 47  ALA   A CB  1 
ATOM   339  N  N   . GLN   A 1 48  ? 11.945  -5.198  15.736  1.00 39.50 ? 48  GLN   A N   1 
ATOM   340  C  CA  . GLN   A 1 48  ? 11.726  -6.247  14.704  1.00 39.64 ? 48  GLN   A CA  1 
ATOM   341  C  C   . GLN   A 1 48  ? 10.232  -6.320  14.364  1.00 37.34 ? 48  GLN   A C   1 
ATOM   342  O  O   . GLN   A 1 48  ? 9.436   -6.456  15.292  1.00 38.28 ? 48  GLN   A O   1 
ATOM   343  C  CB  . GLN   A 1 48  ? 12.251  -7.595  15.205  1.00 44.51 ? 48  GLN   A CB  1 
ATOM   344  C  CG  . GLN   A 1 48  ? 13.687  -7.876  14.791  1.00 48.04 ? 48  GLN   A CG  1 
ATOM   345  C  CD  . GLN   A 1 48  ? 13.785  -8.407  13.383  1.00 54.41 ? 48  GLN   A CD  1 
ATOM   346  O  OE1 . GLN   A 1 48  ? 12.793  -8.801  12.772  1.00 62.43 ? 48  GLN   A OE1 1 
ATOM   347  N  NE2 . GLN   A 1 48  ? 14.997  -8.434  12.855  1.00 58.59 ? 48  GLN   A NE2 1 
ATOM   348  N  N   . GLY   A 1 49  ? 9.875   -6.223  13.082  1.00 34.99 ? 49  GLY   A N   1 
ATOM   349  C  CA  . GLY   A 1 49  ? 8.502   -6.443  12.585  1.00 32.77 ? 49  GLY   A CA  1 
ATOM   350  C  C   . GLY   A 1 49  ? 8.196   -7.917  12.335  1.00 30.15 ? 49  GLY   A C   1 
ATOM   351  O  O   . GLY   A 1 49  ? 9.122   -8.673  12.022  1.00 31.16 ? 49  GLY   A O   1 
ATOM   352  N  N   . CYS   A 1 50  ? 6.922   -8.305  12.414  1.00 29.71 ? 50  CYS   A N   1 
ATOM   353  C  CA  . CYS   A 1 50  ? 6.473   -9.722  12.343  1.00 30.78 ? 50  CYS   A CA  1 
ATOM   354  C  C   . CYS   A 1 50  ? 5.433   -9.981  11.249  1.00 25.27 ? 50  CYS   A C   1 
ATOM   355  O  O   . CYS   A 1 50  ? 4.937   -11.132 11.184  1.00 25.88 ? 50  CYS   A O   1 
ATOM   356  C  CB  . CYS   A 1 50  ? 5.895   -10.118 13.693  1.00 35.74 ? 50  CYS   A CB  1 
ATOM   357  S  SG  . CYS   A 1 50  ? 7.203   -10.473 14.886  1.00 44.38 ? 50  CYS   A SG  1 
ATOM   358  N  N   . ASP   A 1 51  ? 5.117   -8.998  10.397  1.00 24.61 ? 51  ASP   A N   1 
ATOM   359  C  CA  . ASP   A 1 51  ? 4.198   -9.204  9.242   1.00 23.79 ? 51  ASP   A CA  1 
ATOM   360  C  C   . ASP   A 1 51  ? 4.895   -10.121 8.226   1.00 21.60 ? 51  ASP   A C   1 
ATOM   361  O  O   . ASP   A 1 51  ? 6.137   -10.061 8.114   1.00 24.62 ? 51  ASP   A O   1 
ATOM   362  C  CB  . ASP   A 1 51  ? 3.746   -7.870  8.625   1.00 25.98 ? 51  ASP   A CB  1 
ATOM   363  C  CG  . ASP   A 1 51  ? 2.666   -7.120  9.393   1.00 33.07 ? 51  ASP   A CG  1 
ATOM   364  O  OD1 . ASP   A 1 51  ? 1.681   -7.786  9.749   1.00 39.10 ? 51  ASP   A OD1 1 
ATOM   365  O  OD2 . ASP   A 1 51  ? 2.790   -5.851  9.609   1.00 31.49 ? 51  ASP   A OD2 1 
ATOM   366  N  N   . THR   A 1 52  ? 4.111   -10.906 7.491   1.00 18.25 ? 52  THR   A N   1 
ATOM   367  C  CA  . THR   A 1 52  ? 4.545   -11.757 6.352   1.00 17.73 ? 52  THR   A CA  1 
ATOM   368  C  C   . THR   A 1 52  ? 4.117   -11.071 5.047   1.00 15.99 ? 52  THR   A C   1 
ATOM   369  O  O   . THR   A 1 52  ? 2.955   -10.731 4.941   1.00 16.04 ? 52  THR   A O   1 
ATOM   370  C  CB  . THR   A 1 52  ? 3.946   -13.165 6.493   1.00 20.59 ? 52  THR   A CB  1 
ATOM   371  O  OG1 . THR   A 1 52  ? 4.497   -13.749 7.683   1.00 21.27 ? 52  THR   A OG1 1 
ATOM   372  C  CG2 . THR   A 1 52  ? 4.235   -14.062 5.307   1.00 21.58 ? 52  THR   A CG2 1 
ATOM   373  N  N   . ILE   A 1 53  ? 5.042   -10.849 4.108   1.00 15.03 ? 53  ILE   A N   1 
ATOM   374  C  CA  . ILE   A 1 53  ? 4.715   -10.356 2.751   1.00 13.69 ? 53  ILE   A CA  1 
ATOM   375  C  C   . ILE   A 1 53  ? 4.338   -11.571 1.914   1.00 13.97 ? 53  ILE   A C   1 
ATOM   376  O  O   . ILE   A 1 53  ? 5.080   -12.569 1.886   1.00 13.44 ? 53  ILE   A O   1 
ATOM   377  C  CB  . ILE   A 1 53  ? 5.856   -9.538  2.116   1.00 13.55 ? 53  ILE   A CB  1 
ATOM   378  C  CG1 . ILE   A 1 53  ? 6.386   -8.495  3.097   1.00 14.97 ? 53  ILE   A CG1 1 
ATOM   379  C  CG2 . ILE   A 1 53  ? 5.407   -8.888  0.809   1.00 13.49 ? 53  ILE   A CG2 1 
ATOM   380  C  CD1 . ILE   A 1 53  ? 5.355   -7.498  3.531   1.00 15.48 ? 53  ILE   A CD1 1 
ATOM   381  N  N   . ALA   A 1 54  ? 3.199   -11.474 1.248   1.00 13.75 ? 54  ALA   A N   1 
ATOM   382  C  CA  . ALA   A 1 54  ? 2.738   -12.451 0.242   1.00 14.67 ? 54  ALA   A CA  1 
ATOM   383  C  C   . ALA   A 1 54  ? 3.757   -12.524 -0.902  1.00 14.63 ? 54  ALA   A C   1 
ATOM   384  O  O   . ALA   A 1 54  ? 4.165   -11.477 -1.405  1.00 13.18 ? 54  ALA   A O   1 
ATOM   385  C  CB  . ALA   A 1 54  ? 1.366   -12.033 -0.238  1.00 14.38 ? 54  ALA   A CB  1 
ATOM   386  N  N   . ARG   A 1 55  ? 4.120   -13.740 -1.337  1.00 15.04 ? 55  ARG   A N   1 
ATOM   387  C  CA  . ARG   A 1 55  ? 4.912   -13.945 -2.578  1.00 13.85 ? 55  ARG   A CA  1 
ATOM   388  C  C   . ARG   A 1 55  ? 4.082   -14.844 -3.492  1.00 13.73 ? 55  ARG   A C   1 
ATOM   389  O  O   . ARG   A 1 55  ? 4.114   -16.080 -3.340  1.00 15.74 ? 55  ARG   A O   1 
ATOM   390  C  CB  . ARG   A 1 55  ? 6.311   -14.479 -2.268  1.00 15.14 ? 55  ARG   A CB  1 
ATOM   391  C  CG  . ARG   A 1 55  ? 7.054   -13.667 -1.216  1.00 15.33 ? 55  ARG   A CG  1 
ATOM   392  C  CD  . ARG   A 1 55  ? 7.425   -12.241 -1.652  1.00 16.75 ? 55  ARG   A CD  1 
ATOM   393  N  NE  . ARG   A 1 55  ? 8.177   -11.550 -0.592  1.00 17.69 ? 55  ARG   A NE  1 
ATOM   394  C  CZ  . ARG   A 1 55  ? 8.439   -10.238 -0.566  1.00 16.33 ? 55  ARG   A CZ  1 
ATOM   395  N  NH1 . ARG   A 1 55  ? 8.020   -9.445  -1.535  1.00 15.60 ? 55  ARG   A NH1 1 
ATOM   396  N  NH2 . ARG   A 1 55  ? 9.083   -9.703  0.459   1.00 15.56 ? 55  ARG   A NH2 1 
ATOM   397  N  N   . CYS   A 1 56  ? 3.341   -14.251 -4.410  1.00 13.44 ? 56  CYS   A N   1 
ATOM   398  C  CA  . CYS   A 1 56  ? 2.222   -14.931 -5.108  1.00 13.27 ? 56  CYS   A CA  1 
ATOM   399  C  C   . CYS   A 1 56  ? 1.669   -14.011 -6.190  1.00 13.54 ? 56  CYS   A C   1 
ATOM   400  O  O   . CYS   A 1 56  ? 2.064   -12.843 -6.228  1.00 13.47 ? 56  CYS   A O   1 
ATOM   401  C  CB  . CYS   A 1 56  ? 1.082   -15.289 -4.157  1.00 13.64 ? 56  CYS   A CB  1 
ATOM   402  S  SG  . CYS   A 1 56  ? 0.231   -13.814 -3.515  1.00 14.08 ? 56  CYS   A SG  1 
ATOM   403  N  N   . ASP   A 1 57  ? 0.770   -14.509 -7.040  1.00 16.26 ? 57  ASP   A N   1 
ATOM   404  C  CA  . ASP   A 1 57  ? -0.001  -13.619 -7.934  1.00 17.74 ? 57  ASP   A CA  1 
ATOM   405  C  C   . ASP   A 1 57  ? -1.491  -13.861 -7.710  1.00 15.85 ? 57  ASP   A C   1 
ATOM   406  O  O   . ASP   A 1 57  ? -2.232  -13.718 -8.646  1.00 15.37 ? 57  ASP   A O   1 
ATOM   407  C  CB  . ASP   A 1 57  ? 0.379   -13.715 -9.414  1.00 22.25 ? 57  ASP   A CB  1 
ATOM   408  C  CG  . ASP   A 1 57  ? -0.069  -15.015 -9.994  1.00 22.76 ? 57  ASP   A CG  1 
ATOM   409  O  OD1 . ASP   A 1 57  ? -0.316  -15.919 -9.168  1.00 24.57 ? 57  ASP   A OD1 1 
ATOM   410  O  OD2 . ASP   A 1 57  ? -0.184  -15.083 -11.254 1.00 28.73 ? 57  ASP   A OD2 1 
ATOM   411  N  N   . CYS   A 1 58  ? -1.909  -14.023 -6.454  1.00 14.71 ? 58  CYS   A N   1 
ATOM   412  C  CA  . CYS   A 1 58  ? -3.348  -13.913 -6.089  1.00 14.11 ? 58  CYS   A CA  1 
ATOM   413  C  C   . CYS   A 1 58  ? -3.984  -12.628 -6.620  1.00 13.88 ? 58  CYS   A C   1 
ATOM   414  O  O   . CYS   A 1 58  ? -3.321  -11.554 -6.687  1.00 13.10 ? 58  CYS   A O   1 
ATOM   415  C  CB  . CYS   A 1 58  ? -3.570  -13.887 -4.591  1.00 14.38 ? 58  CYS   A CB  1 
ATOM   416  S  SG  . CYS   A 1 58  ? -3.136  -15.439 -3.779  1.00 15.02 ? 58  CYS   A SG  1 
ATOM   417  N  N   . GLN   A 1 59  ? -5.247  -12.761 -6.994  1.00 13.34 ? 59  GLN   A N   1 
ATOM   418  C  CA  . GLN   A 1 59  ? -6.084  -11.634 -7.450  1.00 12.91 ? 59  GLN   A CA  1 
ATOM   419  C  C   . GLN   A 1 59  ? -7.324  -11.591 -6.574  1.00 11.88 ? 59  GLN   A C   1 
ATOM   420  O  O   . GLN   A 1 59  ? -8.254  -10.911 -6.920  1.00 11.49 ? 59  GLN   A O   1 
ATOM   421  C  CB  . GLN   A 1 59  ? -6.417  -11.751 -8.929  1.00 13.92 ? 59  GLN   A CB  1 
ATOM   422  C  CG  . GLN   A 1 59  ? -5.288  -11.266 -9.814  1.00 15.84 ? 59  GLN   A CG  1 
ATOM   423  C  CD  . GLN   A 1 59  ? -5.794  -11.108 -11.227 1.00 16.67 ? 59  GLN   A CD  1 
ATOM   424  O  OE1 . GLN   A 1 59  ? -6.513  -10.156 -11.598 1.00 19.80 ? 59  GLN   A OE1 1 
ATOM   425  N  NE2 . GLN   A 1 59  ? -5.386  -12.032 -12.064 1.00 18.32 ? 59  GLN   A NE2 1 
ATOM   426  N  N   . THR   A 1 60  ? -7.314  -12.268 -5.446  1.00 11.92 ? 60  THR   A N   1 
ATOM   427  C  CA  . THR   A 1 60  ? -8.365  -12.100 -4.412  1.00 13.11 ? 60  THR   A CA  1 
ATOM   428  C  C   . THR   A 1 60  ? -7.705  -11.918 -3.047  1.00 12.60 ? 60  THR   A C   1 
ATOM   429  O  O   . THR   A 1 60  ? -6.594  -12.387 -2.818  1.00 13.92 ? 60  THR   A O   1 
ATOM   430  C  CB  . THR   A 1 60  ? -9.365  -13.258 -4.368  1.00 14.64 ? 60  THR   A CB  1 
ATOM   431  O  OG1 . THR   A 1 60  ? -8.658  -14.432 -3.983  1.00 17.39 ? 60  THR   A OG1 1 
ATOM   432  C  CG2 . THR   A 1 60  ? -10.047 -13.510 -5.690  1.00 14.40 ? 60  THR   A CG2 1 
ATOM   433  N  N   . GLY   A 1 61  ? -8.399  -11.205 -2.176  1.00 12.26 ? 61  GLY   A N   1 
ATOM   434  C  CA  . GLY   A 1 61  ? -7.960  -10.989 -0.803  1.00 11.62 ? 61  GLY   A CA  1 
ATOM   435  C  C   . GLY   A 1 61  ? -8.962  -10.165 -0.049  1.00 10.97 ? 61  GLY   A C   1 
ATOM   436  O  O   . GLY   A 1 61  ? -10.063 -9.968  -0.527  1.00 11.40 ? 61  GLY   A O   1 
ATOM   437  N  N   . VAL   A 1 62  ? -8.526  -9.667  1.094   1.00 10.00 ? 62  VAL   A N   1 
ATOM   438  C  CA  . VAL   A 1 62  ? -9.385  -8.916  2.045   1.00 10.54 ? 62  VAL   A CA  1 
ATOM   439  C  C   . VAL   A 1 62  ? -8.616  -7.657  2.413   1.00 10.50 ? 62  VAL   A C   1 
ATOM   440  O  O   . VAL   A 1 62  ? -7.446  -7.751  2.745   1.00 11.28 ? 62  VAL   A O   1 
ATOM   441  C  CB  . VAL   A 1 62  ? -9.712  -9.784  3.278   1.00 11.27 ? 62  VAL   A CB  1 
ATOM   442  C  CG1 . VAL   A 1 62  ? -10.453 -9.011  4.351   1.00 11.54 ? 62  VAL   A CG1 1 
ATOM   443  C  CG2 . VAL   A 1 62  ? -10.466 -11.046 2.891   1.00 13.06 ? 62  VAL   A CG2 1 
ATOM   444  N  N   . TYR   A 1 63  ? -9.290  -6.514  2.430   1.00 11.07 ? 63  TYR   A N   1 
ATOM   445  C  CA  . TYR   A 1 63  ? -8.663  -5.231  2.831   1.00 9.92  ? 63  TYR   A CA  1 
ATOM   446  C  C   . TYR   A 1 63  ? -9.447  -4.609  3.972   1.00 10.31 ? 63  TYR   A C   1 
ATOM   447  O  O   . TYR   A 1 63  ? -10.676 -4.811  4.034   1.00 11.65 ? 63  TYR   A O   1 
ATOM   448  C  CB  . TYR   A 1 63  ? -8.500  -4.266  1.664   1.00 10.22 ? 63  TYR   A CB  1 
ATOM   449  C  CG  . TYR   A 1 63  ? -9.716  -3.452  1.286   1.00 10.40 ? 63  TYR   A CG  1 
ATOM   450  C  CD1 . TYR   A 1 63  ? -10.694 -3.991  0.465   1.00 10.44 ? 63  TYR   A CD1 1 
ATOM   451  C  CD2 . TYR   A 1 63  ? -9.884  -2.136  1.699   1.00 10.60 ? 63  TYR   A CD2 1 
ATOM   452  C  CE1 . TYR   A 1 63  ? -11.783 -3.236  0.049   1.00 10.96 ? 63  TYR   A CE1 1 
ATOM   453  C  CE2 . TYR   A 1 63  ? -10.957 -1.368  1.270   1.00 10.44 ? 63  TYR   A CE2 1 
ATOM   454  C  CZ  . TYR   A 1 63  ? -11.956 -1.940  0.486   1.00 11.11 ? 63  TYR   A CZ  1 
ATOM   455  O  OH  . TYR   A 1 63  ? -13.052 -1.219  0.032   1.00 12.26 ? 63  TYR   A OH  1 
ATOM   456  N  N   . TYR   A 1 64  ? -8.719  -3.920  4.842   1.00 10.71 ? 64  TYR   A N   1 
ATOM   457  C  CA  . TYR   A 1 64  ? -9.332  -3.154  5.943   1.00 11.06 ? 64  TYR   A CA  1 
ATOM   458  C  C   . TYR   A 1 64  ? -9.706  -1.757  5.431   1.00 11.26 ? 64  TYR   A C   1 
ATOM   459  O  O   . TYR   A 1 64  ? -8.861  -1.060  4.866   1.00 11.13 ? 64  TYR   A O   1 
ATOM   460  C  CB  . TYR   A 1 64  ? -8.423  -3.074  7.165   1.00 11.81 ? 64  TYR   A CB  1 
ATOM   461  C  CG  . TYR   A 1 64  ? -9.111  -2.313  8.253   1.00 12.39 ? 64  TYR   A CG  1 
ATOM   462  C  CD1 . TYR   A 1 64  ? -10.296 -2.781  8.831   1.00 13.64 ? 64  TYR   A CD1 1 
ATOM   463  C  CD2 . TYR   A 1 64  ? -8.627  -1.080  8.648   1.00 13.88 ? 64  TYR   A CD2 1 
ATOM   464  C  CE1 . TYR   A 1 64  ? -10.958 -2.039  9.808   1.00 14.38 ? 64  TYR   A CE1 1 
ATOM   465  C  CE2 . TYR   A 1 64  ? -9.272  -0.344  9.626   1.00 13.44 ? 64  TYR   A CE2 1 
ATOM   466  C  CZ  . TYR   A 1 64  ? -10.427 -0.830  10.214  1.00 15.45 ? 64  TYR   A CZ  1 
ATOM   467  O  OH  . TYR   A 1 64  ? -11.066 -0.064  11.155  1.00 16.54 ? 64  TYR   A OH  1 
ATOM   468  N  N   . CYS   A 1 65  ? -10.954 -1.361  5.674   1.00 11.68 ? 65  CYS   A N   1 
ATOM   469  C  CA  . CYS   A 1 65  ? -11.538 -0.058  5.247   1.00 11.73 ? 65  CYS   A CA  1 
ATOM   470  C  C   . CYS   A 1 65  ? -11.878 0.744   6.519   1.00 12.98 ? 65  CYS   A C   1 
ATOM   471  O  O   . CYS   A 1 65  ? -12.899 0.410   7.177   1.00 13.43 ? 65  CYS   A O   1 
ATOM   472  C  CB  . CYS   A 1 65  ? -12.744 -0.275  4.347   1.00 12.15 ? 65  CYS   A CB  1 
ATOM   473  S  SG  . CYS   A 1 65  ? -13.624 1.253   3.891   1.00 13.40 ? 65  CYS   A SG  1 
ATOM   474  N  N   . SER   A 1 66  ? -11.021 1.692   6.924   1.00 12.57 ? 66  SER   A N   1 
ATOM   475  C  CA  . SER   A 1 66  ? -11.201 2.446   8.197   1.00 14.54 ? 66  SER   A CA  1 
ATOM   476  C  C   . SER   A 1 66  ? -12.483 3.287   8.155   1.00 13.21 ? 66  SER   A C   1 
ATOM   477  O  O   . SER   A 1 66  ? -13.185 3.353   9.198   1.00 14.13 ? 66  SER   A O   1 
ATOM   478  C  CB  . SER   A 1 66  ? -9.974  3.272   8.570   1.00 15.36 ? 66  SER   A CB  1 
ATOM   479  O  OG  . SER   A 1 66  ? -9.745  4.305   7.638   1.00 20.43 ? 66  SER   A OG  1 
ATOM   480  N  N   . SER   A 1 67  ? -12.873 3.818   7.000   1.00 13.30 ? 67  SER   A N   1 
ATOM   481  C  CA  . SER   A 1 67  ? -14.119 4.625   6.866   1.00 13.08 ? 67  SER   A CA  1 
ATOM   482  C  C   . SER   A 1 67  ? -15.390 3.761   7.004   1.00 14.17 ? 67  SER   A C   1 
ATOM   483  O  O   . SER   A 1 67  ? -16.501 4.357   6.984   1.00 13.45 ? 67  SER   A O   1 
ATOM   484  C  CB  . SER   A 1 67  ? -14.131 5.396   5.571   1.00 12.94 ? 67  SER   A CB  1 
ATOM   485  O  OG  . SER   A 1 67  ? -14.196 4.522   4.444   1.00 12.81 ? 67  SER   A OG  1 
ATOM   486  N  N   . ARG   A 1 68  ? -15.275 2.436   7.130   1.00 12.78 ? 68  ARG   A N   1 
ATOM   487  C  CA  . ARG   A 1 68  ? -16.416 1.522   7.390   1.00 13.44 ? 68  ARG   A CA  1 
ATOM   488  C  C   . ARG   A 1 68  ? -16.153 0.666   8.627   1.00 14.49 ? 68  ARG   A C   1 
ATOM   489  O  O   . ARG   A 1 68  ? -17.050 -0.078  9.019   1.00 15.94 ? 68  ARG   A O   1 
ATOM   490  C  CB  . ARG   A 1 68  ? -16.694 0.653   6.158   1.00 13.92 ? 68  ARG   A CB  1 
ATOM   491  C  CG  . ARG   A 1 68  ? -17.092 1.481   4.949   1.00 14.98 ? 68  ARG   A CG  1 
ATOM   492  C  CD  . ARG   A 1 68  ? -18.561 1.854   5.067   1.00 16.01 ? 68  ARG   A CD  1 
ATOM   493  N  NE  . ARG   A 1 68  ? -19.032 2.580   3.891   1.00 16.87 ? 68  ARG   A NE  1 
ATOM   494  C  CZ  . ARG   A 1 68  ? -19.001 3.900   3.768   1.00 17.69 ? 68  ARG   A CZ  1 
ATOM   495  N  NH1 . ARG   A 1 68  ? -18.459 4.636   4.732   1.00 16.39 ? 68  ARG   A NH1 1 
ATOM   496  N  NH2 . ARG   A 1 68  ? -19.472 4.472   2.672   1.00 17.27 ? 68  ARG   A NH2 1 
ATOM   497  N  N   . ARG   A 1 69  ? -14.987 0.790   9.259   1.00 15.11 ? 69  ARG   A N   1 
ATOM   498  C  CA  . ARG   A 1 69  ? -14.532 -0.144  10.310  1.00 16.10 ? 69  ARG   A CA  1 
ATOM   499  C  C   . ARG   A 1 69  ? -14.861 -1.587  9.885   1.00 16.75 ? 69  ARG   A C   1 
ATOM   500  O  O   . ARG   A 1 69  ? -15.344 -2.352  10.716  1.00 16.32 ? 69  ARG   A O   1 
ATOM   501  C  CB  . ARG   A 1 69  ? -15.183 0.264   11.635  1.00 16.15 ? 69  ARG   A CB  1 
ATOM   502  C  CG  . ARG   A 1 69  ? -14.690 1.598   12.167  1.00 17.93 ? 69  ARG   A CG  1 
ATOM   503  C  CD  . ARG   A 1 69  ? -15.216 1.779   13.582  1.00 19.89 ? 69  ARG   A CD  1 
ATOM   504  N  NE  . ARG   A 1 69  ? -15.024 3.101   14.145  1.00 22.70 ? 69  ARG   A NE  1 
ATOM   505  C  CZ  . ARG   A 1 69  ? -16.015 3.944   14.481  1.00 24.01 ? 69  ARG   A CZ  1 
ATOM   506  N  NH1 . ARG   A 1 69  ? -17.284 3.619   14.265  1.00 24.43 ? 69  ARG   A NH1 1 
ATOM   507  N  NH2 . ARG   A 1 69  ? -15.726 5.142   14.977  1.00 23.17 ? 69  ARG   A NH2 1 
ATOM   508  N  N   . LYS   A 1 70  ? -14.565 -1.957  8.634   1.00 16.12 ? 70  LYS   A N   1 
ATOM   509  C  CA  . LYS   A 1 70  ? -14.904 -3.287  8.072   1.00 16.53 ? 70  LYS   A CA  1 
ATOM   510  C  C   . LYS   A 1 70  ? -13.755 -3.786  7.206   1.00 14.89 ? 70  LYS   A C   1 
ATOM   511  O  O   . LYS   A 1 70  ? -13.009 -2.983  6.651   1.00 11.84 ? 70  LYS   A O   1 
ATOM   512  C  CB  . LYS   A 1 70  ? -16.190 -3.225  7.245   1.00 20.07 ? 70  LYS   A CB  1 
ATOM   513  C  CG  . LYS   A 1 70  ? -17.456 -3.287  8.092   1.00 24.49 ? 70  LYS   A CG  1 
ATOM   514  C  CD  . LYS   A 1 70  ? -18.620 -3.878  7.360   1.00 30.78 ? 70  LYS   A CD  1 
ATOM   515  C  CE  . LYS   A 1 70  ? -19.709 -2.864  7.123   1.00 37.26 ? 70  LYS   A CE  1 
ATOM   516  N  NZ  . LYS   A 1 70  ? -20.367 -2.471  8.393   1.00 39.86 ? 70  LYS   A NZ  1 
ATOM   517  N  N   . HIS   A 1 71  ? -13.650 -5.103  7.112   1.00 14.77 ? 71  HIS   A N   1 
ATOM   518  C  CA  . HIS   A 1 71  ? -12.805 -5.791  6.115   1.00 13.31 ? 71  HIS   A CA  1 
ATOM   519  C  C   . HIS   A 1 71  ? -13.718 -6.236  4.996   1.00 13.06 ? 71  HIS   A C   1 
ATOM   520  O  O   . HIS   A 1 71  ? -14.797 -6.760  5.297   1.00 14.27 ? 71  HIS   A O   1 
ATOM   521  C  CB  . HIS   A 1 71  ? -12.073 -6.980  6.753   1.00 13.26 ? 71  HIS   A CB  1 
ATOM   522  C  CG  . HIS   A 1 71  ? -11.185 -6.633  7.898   1.00 14.08 ? 71  HIS   A CG  1 
ATOM   523  N  ND1 . HIS   A 1 71  ? -9.819  -6.404  7.748   1.00 15.87 ? 71  HIS   A ND1 1 
ATOM   524  C  CD2 . HIS   A 1 71  ? -11.430 -6.529  9.225   1.00 13.57 ? 71  HIS   A CD2 1 
ATOM   525  C  CE1 . HIS   A 1 71  ? -9.294  -6.134  8.919   1.00 13.70 ? 71  HIS   A CE1 1 
ATOM   526  N  NE2 . HIS   A 1 71  ? -10.255 -6.205  9.839   1.00 16.16 ? 71  HIS   A NE2 1 
ATOM   527  N  N   . TYR   A 1 72  ? -13.265 -6.121  3.757   1.00 12.23 ? 72  TYR   A N   1 
ATOM   528  C  CA  . TYR   A 1 72  ? -14.072 -6.501  2.590   1.00 12.38 ? 72  TYR   A CA  1 
ATOM   529  C  C   . TYR   A 1 72  ? -13.263 -7.449  1.724   1.00 12.47 ? 72  TYR   A C   1 
ATOM   530  O  O   . TYR   A 1 72  ? -12.109 -7.187  1.401   1.00 13.54 ? 72  TYR   A O   1 
ATOM   531  C  CB  . TYR   A 1 72  ? -14.449 -5.310  1.711   1.00 12.60 ? 72  TYR   A CB  1 
ATOM   532  C  CG  . TYR   A 1 72  ? -15.396 -4.320  2.348   1.00 13.65 ? 72  TYR   A CG  1 
ATOM   533  C  CD1 . TYR   A 1 72  ? -16.763 -4.588  2.435   1.00 14.68 ? 72  TYR   A CD1 1 
ATOM   534  C  CD2 . TYR   A 1 72  ? -14.946 -3.086  2.775   1.00 13.42 ? 72  TYR   A CD2 1 
ATOM   535  C  CE1 . TYR   A 1 72  ? -17.646 -3.662  2.987   1.00 15.11 ? 72  TYR   A CE1 1 
ATOM   536  C  CE2 . TYR   A 1 72  ? -15.814 -2.148  3.316   1.00 13.44 ? 72  TYR   A CE2 1 
ATOM   537  C  CZ  . TYR   A 1 72  ? -17.155 -2.446  3.445   1.00 14.60 ? 72  TYR   A CZ  1 
ATOM   538  O  OH  . TYR   A 1 72  ? -17.965 -1.495  3.992   1.00 14.72 ? 72  TYR   A OH  1 
ATOM   539  N  N   . PRO   A 1 73  ? -13.863 -8.572  1.316   1.00 12.65 ? 73  PRO   A N   1 
ATOM   540  C  CA  . PRO   A 1 73  ? -13.234 -9.442  0.327   1.00 12.27 ? 73  PRO   A CA  1 
ATOM   541  C  C   . PRO   A 1 73  ? -13.396 -8.837  -1.076  1.00 13.20 ? 73  PRO   A C   1 
ATOM   542  O  O   . PRO   A 1 73  ? -14.507 -8.461  -1.464  1.00 13.46 ? 73  PRO   A O   1 
ATOM   543  C  CB  . PRO   A 1 73  ? -14.047 -10.740 0.430   1.00 13.25 ? 73  PRO   A CB  1 
ATOM   544  C  CG  . PRO   A 1 73  ? -15.426 -10.268 0.870   1.00 13.10 ? 73  PRO   A CG  1 
ATOM   545  C  CD  . PRO   A 1 73  ? -15.219 -9.000  1.681   1.00 13.25 ? 73  PRO   A CD  1 
ATOM   546  N  N   . VAL   A 1 74  ? -12.306 -8.809  -1.834  1.00 12.12 ? 74  VAL   A N   1 
ATOM   547  C  CA  . VAL   A 1 74  ? -12.296 -8.228  -3.198  1.00 12.30 ? 74  VAL   A CA  1 
ATOM   548  C  C   . VAL   A 1 74  ? -11.506 -9.093  -4.167  1.00 11.32 ? 74  VAL   A C   1 
ATOM   549  O  O   . VAL   A 1 74  ? -10.498 -9.741  -3.759  1.00 10.76 ? 74  VAL   A O   1 
ATOM   550  C  CB  . VAL   A 1 74  ? -11.719 -6.809  -3.205  1.00 12.49 ? 74  VAL   A CB  1 
ATOM   551  C  CG1 . VAL   A 1 74  ? -12.661 -5.801  -2.552  1.00 13.21 ? 74  VAL   A CG1 1 
ATOM   552  C  CG2 . VAL   A 1 74  ? -10.381 -6.746  -2.527  1.00 13.00 ? 74  VAL   A CG2 1 
ATOM   553  N  N   . SER   A 1 75  ? -11.902 -8.954  -5.428  1.00 12.04 ? 75  SER   A N   1 
ATOM   554  C  CA  . SER   A 1 75  ? -11.107 -9.291  -6.628  1.00 13.67 ? 75  SER   A CA  1 
ATOM   555  C  C   . SER   A 1 75  ? -10.365 -8.036  -7.082  1.00 12.32 ? 75  SER   A C   1 
ATOM   556  O  O   . SER   A 1 75  ? -10.968 -6.973  -7.096  1.00 11.94 ? 75  SER   A O   1 
ATOM   557  C  CB  . SER   A 1 75  ? -11.973 -9.801  -7.736  1.00 16.03 ? 75  SER   A CB  1 
ATOM   558  O  OG  . SER   A 1 75  ? -12.564 -11.011 -7.348  1.00 20.79 ? 75  SER   A OG  1 
ATOM   559  N  N   . PHE   A 1 76  ? -9.084  -8.148  -7.396  1.00 11.88 ? 76  PHE   A N   1 
ATOM   560  C  CA  . PHE   A 1 76  ? -8.276  -6.996  -7.848  1.00 12.30 ? 76  PHE   A CA  1 
ATOM   561  C  C   . PHE   A 1 76  ? -7.451  -7.340  -9.090  1.00 12.57 ? 76  PHE   A C   1 
ATOM   562  O  O   . PHE   A 1 76  ? -7.055  -8.495  -9.275  1.00 13.18 ? 76  PHE   A O   1 
ATOM   563  C  CB  . PHE   A 1 76  ? -7.453  -6.444  -6.698  1.00 11.72 ? 76  PHE   A CB  1 
ATOM   564  C  CG  . PHE   A 1 76  ? -6.597  -7.461  -5.982  1.00 11.78 ? 76  PHE   A CG  1 
ATOM   565  C  CD1 . PHE   A 1 76  ? -7.087  -8.166  -4.912  1.00 11.06 ? 76  PHE   A CD1 1 
ATOM   566  C  CD2 . PHE   A 1 76  ? -5.293  -7.701  -6.384  1.00 11.31 ? 76  PHE   A CD2 1 
ATOM   567  C  CE1 . PHE   A 1 76  ? -6.297  -9.079  -4.221  1.00 11.32 ? 76  PHE   A CE1 1 
ATOM   568  C  CE2 . PHE   A 1 76  ? -4.521  -8.636  -5.719  1.00 11.45 ? 76  PHE   A CE2 1 
ATOM   569  C  CZ  . PHE   A 1 76  ? -5.011  -9.298  -4.622  1.00 12.09 ? 76  PHE   A CZ  1 
ATOM   570  N  N   . SER   A 1 77  ? -7.214  -6.326  -9.912  1.00 12.11 ? 77  SER   A N   1 
ATOM   571  C  CA  . SER   A 1 77  ? -6.349  -6.444  -11.106 1.00 12.77 ? 77  SER   A CA  1 
ATOM   572  C  C   . SER   A 1 77  ? -4.895  -6.625  -10.673 1.00 13.63 ? 77  SER   A C   1 
ATOM   573  O  O   . SER   A 1 77  ? -4.492  -6.195  -9.551  1.00 12.88 ? 77  SER   A O   1 
ATOM   574  C  CB  . SER   A 1 77  ? -6.503  -5.256  -11.989 1.00 12.97 ? 77  SER   A CB  1 
ATOM   575  O  OG  . SER   A 1 77  ? -6.254  -4.053  -11.292 1.00 13.07 ? 77  SER   A OG  1 
ATOM   576  N  N   . LYS   A 1 78  ? -4.087  -7.240  -11.534 0.50 13.18 ? 78  LYS   A N   1 
ATOM   577  C  CA  . LYS   A 1 78  ? -2.633  -7.400  -11.289 0.50 13.54 ? 78  LYS   A CA  1 
ATOM   578  C  C   . LYS   A 1 78  ? -1.970  -6.024  -11.319 0.50 13.57 ? 78  LYS   A C   1 
ATOM   579  O  O   . LYS   A 1 78  ? -2.451  -5.115  -11.999 0.50 13.51 ? 78  LYS   A O   1 
ATOM   580  C  CB  . LYS   A 1 78  ? -2.025  -8.357  -12.317 0.50 13.37 ? 78  LYS   A CB  1 
ATOM   581  C  CG  . LYS   A 1 78  ? -2.556  -9.784  -12.256 0.50 13.20 ? 78  LYS   A CG  1 
ATOM   582  C  CD  . LYS   A 1 78  ? -1.821  -10.724 -13.204 0.50 13.69 ? 78  LYS   A CD  1 
ATOM   583  C  CE  . LYS   A 1 78  ? -2.296  -12.158 -13.089 0.50 13.87 ? 78  LYS   A CE  1 
ATOM   584  N  NZ  . LYS   A 1 78  ? -1.352  -13.104 -13.736 0.50 14.32 ? 78  LYS   A NZ  1 
ATOM   585  N  N   . PRO   A 1 79  ? -0.857  -5.834  -10.572 1.00 14.14 ? 79  PRO   A N   1 
ATOM   586  C  CA  . PRO   A 1 79  ? -0.185  -4.544  -10.496 1.00 14.58 ? 79  PRO   A CA  1 
ATOM   587  C  C   . PRO   A 1 79  ? 0.083   -4.034  -11.914 1.00 15.22 ? 79  PRO   A C   1 
ATOM   588  O  O   . PRO   A 1 79  ? 0.621   -4.781  -12.753 1.00 14.20 ? 79  PRO   A O   1 
ATOM   589  C  CB  . PRO   A 1 79  ? 1.096   -4.867  -9.715  1.00 15.73 ? 79  PRO   A CB  1 
ATOM   590  C  CG  . PRO   A 1 79  ? 0.730   -6.046  -8.869  1.00 15.66 ? 79  PRO   A CG  1 
ATOM   591  C  CD  . PRO   A 1 79  ? -0.199  -6.868  -9.752  1.00 14.58 ? 79  PRO   A CD  1 
ATOM   592  N  N   . SER   A 1 80  ? -0.278  -2.780  -12.176 0.50 14.60 ? 80  SER   A N   1 
ATOM   593  C  CA  . SER   A 1 80  ? -0.115  -2.147  -13.508 0.50 14.65 ? 80  SER   A CA  1 
ATOM   594  C  C   . SER   A 1 80  ? -0.009  -0.627  -13.364 0.50 15.42 ? 80  SER   A C   1 
ATOM   595  O  O   . SER   A 1 80  ? -0.200  -0.100  -12.244 0.50 14.63 ? 80  SER   A O   1 
ATOM   596  C  CB  . SER   A 1 80  ? -1.242  -2.536  -14.434 0.50 14.44 ? 80  SER   A CB  1 
ATOM   597  O  OG  . SER   A 1 80  ? -2.412  -1.783  -14.151 0.50 14.13 ? 80  SER   A OG  1 
ATOM   598  N  N   . LEU   A 1 81  ? 0.283   0.031   -14.483 1.00 16.19 ? 81  LEU   A N   1 
ATOM   599  C  CA  . LEU   A 1 81  ? 0.438   1.495   -14.590 1.00 17.50 ? 81  LEU   A CA  1 
ATOM   600  C  C   . LEU   A 1 81  ? -0.945  2.033   -14.987 1.00 19.11 ? 81  LEU   A C   1 
ATOM   601  O  O   . LEU   A 1 81  ? -1.514  1.649   -16.051 1.00 19.92 ? 81  LEU   A O   1 
ATOM   602  C  CB  . LEU   A 1 81  ? 1.514   1.759   -15.650 1.00 19.38 ? 81  LEU   A CB  1 
ATOM   603  C  CG  . LEU   A 1 81  ? 1.946   3.212   -15.816 1.00 20.83 ? 81  LEU   A CG  1 
ATOM   604  C  CD1 . LEU   A 1 81  ? 2.824   3.637   -14.643 1.00 20.74 ? 81  LEU   A CD1 1 
ATOM   605  C  CD2 . LEU   A 1 81  ? 2.683   3.415   -17.136 1.00 20.63 ? 81  LEU   A CD2 1 
ATOM   606  N  N   . ILE   A 1 82  ? -1.526  2.793   -14.072 1.00 19.10 ? 82  ILE   A N   1 
ATOM   607  C  CA  . ILE   A 1 82  ? -2.928  3.259   -14.106 1.00 20.67 ? 82  ILE   A CA  1 
ATOM   608  C  C   . ILE   A 1 82  ? -2.885  4.764   -13.918 1.00 21.29 ? 82  ILE   A C   1 
ATOM   609  O  O   . ILE   A 1 82  ? -2.120  5.250   -13.067 1.00 19.04 ? 82  ILE   A O   1 
ATOM   610  C  CB  . ILE   A 1 82  ? -3.711  2.575   -12.970 1.00 21.17 ? 82  ILE   A CB  1 
ATOM   611  C  CG1 . ILE   A 1 82  ? -3.589  1.044   -13.028 1.00 22.55 ? 82  ILE   A CG1 1 
ATOM   612  C  CG2 . ILE   A 1 82  ? -5.140  3.093   -12.905 1.00 21.36 ? 82  ILE   A CG2 1 
ATOM   613  C  CD1 . ILE   A 1 82  ? -4.838  0.277   -13.336 1.00 24.84 ? 82  ILE   A CD1 1 
ATOM   614  N  N   . PHE   A 1 83  ? -3.584  5.496   -14.785 0.71 20.77 ? 83  PHE   A N   1 
ATOM   615  C  CA  . PHE   A 1 83  ? -3.696  6.969   -14.686 0.71 21.25 ? 83  PHE   A CA  1 
ATOM   616  C  C   . PHE   A 1 83  ? -4.541  7.292   -13.448 0.71 20.70 ? 83  PHE   A C   1 
ATOM   617  O  O   . PHE   A 1 83  ? -5.680  6.792   -13.345 0.71 21.91 ? 83  PHE   A O   1 
ATOM   618  C  CB  . PHE   A 1 83  ? -4.273  7.580   -15.962 0.71 22.62 ? 83  PHE   A CB  1 
ATOM   619  C  CG  . PHE   A 1 83  ? -4.341  9.081   -15.898 0.71 23.23 ? 83  PHE   A CG  1 
ATOM   620  C  CD1 . PHE   A 1 83  ? -3.188  9.845   -15.998 0.71 23.83 ? 83  PHE   A CD1 1 
ATOM   621  C  CD2 . PHE   A 1 83  ? -5.547  9.722   -15.672 0.71 24.08 ? 83  PHE   A CD2 1 
ATOM   622  C  CE1 . PHE   A 1 83  ? -3.249  11.227  -15.915 0.71 24.75 ? 83  PHE   A CE1 1 
ATOM   623  C  CE2 . PHE   A 1 83  ? -5.606  11.103  -15.591 0.71 24.94 ? 83  PHE   A CE2 1 
ATOM   624  C  CZ  . PHE   A 1 83  ? -4.458  11.852  -15.704 0.71 24.92 ? 83  PHE   A CZ  1 
ATOM   625  N  N   . VAL   A 1 84  ? -3.982  8.073   -12.524 0.71 19.69 ? 84  VAL   A N   1 
ATOM   626  C  CA  . VAL   A 1 84  ? -4.641  8.449   -11.240 0.71 19.67 ? 84  VAL   A CA  1 
ATOM   627  C  C   . VAL   A 1 84  ? -4.885  9.958   -11.251 0.71 20.01 ? 84  VAL   A C   1 
ATOM   628  O  O   . VAL   A 1 84  ? -3.907  10.704  -11.442 0.71 19.18 ? 84  VAL   A O   1 
ATOM   629  C  CB  . VAL   A 1 84  ? -3.786  8.026   -10.027 0.71 19.51 ? 84  VAL   A CB  1 
ATOM   630  C  CG1 . VAL   A 1 84  ? -4.320  8.598   -8.723  0.71 19.66 ? 84  VAL   A CG1 1 
ATOM   631  C  CG2 . VAL   A 1 84  ? -3.660  6.514   -9.939  0.71 19.31 ? 84  VAL   A CG2 1 
ATOM   632  N  N   . GLU   A 1 85  ? -6.133  10.373  -11.024 0.71 21.08 ? 85  GLU   A N   1 
ATOM   633  C  CA  . GLU   A 1 85  ? -6.549  11.797  -10.972 0.71 21.62 ? 85  GLU   A CA  1 
ATOM   634  C  C   . GLU   A 1 85  ? -5.746  12.523  -9.888  0.71 20.99 ? 85  GLU   A C   1 
ATOM   635  O  O   . GLU   A 1 85  ? -5.374  11.877  -8.875  0.71 20.10 ? 85  GLU   A O   1 
ATOM   636  C  CB  . GLU   A 1 85  ? -8.048  11.912  -10.689 0.71 23.55 ? 85  GLU   A CB  1 
ATOM   637  C  CG  . GLU   A 1 85  ? -8.912  11.627  -11.901 0.71 24.87 ? 85  GLU   A CG  1 
ATOM   638  C  CD  . GLU   A 1 85  ? -8.910  12.745  -12.930 0.71 26.94 ? 85  GLU   A CD  1 
ATOM   639  O  OE1 . GLU   A 1 85  ? -9.613  13.754  -12.711 0.71 29.26 ? 85  GLU   A OE1 1 
ATOM   640  O  OE2 . GLU   A 1 85  ? -8.191  12.613  -13.937 0.71 29.71 ? 85  GLU   A OE2 1 
ATOM   641  N  N   . ALA   A 1 86  ? -5.506  13.816  -10.092 0.71 20.25 ? 86  ALA   A N   1 
ATOM   642  C  CA  . ALA   A 1 86  ? -4.909  14.732  -9.094  0.71 21.21 ? 86  ALA   A CA  1 
ATOM   643  C  C   . ALA   A 1 86  ? -5.611  14.541  -7.746  0.71 21.68 ? 86  ALA   A C   1 
ATOM   644  O  O   . ALA   A 1 86  ? -6.844  14.338  -7.734  0.71 21.72 ? 86  ALA   A O   1 
ATOM   645  C  CB  . ALA   A 1 86  ? -5.022  16.164  -9.553  0.71 21.77 ? 86  ALA   A CB  1 
ATOM   646  N  N   . SER   A 1 87  ? -4.844  14.590  -6.658  0.71 22.46 ? 87  SER   A N   1 
ATOM   647  C  CA  . SER   A 1 87  ? -5.348  14.742  -5.269  0.71 23.49 ? 87  SER   A CA  1 
ATOM   648  C  C   . SER   A 1 87  ? -4.625  15.931  -4.631  0.71 24.29 ? 87  SER   A C   1 
ATOM   649  O  O   . SER   A 1 87  ? -3.934  16.660  -5.364  0.71 25.56 ? 87  SER   A O   1 
ATOM   650  C  CB  . SER   A 1 87  ? -5.177  13.464  -4.482  0.71 22.91 ? 87  SER   A CB  1 
ATOM   651  O  OG  . SER   A 1 87  ? -3.804  13.152  -4.311  0.71 22.06 ? 87  SER   A OG  1 
ATOM   652  N  N   . GLU   A 1 88  ? -4.753  16.104  -3.318  0.71 26.72 ? 88  GLU   A N   1 
ATOM   653  C  CA  . GLU   A 1 88  ? -4.020  17.150  -2.550  0.71 28.56 ? 88  GLU   A CA  1 
ATOM   654  C  C   . GLU   A 1 88  ? -2.545  16.750  -2.351  0.71 27.23 ? 88  GLU   A C   1 
ATOM   655  O  O   . GLU   A 1 88  ? -1.781  17.600  -1.855  0.71 27.96 ? 88  GLU   A O   1 
ATOM   656  C  CB  . GLU   A 1 88  ? -4.723  17.436  -1.218  0.71 31.28 ? 88  GLU   A CB  1 
ATOM   657  C  CG  . GLU   A 1 88  ? -5.247  16.208  -0.494  0.71 32.83 ? 88  GLU   A CG  1 
ATOM   658  C  CD  . GLU   A 1 88  ? -5.931  16.523  0.825   0.71 35.37 ? 88  GLU   A CD  1 
ATOM   659  O  OE1 . GLU   A 1 88  ? -7.163  16.336  0.906   0.71 36.46 ? 88  GLU   A OE1 1 
ATOM   660  O  OE2 . GLU   A 1 88  ? -5.232  16.955  1.766   0.71 37.21 ? 88  GLU   A OE2 1 
ATOM   661  N  N   . TYR   A 1 89  ? -2.143  15.531  -2.739  0.71 24.50 ? 89  TYR   A N   1 
ATOM   662  C  CA  . TYR   A 1 89  ? -0.795  14.959  -2.465  0.71 23.35 ? 89  TYR   A CA  1 
ATOM   663  C  C   . TYR   A 1 89  ? 0.037   14.816  -3.745  0.71 22.00 ? 89  TYR   A C   1 
ATOM   664  O  O   . TYR   A 1 89  ? 1.281   14.928  -3.648  0.71 23.45 ? 89  TYR   A O   1 
ATOM   665  C  CB  . TYR   A 1 89  ? -0.919  13.601  -1.771  0.71 22.68 ? 89  TYR   A CB  1 
ATOM   666  C  CG  . TYR   A 1 89  ? -1.574  13.658  -0.417  0.71 22.42 ? 89  TYR   A CG  1 
ATOM   667  C  CD1 . TYR   A 1 89  ? -2.855  13.166  -0.218  0.71 22.78 ? 89  TYR   A CD1 1 
ATOM   668  C  CD2 . TYR   A 1 89  ? -0.909  14.201  0.671   0.71 22.14 ? 89  TYR   A CD2 1 
ATOM   669  C  CE1 . TYR   A 1 89  ? -3.458  13.211  1.028   0.71 21.88 ? 89  TYR   A CE1 1 
ATOM   670  C  CE2 . TYR   A 1 89  ? -1.499  14.250  1.923   0.71 22.10 ? 89  TYR   A CE2 1 
ATOM   671  C  CZ  . TYR   A 1 89  ? -2.779  13.757  2.101   0.71 22.11 ? 89  TYR   A CZ  1 
ATOM   672  O  OH  . TYR   A 1 89  ? -3.363  13.802  3.331   0.71 22.91 ? 89  TYR   A OH  1 
ATOM   673  N  N   . TYR   A 1 90  ? -0.609  14.578  -4.890  0.71 20.81 ? 90  TYR   A N   1 
ATOM   674  C  CA  . TYR   A 1 90  ? 0.048   14.408  -6.211  0.71 19.40 ? 90  TYR   A CA  1 
ATOM   675  C  C   . TYR   A 1 90  ? -0.735  15.152  -7.285  0.71 20.26 ? 90  TYR   A C   1 
ATOM   676  O  O   . TYR   A 1 90  ? -1.953  15.283  -7.180  0.71 21.19 ? 90  TYR   A O   1 
ATOM   677  C  CB  . TYR   A 1 90  ? 0.112   12.930  -6.616  0.71 18.40 ? 90  TYR   A CB  1 
ATOM   678  C  CG  . TYR   A 1 90  ? 0.879   12.024  -5.687  0.71 17.00 ? 90  TYR   A CG  1 
ATOM   679  C  CD1 . TYR   A 1 90  ? 2.265   12.031  -5.655  0.71 15.74 ? 90  TYR   A CD1 1 
ATOM   680  C  CD2 . TYR   A 1 90  ? 0.218   11.116  -4.874  0.71 16.28 ? 90  TYR   A CD2 1 
ATOM   681  C  CE1 . TYR   A 1 90  ? 2.973   11.183  -4.814  0.71 15.21 ? 90  TYR   A CE1 1 
ATOM   682  C  CE2 . TYR   A 1 90  ? 0.909   10.267  -4.027  0.71 15.73 ? 90  TYR   A CE2 1 
ATOM   683  C  CZ  . TYR   A 1 90  ? 2.291   10.295  -4.000  0.71 15.26 ? 90  TYR   A CZ  1 
ATOM   684  O  OH  . TYR   A 1 90  ? 2.949   9.441   -3.160  0.71 14.10 ? 90  TYR   A OH  1 
ATOM   685  N  N   . PRO   A 1 91  ? -0.074  15.601  -8.374  0.71 20.39 ? 91  PRO   A N   1 
ATOM   686  C  CA  . PRO   A 1 91  ? -0.785  15.989  -9.592  0.71 20.67 ? 91  PRO   A CA  1 
ATOM   687  C  C   . PRO   A 1 91  ? -1.314  14.716  -10.263 0.71 21.41 ? 91  PRO   A C   1 
ATOM   688  O  O   . PRO   A 1 91  ? -0.936  13.650  -9.828  0.71 21.29 ? 91  PRO   A O   1 
ATOM   689  C  CB  . PRO   A 1 91  ? 0.298   16.678  -10.433 0.71 20.57 ? 91  PRO   A CB  1 
ATOM   690  C  CG  . PRO   A 1 91  ? 1.581   15.990  -9.995  0.71 20.64 ? 91  PRO   A CG  1 
ATOM   691  C  CD  . PRO   A 1 91  ? 1.387   15.748  -8.512  0.71 20.13 ? 91  PRO   A CD  1 
ATOM   692  N  N   . ALA   A 1 92  ? -2.158  14.840  -11.291 0.71 22.16 ? 92  ALA   A N   1 
ATOM   693  C  CA  . ALA   A 1 92  ? -2.615  13.691  -12.107 0.71 22.83 ? 92  ALA   A CA  1 
ATOM   694  C  C   . ALA   A 1 92  ? -1.380  13.069  -12.772 0.71 23.60 ? 92  ALA   A C   1 
ATOM   695  O  O   . ALA   A 1 92  ? -0.487  13.823  -13.184 0.71 24.39 ? 92  ALA   A O   1 
ATOM   696  C  CB  . ALA   A 1 92  ? -3.656  14.120  -13.121 0.71 22.98 ? 92  ALA   A CB  1 
ATOM   697  N  N   . ARG   A 1 93  ? -1.306  11.740  -12.827 0.71 24.14 ? 93  ARG   A N   1 
ATOM   698  C  CA  . ARG   A 1 93  ? -0.113  11.019  -13.341 0.71 24.32 ? 93  ARG   A CA  1 
ATOM   699  C  C   . ARG   A 1 93  ? -0.407  9.526   -13.375 0.71 22.93 ? 93  ARG   A C   1 
ATOM   700  O  O   . ARG   A 1 93  ? -1.434  9.108   -12.816 0.71 22.96 ? 93  ARG   A O   1 
ATOM   701  C  CB  . ARG   A 1 93  ? 1.089   11.223  -12.416 0.71 25.74 ? 93  ARG   A CB  1 
ATOM   702  C  CG  . ARG   A 1 93  ? 0.968   10.419  -11.128 0.71 26.80 ? 93  ARG   A CG  1 
ATOM   703  C  CD  . ARG   A 1 93  ? 1.640   11.045  -9.934  0.71 28.75 ? 93  ARG   A CD  1 
ATOM   704  N  NE  . ARG   A 1 93  ? 1.171   10.383  -8.723  0.71 30.64 ? 93  ARG   A NE  1 
ATOM   705  C  CZ  . ARG   A 1 93  ? 1.712   9.299   -8.182  0.71 31.63 ? 93  ARG   A CZ  1 
ATOM   706  N  NH1 . ARG   A 1 93  ? 2.778   8.743   -8.725  0.71 33.39 ? 93  ARG   A NH1 1 
ATOM   707  N  NH2 . ARG   A 1 93  ? 1.195   8.777   -7.083  0.71 31.72 ? 93  ARG   A NH2 1 
ATOM   708  N  N   . TYR   A 1 94  ? 0.516   8.751   -13.936 0.71 22.04 ? 94  TYR   A N   1 
ATOM   709  C  CA  . TYR   A 1 94  ? 0.495   7.274   -13.857 0.71 20.89 ? 94  TYR   A CA  1 
ATOM   710  C  C   . TYR   A 1 94  ? 1.108   6.827   -12.529 0.71 20.10 ? 94  TYR   A C   1 
ATOM   711  O  O   . TYR   A 1 94  ? 2.313   7.072   -12.306 0.71 19.84 ? 94  TYR   A O   1 
ATOM   712  C  CB  . TYR   A 1 94  ? 1.205   6.667   -15.064 0.71 21.60 ? 94  TYR   A CB  1 
ATOM   713  C  CG  . TYR   A 1 94  ? 0.415   6.831   -16.333 0.71 22.15 ? 94  TYR   A CG  1 
ATOM   714  C  CD1 . TYR   A 1 94  ? -0.601  5.947   -16.657 0.71 22.57 ? 94  TYR   A CD1 1 
ATOM   715  C  CD2 . TYR   A 1 94  ? 0.632   7.912   -17.170 0.71 24.05 ? 94  TYR   A CD2 1 
ATOM   716  C  CE1 . TYR   A 1 94  ? -1.347  6.101   -17.813 0.71 24.42 ? 94  TYR   A CE1 1 
ATOM   717  C  CE2 . TYR   A 1 94  ? -0.108  8.085   -18.329 0.71 24.33 ? 94  TYR   A CE2 1 
ATOM   718  C  CZ  . TYR   A 1 94  ? -1.102  7.178   -18.648 0.71 24.11 ? 94  TYR   A CZ  1 
ATOM   719  O  OH  . TYR   A 1 94  ? -1.834  7.344   -19.783 0.71 25.97 ? 94  TYR   A OH  1 
ATOM   720  N  N   . GLN   A 1 95  ? 0.301   6.168   -11.691 1.00 18.60 ? 95  GLN   A N   1 
ATOM   721  C  CA  . GLN   A 1 95  ? 0.825   5.402   -10.554 1.00 17.21 ? 95  GLN   A CA  1 
ATOM   722  C  C   . GLN   A 1 95  ? 1.191   4.019   -11.089 1.00 14.64 ? 95  GLN   A C   1 
ATOM   723  O  O   . GLN   A 1 95  ? 0.353   3.392   -11.820 1.00 16.05 ? 95  GLN   A O   1 
ATOM   724  C  CB  . GLN   A 1 95  ? -0.199  5.340   -9.432  1.00 16.96 ? 95  GLN   A CB  1 
ATOM   725  C  CG  . GLN   A 1 95  ? 0.403   4.788   -8.149  1.00 17.17 ? 95  GLN   A CG  1 
ATOM   726  C  CD  . GLN   A 1 95  ? -0.434  5.113   -6.941  1.00 17.41 ? 95  GLN   A CD  1 
ATOM   727  O  OE1 . GLN   A 1 95  ? -1.027  6.189   -6.825  1.00 19.08 ? 95  GLN   A OE1 1 
ATOM   728  N  NE2 . GLN   A 1 95  ? -0.438  4.196   -5.995  1.00 15.78 ? 95  GLN   A NE2 1 
ATOM   729  N  N   . SER   A 1 96  ? 2.367   3.542   -10.754 1.00 14.03 ? 96  SER   A N   1 
ATOM   730  C  CA  . SER   A 1 96  ? 2.845   2.196   -11.130 1.00 14.24 ? 96  SER   A CA  1 
ATOM   731  C  C   . SER   A 1 96  ? 2.541   1.181   -10.027 1.00 13.94 ? 96  SER   A C   1 
ATOM   732  O  O   . SER   A 1 96  ? 2.326   1.589   -8.858  1.00 12.33 ? 96  SER   A O   1 
ATOM   733  C  CB  . SER   A 1 96  ? 4.324   2.198   -11.451 1.00 14.42 ? 96  SER   A CB  1 
ATOM   734  O  OG  . SER   A 1 96  ? 5.100   2.628   -10.348 1.00 15.83 ? 96  SER   A OG  1 
ATOM   735  N  N   . HIS   A 1 97  ? 2.553   -0.104  -10.393 1.00 13.42 ? 97  HIS   A N   1 
ATOM   736  C  CA  . HIS   A 1 97  ? 2.396   -1.254  -9.468  1.00 13.18 ? 97  HIS   A CA  1 
ATOM   737  C  C   . HIS   A 1 97  ? 1.101   -1.098  -8.661  1.00 13.04 ? 97  HIS   A C   1 
ATOM   738  O  O   . HIS   A 1 97  ? 1.121   -1.424  -7.453  1.00 12.22 ? 97  HIS   A O   1 
ATOM   739  C  CB  . HIS   A 1 97  ? 3.605   -1.327  -8.522  1.00 13.41 ? 97  HIS   A CB  1 
ATOM   740  C  CG  . HIS   A 1 97  ? 4.892   -1.556  -9.234  1.00 14.23 ? 97  HIS   A CG  1 
ATOM   741  N  ND1 . HIS   A 1 97  ? 5.448   -2.817  -9.371  1.00 15.20 ? 97  HIS   A ND1 1 
ATOM   742  C  CD2 . HIS   A 1 97  ? 5.706   -0.703  -9.895  1.00 15.42 ? 97  HIS   A CD2 1 
ATOM   743  C  CE1 . HIS   A 1 97  ? 6.578   -2.714  -10.052 1.00 14.71 ? 97  HIS   A CE1 1 
ATOM   744  N  NE2 . HIS   A 1 97  ? 6.743   -1.443  -10.406 1.00 15.43 ? 97  HIS   A NE2 1 
ATOM   745  N  N   . LEU   A 1 98  ? 0.071   -0.528  -9.279  1.00 13.31 ? 98  LEU   A N   1 
ATOM   746  C  CA  . LEU   A 1 98  ? -1.249  -0.283  -8.653  1.00 12.59 ? 98  LEU   A CA  1 
ATOM   747  C  C   . LEU   A 1 98  ? -2.238  -1.394  -9.037  1.00 12.70 ? 98  LEU   A C   1 
ATOM   748  O  O   . LEU   A 1 98  ? -2.299  -1.739  -10.224 1.00 12.59 ? 98  LEU   A O   1 
ATOM   749  C  CB  . LEU   A 1 98  ? -1.778  1.072   -9.112  1.00 13.67 ? 98  LEU   A CB  1 
ATOM   750  C  CG  . LEU   A 1 98  ? -3.068  1.526   -8.434  1.00 12.85 ? 98  LEU   A CG  1 
ATOM   751  C  CD1 . LEU   A 1 98  ? -2.819  1.736   -6.957  1.00 13.41 ? 98  LEU   A CD1 1 
ATOM   752  C  CD2 . LEU   A 1 98  ? -3.607  2.810   -9.070  1.00 13.56 ? 98  LEU   A CD2 1 
ATOM   753  N  N   . MET   A 1 99  ? -3.073  -1.812  -8.078  1.00 11.64 ? 99  MET   A N   1 
ATOM   754  C  CA  . MET   A 1 99  ? -4.056  -2.917  -8.220  1.00 11.54 ? 99  MET   A CA  1 
ATOM   755  C  C   . MET   A 1 99  ? -5.433  -2.344  -7.933  1.00 12.46 ? 99  MET   A C   1 
ATOM   756  O  O   . MET   A 1 99  ? -5.581  -1.628  -6.918  1.00 12.27 ? 99  MET   A O   1 
ATOM   757  C  CB  . MET   A 1 99  ? -3.748  -4.052  -7.231  1.00 11.67 ? 99  MET   A CB  1 
ATOM   758  C  CG  . MET   A 1 99  ? -2.402  -4.739  -7.491  1.00 12.33 ? 99  MET   A CG  1 
ATOM   759  S  SD  . MET   A 1 99  ? -2.018  -5.926  -6.218  1.00 14.03 ? 99  MET   A SD  1 
ATOM   760  C  CE  . MET   A 1 99  ? -1.712  -4.849  -4.821  1.00 12.78 ? 99  MET   A CE  1 
ATOM   761  N  N   . LEU   A 1 100 ? -6.410  -2.530  -8.828  1.00 11.74 ? 100 LEU   A N   1 
ATOM   762  C  CA  . LEU   A 1 100 ? -7.754  -1.928  -8.575  1.00 12.27 ? 100 LEU   A CA  1 
ATOM   763  C  C   . LEU   A 1 100 ? -8.742  -3.020  -8.193  1.00 11.40 ? 100 LEU   A C   1 
ATOM   764  O  O   . LEU   A 1 100 ? -8.719  -4.112  -8.791  1.00 12.01 ? 100 LEU   A O   1 
ATOM   765  C  CB  . LEU   A 1 100 ? -8.267  -1.188  -9.816  1.00 14.54 ? 100 LEU   A CB  1 
ATOM   766  C  CG  . LEU   A 1 100 ? -7.495  0.064   -10.217 1.00 16.43 ? 100 LEU   A CG  1 
ATOM   767  C  CD1 . LEU   A 1 100 ? -8.146  0.735   -11.400 1.00 18.28 ? 100 LEU   A CD1 1 
ATOM   768  C  CD2 . LEU   A 1 100 ? -7.395  1.059   -9.088  1.00 17.86 ? 100 LEU   A CD2 1 
ATOM   769  N  N   . ALA   A 1 101 ? -9.684  -2.661  -7.343  1.00 10.82 ? 101 ALA   A N   1 
ATOM   770  C  CA  . ALA   A 1 101 ? -10.844 -3.487  -6.974  1.00 10.35 ? 101 ALA   A CA  1 
ATOM   771  C  C   . ALA   A 1 101 ? -12.071 -2.581  -6.929  1.00 10.62 ? 101 ALA   A C   1 
ATOM   772  O  O   . ALA   A 1 101 ? -11.920 -1.352  -6.706  1.00 12.52 ? 101 ALA   A O   1 
ATOM   773  C  CB  . ALA   A 1 101 ? -10.650 -4.138  -5.618  1.00 10.83 ? 101 ALA   A CB  1 
ATOM   774  N  N   . VAL   A 1 102 ? -13.246 -3.169  -7.054  1.00 10.95 ? 102 VAL   A N   1 
ATOM   775  C  CA  . VAL   A 1 102 ? -14.526 -2.453  -6.845  1.00 11.32 ? 102 VAL   A CA  1 
ATOM   776  C  C   . VAL   A 1 102 ? -14.788 -2.453  -5.329  1.00 11.75 ? 102 VAL   A C   1 
ATOM   777  O  O   . VAL   A 1 102 ? -14.847 -3.560  -4.660  1.00 12.20 ? 102 VAL   A O   1 
ATOM   778  C  CB  . VAL   A 1 102 ? -15.667 -3.113  -7.647  1.00 11.92 ? 102 VAL   A CB  1 
ATOM   779  C  CG1 . VAL   A 1 102 ? -17.000 -2.466  -7.328  1.00 12.06 ? 102 VAL   A CG1 1 
ATOM   780  C  CG2 . VAL   A 1 102 ? -15.449 -3.092  -9.153  1.00 11.33 ? 102 VAL   A CG2 1 
ATOM   781  N  N   . GLY   A 1 103 ? -14.849 -1.265  -4.738  1.00 12.08 ? 103 GLY   A N   1 
ATOM   782  C  CA  . GLY   A 1 103 ? -14.979 -1.213  -3.283  1.00 12.60 ? 103 GLY   A CA  1 
ATOM   783  C  C   . GLY   A 1 103 ? -14.981 0.216   -2.830  1.00 13.59 ? 103 GLY   A C   1 
ATOM   784  O  O   . GLY   A 1 103 ? -14.714 1.105   -3.650  1.00 13.51 ? 103 GLY   A O   1 
ATOM   785  N  N   . HIS   A 1 104 ? -15.303 0.396   -1.558  1.00 13.64 ? 104 HIS   A N   1 
ATOM   786  C  CA  . HIS   A 1 104 ? -15.313 1.724   -0.914  1.00 14.08 ? 104 HIS   A CA  1 
ATOM   787  C  C   . HIS   A 1 104 ? -13.920 2.115   -0.425  1.00 14.80 ? 104 HIS   A C   1 
ATOM   788  O  O   . HIS   A 1 104 ? -13.258 1.332   0.295   1.00 13.73 ? 104 HIS   A O   1 
ATOM   789  C  CB  . HIS   A 1 104 ? -16.321 1.778   0.224   1.00 14.65 ? 104 HIS   A CB  1 
ATOM   790  C  CG  . HIS   A 1 104 ? -16.423 3.159   0.770   1.00 14.67 ? 104 HIS   A CG  1 
ATOM   791  N  ND1 . HIS   A 1 104 ? -16.944 4.194   0.028   1.00 16.59 ? 104 HIS   A ND1 1 
ATOM   792  C  CD2 . HIS   A 1 104 ? -15.972 3.702   1.920   1.00 15.36 ? 104 HIS   A CD2 1 
ATOM   793  C  CE1 . HIS   A 1 104 ? -16.839 5.315   0.718   1.00 16.30 ? 104 HIS   A CE1 1 
ATOM   794  N  NE2 . HIS   A 1 104 ? -16.269 5.030   1.883   1.00 16.06 ? 104 HIS   A NE2 1 
ATOM   795  N  N   . SER   A 1 105 ? -13.572 3.370   -0.658  1.00 16.14 ? 105 SER   A N   1 
ATOM   796  C  CA  . SER   A 1 105 ? -12.275 3.960   -0.286  1.00 17.46 ? 105 SER   A CA  1 
ATOM   797  C  C   . SER   A 1 105 ? -12.456 5.474   -0.140  1.00 18.26 ? 105 SER   A C   1 
ATOM   798  O  O   . SER   A 1 105 ? -13.138 6.083   -0.993  1.00 20.61 ? 105 SER   A O   1 
ATOM   799  C  CB  . SER   A 1 105 ? -11.226 3.625   -1.314  1.00 18.71 ? 105 SER   A CB  1 
ATOM   800  O  OG  . SER   A 1 105 ? -9.919  3.931   -0.843  1.00 27.11 ? 105 SER   A OG  1 
ATOM   801  N  N   . GLU   A 1 106 ? -11.867 6.036   0.901   1.00 16.77 ? 106 GLU   A N   1 
ATOM   802  C  CA  . GLU   A 1 106 ? -11.781 7.497   1.128   1.00 17.55 ? 106 GLU   A CA  1 
ATOM   803  C  C   . GLU   A 1 106 ? -10.322 7.808   1.406   1.00 15.86 ? 106 GLU   A C   1 
ATOM   804  O  O   . GLU   A 1 106 ? -9.566  6.912   1.747   1.00 14.66 ? 106 GLU   A O   1 
ATOM   805  C  CB  . GLU   A 1 106 ? -12.693 7.918   2.287   1.00 18.22 ? 106 GLU   A CB  1 
ATOM   806  C  CG  . GLU   A 1 106 ? -14.168 7.783   1.959   1.00 21.07 ? 106 GLU   A CG  1 
ATOM   807  C  CD  . GLU   A 1 106 ? -15.129 8.050   3.113   1.00 21.50 ? 106 GLU   A CD  1 
ATOM   808  O  OE1 . GLU   A 1 106 ? -14.894 8.990   3.866   1.00 21.11 ? 106 GLU   A OE1 1 
ATOM   809  O  OE2 . GLU   A 1 106 ? -16.104 7.303   3.249   1.00 22.93 ? 106 GLU   A OE2 1 
ATOM   810  N  N   . PRO   A 1 107 ? -9.860  9.063   1.230   1.00 15.87 ? 107 PRO   A N   1 
ATOM   811  C  CA  . PRO   A 1 107 ? -8.442  9.366   1.417   1.00 15.47 ? 107 PRO   A CA  1 
ATOM   812  C  C   . PRO   A 1 107 ? -7.816  8.776   2.690   1.00 14.18 ? 107 PRO   A C   1 
ATOM   813  O  O   . PRO   A 1 107 ? -6.730  8.187   2.618   1.00 14.11 ? 107 PRO   A O   1 
ATOM   814  C  CB  . PRO   A 1 107 ? -8.464  10.905  1.394   1.00 16.40 ? 107 PRO   A CB  1 
ATOM   815  C  CG  . PRO   A 1 107 ? -9.535  11.212  0.380   1.00 16.74 ? 107 PRO   A CG  1 
ATOM   816  C  CD  . PRO   A 1 107 ? -10.632 10.218  0.731   1.00 16.47 ? 107 PRO   A CD  1 
ATOM   817  N  N   . GLY   A 1 108 ? -8.481  8.934   3.834   1.00 14.02 ? 108 GLY   A N   1 
ATOM   818  C  CA  . GLY   A 1 108 ? -8.045  8.435   5.147   1.00 13.53 ? 108 GLY   A CA  1 
ATOM   819  C  C   . GLY   A 1 108 ? -7.973  6.932   5.206   1.00 13.58 ? 108 GLY   A C   1 
ATOM   820  O  O   . GLY   A 1 108 ? -7.420  6.439   6.183   1.00 13.04 ? 108 GLY   A O   1 
ATOM   821  N  N   . ASP   A 1 109 ? -8.559  6.205   4.237   1.00 12.73 ? 109 ASP   A N   1 
ATOM   822  C  CA  . ASP   A 1 109 ? -8.408  4.732   4.191   1.00 12.23 ? 109 ASP   A CA  1 
ATOM   823  C  C   . ASP   A 1 109 ? -7.014  4.302   3.715   1.00 11.67 ? 109 ASP   A C   1 
ATOM   824  O  O   . ASP   A 1 109 ? -6.708  3.118   3.884   1.00 10.63 ? 109 ASP   A O   1 
ATOM   825  C  CB  . ASP   A 1 109 ? -9.482  4.090   3.320   1.00 12.53 ? 109 ASP   A CB  1 
ATOM   826  C  CG  . ASP   A 1 109 ? -10.855 4.180   3.957   1.00 12.39 ? 109 ASP   A CG  1 
ATOM   827  O  OD1 . ASP   A 1 109 ? -10.921 4.056   5.197   1.00 12.61 ? 109 ASP   A OD1 1 
ATOM   828  O  OD2 . ASP   A 1 109 ? -11.823 4.394   3.222   1.00 11.61 ? 109 ASP   A OD2 1 
ATOM   829  N  N   . CYS   A 1 110 ? -6.196  5.214   3.215   1.00 12.53 ? 110 CYS   A N   1 
ATOM   830  C  CA  . CYS   A 1 110 ? -4.792  4.894   2.834   1.00 12.56 ? 110 CYS   A CA  1 
ATOM   831  C  C   . CYS   A 1 110 ? -4.060  4.261   4.020   1.00 13.00 ? 110 CYS   A C   1 
ATOM   832  O  O   . CYS   A 1 110 ? -4.164  4.776   5.145   1.00 13.10 ? 110 CYS   A O   1 
ATOM   833  C  CB  . CYS   A 1 110 ? -4.024  6.102   2.312   1.00 13.15 ? 110 CYS   A CB  1 
ATOM   834  S  SG  . CYS   A 1 110 ? -4.577  6.578   0.658   1.00 13.29 ? 110 CYS   A SG  1 
ATOM   835  N  N   . GLY   A 1 111 ? -3.342  3.173   3.755   1.00 11.54 ? 111 GLY   A N   1 
ATOM   836  C  CA  . GLY   A 1 111 ? -2.544  2.427   4.739   1.00 12.71 ? 111 GLY   A CA  1 
ATOM   837  C  C   . GLY   A 1 111 ? -3.271  1.189   5.211   1.00 12.75 ? 111 GLY   A C   1 
ATOM   838  O  O   . GLY   A 1 111 ? -2.691  0.373   5.907   1.00 12.91 ? 111 GLY   A O   1 
ATOM   839  N  N   . GLY   A 1 112 ? -4.554  1.069   4.902   1.00 12.33 ? 112 GLY   A N   1 
ATOM   840  C  CA  . GLY   A 1 112 ? -5.275  -0.184  5.119   1.00 12.05 ? 112 GLY   A CA  1 
ATOM   841  C  C   . GLY   A 1 112 ? -4.587  -1.309  4.364   1.00 11.83 ? 112 GLY   A C   1 
ATOM   842  O  O   . GLY   A 1 112 ? -4.262  -1.107  3.186   1.00 12.81 ? 112 GLY   A O   1 
ATOM   843  N  N   . ILE   A 1 113 ? -4.459  -2.469  4.996   1.00 11.73 ? 113 ILE   A N   1 
ATOM   844  C  CA  . ILE   A 1 113 ? -3.720  -3.602  4.377   1.00 11.69 ? 113 ILE   A CA  1 
ATOM   845  C  C   . ILE   A 1 113 ? -4.683  -4.493  3.586   1.00 11.05 ? 113 ILE   A C   1 
ATOM   846  O  O   . ILE   A 1 113 ? -5.821  -4.771  4.033   1.00 11.22 ? 113 ILE   A O   1 
ATOM   847  C  CB  . ILE   A 1 113 ? -2.883  -4.348  5.422   1.00 13.27 ? 113 ILE   A CB  1 
ATOM   848  C  CG1 . ILE   A 1 113 ? -1.808  -3.432  6.011   1.00 15.26 ? 113 ILE   A CG1 1 
ATOM   849  C  CG2 . ILE   A 1 113 ? -2.284  -5.597  4.815   1.00 14.12 ? 113 ILE   A CG2 1 
ATOM   850  C  CD1 . ILE   A 1 113 ? -1.185  -3.965  7.283   1.00 16.40 ? 113 ILE   A CD1 1 
ATOM   851  N  N   . LEU   A 1 114 ? -4.209  -4.890  2.406   1.00 10.47 ? 114 LEU   A N   1 
ATOM   852  C  CA  . LEU   A 1 114 ? -4.826  -5.926  1.563   1.00 10.82 ? 114 LEU   A CA  1 
ATOM   853  C  C   . LEU   A 1 114 ? -4.027  -7.201  1.834   1.00 12.15 ? 114 LEU   A C   1 
ATOM   854  O  O   . LEU   A 1 114 ? -2.788  -7.173  1.720   1.00 11.51 ? 114 LEU   A O   1 
ATOM   855  C  CB  . LEU   A 1 114 ? -4.760  -5.472  0.101   1.00 10.22 ? 114 LEU   A CB  1 
ATOM   856  C  CG  . LEU   A 1 114 ? -5.240  -6.523  -0.899  1.00 10.05 ? 114 LEU   A CG  1 
ATOM   857  C  CD1 . LEU   A 1 114 ? -6.745  -6.754  -0.698  1.00 10.21 ? 114 LEU   A CD1 1 
ATOM   858  C  CD2 . LEU   A 1 114 ? -4.939  -6.101  -2.333  1.00 10.20 ? 114 LEU   A CD2 1 
ATOM   859  N  N   . ARG   A 1 115 ? -4.735  -8.284  2.171   0.62 12.53 ? 115 ARG   A N   1 
ATOM   860  C  CA  . ARG   A 1 115 ? -4.141  -9.592  2.553   0.62 12.83 ? 115 ARG   A CA  1 
ATOM   861  C  C   . ARG   A 1 115 ? -4.792  -10.727 1.757   0.62 12.82 ? 115 ARG   A C   1 
ATOM   862  O  O   . ARG   A 1 115 ? -6.003  -10.652 1.467   0.62 11.84 ? 115 ARG   A O   1 
ATOM   863  C  CB  . ARG   A 1 115 ? -4.332  -9.844  4.048   0.62 13.90 ? 115 ARG   A CB  1 
ATOM   864  C  CG  . ARG   A 1 115 ? -3.798  -8.737  4.941   0.62 15.29 ? 115 ARG   A CG  1 
ATOM   865  C  CD  . ARG   A 1 115 ? -3.777  -9.135  6.402   0.62 15.75 ? 115 ARG   A CD  1 
ATOM   866  N  NE  . ARG   A 1 115 ? -3.235  -8.067  7.233   0.62 18.01 ? 115 ARG   A NE  1 
ATOM   867  C  CZ  . ARG   A 1 115 ? -2.003  -8.031  7.742   0.62 18.51 ? 115 ARG   A CZ  1 
ATOM   868  N  NH1 . ARG   A 1 115 ? -1.156  -9.023  7.535   0.62 19.08 ? 115 ARG   A NH1 1 
ATOM   869  N  NH2 . ARG   A 1 115 ? -1.631  -6.999  8.484   0.62 19.92 ? 115 ARG   A NH2 1 
ATOM   870  N  N   . CYS   A 1 116 ? -3.989  -11.728 1.393   1.00 13.11 ? 116 CYS   A N   1 
ATOM   871  C  CA  . CYS   A 1 116 ? -4.466  -13.012 0.819   1.00 13.98 ? 116 CYS   A CA  1 
ATOM   872  C  C   . CYS   A 1 116 ? -4.020  -14.122 1.782   1.00 16.20 ? 116 CYS   A C   1 
ATOM   873  O  O   . CYS   A 1 116 ? -3.412  -13.807 2.817   1.00 17.90 ? 116 CYS   A O   1 
ATOM   874  C  CB  . CYS   A 1 116 ? -3.900  -13.230 -0.580  1.00 13.38 ? 116 CYS   A CB  1 
ATOM   875  S  SG  . CYS   A 1 116 ? -2.086  -13.351 -0.639  1.00 13.57 ? 116 CYS   A SG  1 
ATOM   876  N  N   . GLN   A 1 117 ? -4.228  -15.396 1.416   1.00 20.92 ? 117 GLN   A N   1 
ATOM   877  C  CA  . GLN   A 1 117 ? -3.781  -16.535 2.260   1.00 22.82 ? 117 GLN   A CA  1 
ATOM   878  C  C   . GLN   A 1 117 ? -2.260  -16.523 2.457   1.00 21.50 ? 117 GLN   A C   1 
ATOM   879  O  O   . GLN   A 1 117 ? -1.817  -17.058 3.476   1.00 25.02 ? 117 GLN   A O   1 
ATOM   880  C  CB  . GLN   A 1 117 ? -4.218  -17.877 1.662   1.00 25.32 ? 117 GLN   A CB  1 
ATOM   881  C  CG  . GLN   A 1 117 ? -3.603  -18.181 0.304   1.00 29.32 ? 117 GLN   A CG  1 
ATOM   882  C  CD  . GLN   A 1 117 ? -4.601  -17.991 -0.806  1.00 34.93 ? 117 GLN   A CD  1 
ATOM   883  O  OE1 . GLN   A 1 117 ? -5.295  -16.969 -0.862  1.00 41.01 ? 117 GLN   A OE1 1 
ATOM   884  N  NE2 . GLN   A 1 117 ? -4.675  -18.970 -1.698  1.00 34.73 ? 117 GLN   A NE2 1 
ATOM   885  N  N   . HIS   A 1 118 ? -1.484  -15.905 1.561   1.00 18.48 ? 118 HIS   A N   1 
ATOM   886  C  CA  . HIS   A 1 118 ? 0.001   -15.913 1.636   1.00 16.21 ? 118 HIS   A CA  1 
ATOM   887  C  C   . HIS   A 1 118 ? 0.540   -14.779 2.527   1.00 15.81 ? 118 HIS   A C   1 
ATOM   888  O  O   . HIS   A 1 118 ? 1.742   -14.810 2.909   1.00 17.82 ? 118 HIS   A O   1 
ATOM   889  C  CB  . HIS   A 1 118 ? 0.587   -15.827 0.222   1.00 15.04 ? 118 HIS   A CB  1 
ATOM   890  C  CG  . HIS   A 1 118 ? 0.117   -16.877 -0.719  1.00 16.65 ? 118 HIS   A CG  1 
ATOM   891  N  ND1 . HIS   A 1 118 ? -0.763  -16.601 -1.743  1.00 16.27 ? 118 HIS   A ND1 1 
ATOM   892  C  CD2 . HIS   A 1 118 ? 0.429   -18.195 -0.828  1.00 18.23 ? 118 HIS   A CD2 1 
ATOM   893  C  CE1 . HIS   A 1 118 ? -0.990  -17.708 -2.441  1.00 19.49 ? 118 HIS   A CE1 1 
ATOM   894  N  NE2 . HIS   A 1 118 ? -0.262  -18.702 -1.897  1.00 18.43 ? 118 HIS   A NE2 1 
ATOM   895  N  N   . GLY   A 1 119 ? -0.272  -13.774 2.851   1.00 15.02 ? 119 GLY   A N   1 
ATOM   896  C  CA  . GLY   A 1 119 ? 0.193   -12.638 3.671   1.00 14.03 ? 119 GLY   A CA  1 
ATOM   897  C  C   . GLY   A 1 119 ? -0.174  -11.282 3.089   1.00 12.85 ? 119 GLY   A C   1 
ATOM   898  O  O   . GLY   A 1 119 ? -1.187  -11.168 2.417   1.00 13.71 ? 119 GLY   A O   1 
ATOM   899  N  N   . VAL   A 1 120 ? 0.642   -10.273 3.348   1.00 11.89 ? 120 VAL   A N   1 
ATOM   900  C  CA  . VAL   A 1 120 ? 0.349   -8.874  2.938   1.00 12.02 ? 120 VAL   A CA  1 
ATOM   901  C  C   . VAL   A 1 120 ? 0.576   -8.733  1.438   1.00 11.49 ? 120 VAL   A C   1 
ATOM   902  O  O   . VAL   A 1 120 ? 1.700   -9.063  0.951   1.00 11.73 ? 120 VAL   A O   1 
ATOM   903  C  CB  . VAL   A 1 120 ? 1.194   -7.872  3.726   1.00 12.11 ? 120 VAL   A CB  1 
ATOM   904  C  CG1 . VAL   A 1 120 ? 1.003   -6.474  3.170   1.00 12.75 ? 120 VAL   A CG1 1 
ATOM   905  C  CG2 . VAL   A 1 120 ? 0.864   -7.899  5.207   1.00 12.00 ? 120 VAL   A CG2 1 
ATOM   906  N  N   . VAL   A 1 121 ? -0.429  -8.259  0.709   1.00 10.85 ? 121 VAL   A N   1 
ATOM   907  C  CA  . VAL   A 1 121 ? -0.344  -8.002  -0.761  1.00 10.44 ? 121 VAL   A CA  1 
ATOM   908  C  C   . VAL   A 1 121 ? 0.063   -6.540  -0.966  1.00 10.33 ? 121 VAL   A C   1 
ATOM   909  O  O   . VAL   A 1 121 ? 0.882   -6.243  -1.812  1.00 9.81  ? 121 VAL   A O   1 
ATOM   910  C  CB  . VAL   A 1 121 ? -1.694  -8.317  -1.427  1.00 10.60 ? 121 VAL   A CB  1 
ATOM   911  C  CG1 . VAL   A 1 121 ? -1.743  -7.979  -2.906  1.00 11.21 ? 121 VAL   A CG1 1 
ATOM   912  C  CG2 . VAL   A 1 121 ? -2.060  -9.761  -1.200  1.00 11.56 ? 121 VAL   A CG2 1 
ATOM   913  N  N   . GLY   A 1 122 ? -0.574  -5.622  -0.246  1.00 10.40 ? 122 GLY   A N   1 
ATOM   914  C  CA  . GLY   A 1 122 ? -0.321  -4.194  -0.469  1.00 10.66 ? 122 GLY   A CA  1 
ATOM   915  C  C   . GLY   A 1 122 ? -1.115  -3.306  0.464   1.00 10.22 ? 122 GLY   A C   1 
ATOM   916  O  O   . GLY   A 1 122 ? -1.668  -3.785  1.441   1.00 10.37 ? 122 GLY   A O   1 
ATOM   917  N  N   . ILE   A 1 123 ? -1.166  -2.019  0.144   1.00 11.55 ? 123 ILE   A N   1 
ATOM   918  C  CA  . ILE   A 1 123 ? -1.815  -1.038  1.040   1.00 12.01 ? 123 ILE   A CA  1 
ATOM   919  C  C   . ILE   A 1 123 ? -2.684  -0.139  0.183   1.00 11.30 ? 123 ILE   A C   1 
ATOM   920  O  O   . ILE   A 1 123 ? -2.282  0.214   -0.934  1.00 11.24 ? 123 ILE   A O   1 
ATOM   921  C  CB  . ILE   A 1 123 ? -0.813  -0.251  1.898   1.00 12.47 ? 123 ILE   A CB  1 
ATOM   922  C  CG1 . ILE   A 1 123 ? 0.332   0.358   1.101   1.00 14.08 ? 123 ILE   A CG1 1 
ATOM   923  C  CG2 . ILE   A 1 123 ? -0.313  -1.102  3.049   1.00 13.71 ? 123 ILE   A CG2 1 
ATOM   924  C  CD1 . ILE   A 1 123 ? 1.031   1.487   1.865   1.00 14.91 ? 123 ILE   A CD1 1 
ATOM   925  N  N   . VAL   A 1 124 ? -3.809  0.241   0.759   1.00 11.45 ? 124 VAL   A N   1 
ATOM   926  C  CA  . VAL   A 1 124 ? -4.720  1.230   0.156   1.00 11.14 ? 124 VAL   A CA  1 
ATOM   927  C  C   . VAL   A 1 124 ? -3.926  2.509   -0.162  1.00 11.10 ? 124 VAL   A C   1 
ATOM   928  O  O   . VAL   A 1 124 ? -3.192  3.016   0.703   1.00 10.91 ? 124 VAL   A O   1 
ATOM   929  C  CB  . VAL   A 1 124 ? -5.926  1.513   1.052   1.00 10.51 ? 124 VAL   A CB  1 
ATOM   930  C  CG1 . VAL   A 1 124 ? -6.775  2.603   0.439   1.00 10.01 ? 124 VAL   A CG1 1 
ATOM   931  C  CG2 . VAL   A 1 124 ? -6.779  0.286   1.301   1.00 10.12 ? 124 VAL   A CG2 1 
ATOM   932  N  N   . SER   A 1 125 ? -4.018  2.962   -1.412  1.00 11.75 ? 125 SER   A N   1 
ATOM   933  C  CA  . SER   A 1 125 ? -3.255  4.139   -1.902  1.00 13.01 ? 125 SER   A CA  1 
ATOM   934  C  C   . SER   A 1 125 ? -4.119  5.162   -2.662  1.00 14.43 ? 125 SER   A C   1 
ATOM   935  O  O   . SER   A 1 125 ? -3.784  6.361   -2.635  1.00 15.96 ? 125 SER   A O   1 
ATOM   936  C  CB  . SER   A 1 125 ? -2.104  3.651   -2.745  1.00 13.69 ? 125 SER   A CB  1 
ATOM   937  O  OG  . SER   A 1 125 ? -1.388  4.708   -3.384  1.00 13.07 ? 125 SER   A OG  1 
ATOM   938  N  N   . THR   A 1 126 ? -5.126  4.695   -3.397  0.71 14.64 ? 126 THR   A N   1 
ATOM   939  C  CA  . THR   A 1 126 ? -5.932  5.540   -4.315  0.71 15.62 ? 126 THR   A CA  1 
ATOM   940  C  C   . THR   A 1 126 ? -7.405  5.148   -4.218  0.71 15.44 ? 126 THR   A C   1 
ATOM   941  O  O   . THR   A 1 126 ? -7.709  4.078   -3.669  0.71 13.97 ? 126 THR   A O   1 
ATOM   942  C  CB  . THR   A 1 126 ? -5.445  5.432   -5.767  0.71 16.63 ? 126 THR   A CB  1 
ATOM   943  O  OG1 . THR   A 1 126 ? -5.857  4.177   -6.316  0.71 17.51 ? 126 THR   A OG1 1 
ATOM   944  C  CG2 . THR   A 1 126 ? -3.945  5.578   -5.895  0.71 17.74 ? 126 THR   A CG2 1 
ATOM   945  N  N   . GLY   A 1 127 ? -8.282  5.986   -4.763  0.71 16.42 ? 127 GLY   A N   1 
ATOM   946  C  CA  . GLY   A 1 127 ? -9.706  5.652   -4.907  0.71 17.70 ? 127 GLY   A CA  1 
ATOM   947  C  C   . GLY   A 1 127 ? -10.460 6.729   -5.648  0.71 19.35 ? 127 GLY   A C   1 
ATOM   948  O  O   . GLY   A 1 127 ? -9.911  7.834   -5.839  0.71 20.57 ? 127 GLY   A O   1 
ATOM   949  N  N   . GLY   A 1 128 ? -11.684 6.404   -6.041  0.71 21.23 ? 128 GLY   A N   1 
ATOM   950  C  CA  . GLY   A 1 128 ? -12.584 7.289   -6.798  0.71 22.18 ? 128 GLY   A CA  1 
ATOM   951  C  C   . GLY   A 1 128 ? -13.572 6.471   -7.596  0.71 23.78 ? 128 GLY   A C   1 
ATOM   952  O  O   . GLY   A 1 128 ? -13.182 5.387   -8.079  0.71 22.59 ? 128 GLY   A O   1 
ATOM   953  N  N   . ASN   A 1 129 ? -14.813 6.953   -7.694  0.71 25.69 ? 129 ASN   A N   1 
ATOM   954  C  CA  . ASN   A 1 129 ? -15.878 6.347   -8.535  0.71 25.84 ? 129 ASN   A CA  1 
ATOM   955  C  C   . ASN   A 1 129 ? -16.063 4.868   -8.159  0.71 23.21 ? 129 ASN   A C   1 
ATOM   956  O  O   . ASN   A 1 129 ? -16.138 4.047   -9.087  0.71 24.87 ? 129 ASN   A O   1 
ATOM   957  C  CB  . ASN   A 1 129 ? -15.538 6.503   -10.023 0.71 27.54 ? 129 ASN   A CB  1 
ATOM   958  C  CG  . ASN   A 1 129 ? -15.258 7.937   -10.426 0.71 30.27 ? 129 ASN   A CG  1 
ATOM   959  O  OD1 . ASN   A 1 129 ? -15.357 8.856   -9.608  0.71 32.21 ? 129 ASN   A OD1 1 
ATOM   960  N  ND2 . ASN   A 1 129 ? -14.912 8.142   -11.689 0.71 29.93 ? 129 ASN   A ND2 1 
ATOM   961  N  N   . GLY   A 1 130 ? -16.136 4.534   -6.864  1.00 20.87 ? 130 GLY   A N   1 
ATOM   962  C  CA  . GLY   A 1 130 ? -16.425 3.149   -6.439  1.00 18.72 ? 130 GLY   A CA  1 
ATOM   963  C  C   . GLY   A 1 130 ? -15.284 2.136   -6.625  1.00 16.67 ? 130 GLY   A C   1 
ATOM   964  O  O   . GLY   A 1 130 ? -15.534 0.940   -6.586  1.00 14.45 ? 130 GLY   A O   1 
ATOM   965  N  N   . LEU   A 1 131 ? -14.052 2.616   -6.792  0.71 16.59 ? 131 LEU   A N   1 
ATOM   966  C  CA  . LEU   A 1 131 ? -12.853 1.765   -6.985  0.71 17.02 ? 131 LEU   A CA  1 
ATOM   967  C  C   . LEU   A 1 131 ? -11.835 2.068   -5.883  0.71 16.38 ? 131 LEU   A C   1 
ATOM   968  O  O   . LEU   A 1 131 ? -11.716 3.240   -5.473  0.71 17.53 ? 131 LEU   A O   1 
ATOM   969  C  CB  . LEU   A 1 131 ? -12.272 2.022   -8.376  0.71 18.52 ? 131 LEU   A CB  1 
ATOM   970  C  CG  . LEU   A 1 131 ? -13.214 1.725   -9.545  0.71 19.04 ? 131 LEU   A CG  1 
ATOM   971  C  CD1 . LEU   A 1 131 ? -12.822 2.531   -10.772 0.71 20.23 ? 131 LEU   A CD1 1 
ATOM   972  C  CD2 . LEU   A 1 131 ? -13.237 0.239   -9.864  0.71 19.39 ? 131 LEU   A CD2 1 
ATOM   973  N  N   . VAL   A 1 132 ? -11.134 1.030   -5.422  1.00 14.53 ? 132 VAL   A N   1 
ATOM   974  C  CA  . VAL   A 1 132 ? -10.085 1.171   -4.394  1.00 14.34 ? 132 VAL   A CA  1 
ATOM   975  C  C   . VAL   A 1 132 ? -8.808  0.695   -5.077  1.00 13.74 ? 132 VAL   A C   1 
ATOM   976  O  O   . VAL   A 1 132 ? -8.856  -0.342  -5.752  1.00 15.20 ? 132 VAL   A O   1 
ATOM   977  C  CB  . VAL   A 1 132 ? -10.435 0.422   -3.100  1.00 14.41 ? 132 VAL   A CB  1 
ATOM   978  C  CG1 . VAL   A 1 132 ? -10.923 -0.992  -3.325  1.00 16.19 ? 132 VAL   A CG1 1 
ATOM   979  C  CG2 . VAL   A 1 132 ? -9.260  0.440   -2.139  1.00 15.16 ? 132 VAL   A CG2 1 
ATOM   980  N  N   . GLY   A 1 133 ? -7.761  1.509   -5.007  1.00 12.38 ? 133 GLY   A N   1 
ATOM   981  C  CA  . GLY   A 1 133 ? -6.439  1.177   -5.544  1.00 12.31 ? 133 GLY   A CA  1 
ATOM   982  C  C   . GLY   A 1 133 ? -5.482  0.812   -4.433  1.00 11.72 ? 133 GLY   A C   1 
ATOM   983  O  O   . GLY   A 1 133 ? -5.436  1.526   -3.414  1.00 11.67 ? 133 GLY   A O   1 
ATOM   984  N  N   . PHE   A 1 134 ? -4.729  -0.264  -4.636  1.00 10.38 ? 134 PHE   A N   1 
ATOM   985  C  CA  . PHE   A 1 134 ? -3.753  -0.768  -3.643  1.00 10.09 ? 134 PHE   A CA  1 
ATOM   986  C  C   . PHE   A 1 134 ? -2.348  -0.754  -4.250  1.00 10.46 ? 134 PHE   A C   1 
ATOM   987  O  O   . PHE   A 1 134 ? -2.203  -1.215  -5.390  1.00 11.95 ? 134 PHE   A O   1 
ATOM   988  C  CB  . PHE   A 1 134 ? -4.076  -2.200  -3.226  1.00 9.94  ? 134 PHE   A CB  1 
ATOM   989  C  CG  . PHE   A 1 134 ? -5.483  -2.428  -2.775  1.00 9.97  ? 134 PHE   A CG  1 
ATOM   990  C  CD1 . PHE   A 1 134 ? -5.831  -2.226  -1.449  1.00 10.12 ? 134 PHE   A CD1 1 
ATOM   991  C  CD2 . PHE   A 1 134 ? -6.432  -2.914  -3.664  1.00 11.19 ? 134 PHE   A CD2 1 
ATOM   992  C  CE1 . PHE   A 1 134 ? -7.125  -2.484  -1.038  1.00 10.59 ? 134 PHE   A CE1 1 
ATOM   993  C  CE2 . PHE   A 1 134 ? -7.733  -3.134  -3.256  1.00 10.86 ? 134 PHE   A CE2 1 
ATOM   994  C  CZ  . PHE   A 1 134 ? -8.065  -2.926  -1.931  1.00 10.74 ? 134 PHE   A CZ  1 
ATOM   995  N  N   . ALA   A 1 135 ? -1.374  -0.214  -3.540  1.00 11.15 ? 135 ALA   A N   1 
ATOM   996  C  CA  . ALA   A 1 135 ? 0.051   -0.224  -3.926  1.00 9.69  ? 135 ALA   A CA  1 
ATOM   997  C  C   . ALA   A 1 135 ? 0.598   -1.606  -3.586  1.00 10.40 ? 135 ALA   A C   1 
ATOM   998  O  O   . ALA   A 1 135 ? 0.568   -1.986  -2.406  1.00 10.75 ? 135 ALA   A O   1 
ATOM   999  C  CB  . ALA   A 1 135 ? 0.818   0.871   -3.213  1.00 9.83  ? 135 ALA   A CB  1 
ATOM   1000 N  N   . ASP   A 1 136 ? 0.967   -2.379  -4.606  1.00 10.61 ? 136 ASP   A N   1 
ATOM   1001 C  CA  . ASP   A 1 136 ? 1.523   -3.741  -4.433  1.00 11.07 ? 136 ASP   A CA  1 
ATOM   1002 C  C   . ASP   A 1 136 ? 2.861   -3.646  -3.701  1.00 11.15 ? 136 ASP   A C   1 
ATOM   1003 O  O   . ASP   A 1 136 ? 3.607   -2.701  -3.976  1.00 12.84 ? 136 ASP   A O   1 
ATOM   1004 C  CB  . ASP   A 1 136 ? 1.724   -4.426  -5.779  1.00 11.76 ? 136 ASP   A CB  1 
ATOM   1005 C  CG  . ASP   A 1 136 ? 2.190   -5.868  -5.655  1.00 13.06 ? 136 ASP   A CG  1 
ATOM   1006 O  OD1 . ASP   A 1 136 ? 1.554   -6.628  -4.949  1.00 13.43 ? 136 ASP   A OD1 1 
ATOM   1007 O  OD2 . ASP   A 1 136 ? 3.237   -6.208  -6.248  1.00 16.10 ? 136 ASP   A OD2 1 
ATOM   1008 N  N   . VAL   A 1 137 ? 3.177   -4.608  -2.824  1.00 11.73 ? 137 VAL   A N   1 
ATOM   1009 C  CA  . VAL   A 1 137 ? 4.522   -4.736  -2.207  1.00 11.06 ? 137 VAL   A CA  1 
ATOM   1010 C  C   . VAL   A 1 137 ? 5.105   -6.132  -2.506  1.00 12.17 ? 137 VAL   A C   1 
ATOM   1011 O  O   . VAL   A 1 137 ? 6.196   -6.393  -2.074  1.00 12.29 ? 137 VAL   A O   1 
ATOM   1012 C  CB  . VAL   A 1 137 ? 4.460   -4.449  -0.692  1.00 11.95 ? 137 VAL   A CB  1 
ATOM   1013 C  CG1 . VAL   A 1 137 ? 3.964   -3.031  -0.361  1.00 12.53 ? 137 VAL   A CG1 1 
ATOM   1014 C  CG2 . VAL   A 1 137 ? 3.615   -5.485  0.024   1.00 11.84 ? 137 VAL   A CG2 1 
ATOM   1015 N  N   . ARG   A 1 138 ? 4.377   -7.026  -3.185  1.00 12.01 ? 138 ARG   A N   1 
ATOM   1016 C  CA  . ARG   A 1 138 ? 4.802   -8.449  -3.301  1.00 11.12 ? 138 ARG   A CA  1 
ATOM   1017 C  C   . ARG   A 1 138 ? 6.091   -8.556  -4.095  1.00 11.93 ? 138 ARG   A C   1 
ATOM   1018 O  O   . ARG   A 1 138 ? 6.781   -9.565  -3.883  1.00 12.18 ? 138 ARG   A O   1 
ATOM   1019 C  CB  . ARG   A 1 138 ? 3.702   -9.294  -3.931  1.00 12.04 ? 138 ARG   A CB  1 
ATOM   1020 C  CG  . ARG   A 1 138 ? 2.472   -9.364  -3.039  1.00 11.56 ? 138 ARG   A CG  1 
ATOM   1021 C  CD  . ARG   A 1 138 ? 1.428   -10.184 -3.739  1.00 11.45 ? 138 ARG   A CD  1 
ATOM   1022 N  NE  . ARG   A 1 138 ? 0.892   -9.378  -4.797  1.00 11.67 ? 138 ARG   A NE  1 
ATOM   1023 C  CZ  . ARG   A 1 138 ? -0.095  -9.748  -5.611  1.00 11.79 ? 138 ARG   A CZ  1 
ATOM   1024 N  NH1 . ARG   A 1 138 ? -0.592  -10.982 -5.546  1.00 12.31 ? 138 ARG   A NH1 1 
ATOM   1025 N  NH2 . ARG   A 1 138 ? -0.559  -8.886  -6.502  1.00 12.14 ? 138 ARG   A NH2 1 
ATOM   1026 N  N   . ASP   A 1 139 ? 6.375   -7.592  -4.966  1.00 11.87 ? 139 ASP   A N   1 
ATOM   1027 C  CA  . ASP   A 1 139 ? 7.596   -7.605  -5.815  1.00 12.71 ? 139 ASP   A CA  1 
ATOM   1028 C  C   . ASP   A 1 139 ? 8.812   -7.151  -5.001  1.00 13.58 ? 139 ASP   A C   1 
ATOM   1029 O  O   . ASP   A 1 139 ? 9.934   -7.368  -5.508  1.00 14.02 ? 139 ASP   A O   1 
ATOM   1030 C  CB  . ASP   A 1 139 ? 7.390   -6.752  -7.067  1.00 13.10 ? 139 ASP   A CB  1 
ATOM   1031 C  CG  . ASP   A 1 139 ? 7.363   -5.271  -6.739  1.00 15.09 ? 139 ASP   A CG  1 
ATOM   1032 O  OD1 . ASP   A 1 139 ? 6.715   -4.917  -5.710  1.00 15.94 ? 139 ASP   A OD1 1 
ATOM   1033 O  OD2 . ASP   A 1 139 ? 7.985   -4.472  -7.490  1.00 17.23 ? 139 ASP   A OD2 1 
ATOM   1034 N  N   . LEU   A 1 140 ? 8.650   -6.582  -3.791  1.00 12.86 ? 140 LEU   A N   1 
ATOM   1035 C  CA  . LEU   A 1 140 ? 9.819   -6.016  -3.053  1.00 13.62 ? 140 LEU   A CA  1 
ATOM   1036 C  C   . LEU   A 1 140 ? 10.440  -7.136  -2.216  1.00 14.39 ? 140 LEU   A C   1 
ATOM   1037 O  O   . LEU   A 1 140 ? 10.189  -7.229  -0.972  1.00 13.40 ? 140 LEU   A O   1 
ATOM   1038 C  CB  . LEU   A 1 140 ? 9.360   -4.830  -2.204  1.00 12.59 ? 140 LEU   A CB  1 
ATOM   1039 C  CG  . LEU   A 1 140 ? 8.638   -3.707  -2.940  1.00 13.32 ? 140 LEU   A CG  1 
ATOM   1040 C  CD1 . LEU   A 1 140 ? 8.083   -2.727  -1.908  1.00 13.18 ? 140 LEU   A CD1 1 
ATOM   1041 C  CD2 . LEU   A 1 140 ? 9.541   -2.981  -3.930  1.00 13.13 ? 140 LEU   A CD2 1 
ATOM   1042 N  N   . LEU   A 1 141 ? 11.221  -8.000  -2.867  1.00 14.19 ? 141 LEU   A N   1 
ATOM   1043 C  CA  . LEU   A 1 141 ? 11.684  -9.256  -2.224  1.00 15.17 ? 141 LEU   A CA  1 
ATOM   1044 C  C   . LEU   A 1 141 ? 12.653  -8.931  -1.085  1.00 16.42 ? 141 LEU   A C   1 
ATOM   1045 O  O   . LEU   A 1 141 ? 12.696  -9.681  -0.094  1.00 17.77 ? 141 LEU   A O   1 
ATOM   1046 C  CB  . LEU   A 1 141 ? 12.367  -10.156 -3.255  1.00 16.21 ? 141 LEU   A CB  1 
ATOM   1047 C  CG  . LEU   A 1 141 ? 11.544  -10.556 -4.467  1.00 16.01 ? 141 LEU   A CG  1 
ATOM   1048 C  CD1 . LEU   A 1 141 ? 12.265  -11.660 -5.236  1.00 16.94 ? 141 LEU   A CD1 1 
ATOM   1049 C  CD2 . LEU   A 1 141 ? 10.172  -11.012 -4.043  1.00 16.48 ? 141 LEU   A CD2 1 
ATOM   1050 N  N   . TRP   A 1 142 ? 13.372  -7.808  -1.197  1.00 17.07 ? 142 TRP   A N   1 
ATOM   1051 C  CA  . TRP   A 1 142 ? 14.382  -7.380  -0.200  1.00 17.14 ? 142 TRP   A CA  1 
ATOM   1052 C  C   . TRP   A 1 142 ? 13.726  -7.073  1.151   1.00 18.02 ? 142 TRP   A C   1 
ATOM   1053 O  O   . TRP   A 1 142 ? 14.455  -7.029  2.169   1.00 19.97 ? 142 TRP   A O   1 
ATOM   1054 C  CB  . TRP   A 1 142 ? 15.190  -6.199  -0.745  1.00 16.93 ? 142 TRP   A CB  1 
ATOM   1055 C  CG  . TRP   A 1 142 ? 14.354  -5.048  -1.207  1.00 16.40 ? 142 TRP   A CG  1 
ATOM   1056 C  CD1 . TRP   A 1 142 ? 13.907  -4.817  -2.476  1.00 15.47 ? 142 TRP   A CD1 1 
ATOM   1057 C  CD2 . TRP   A 1 142 ? 13.829  -3.979  -0.395  1.00 15.31 ? 142 TRP   A CD2 1 
ATOM   1058 N  NE1 . TRP   A 1 142 ? 13.157  -3.676  -2.512  1.00 15.54 ? 142 TRP   A NE1 1 
ATOM   1059 C  CE2 . TRP   A 1 142 ? 13.110  -3.130  -1.260  1.00 15.48 ? 142 TRP   A CE2 1 
ATOM   1060 C  CE3 . TRP   A 1 142 ? 13.943  -3.652  0.953   1.00 15.62 ? 142 TRP   A CE3 1 
ATOM   1061 C  CZ2 . TRP   A 1 142 ? 12.488  -1.975  -0.809  1.00 16.30 ? 142 TRP   A CZ2 1 
ATOM   1062 C  CZ3 . TRP   A 1 142 ? 13.335  -2.498  1.401   1.00 17.24 ? 142 TRP   A CZ3 1 
ATOM   1063 C  CH2 . TRP   A 1 142 ? 12.605  -1.689  0.531   1.00 15.69 ? 142 TRP   A CH2 1 
ATOM   1064 N  N   . LEU   A 1 143 ? 12.406  -6.887  1.219   1.00 19.10 ? 143 LEU   A N   1 
ATOM   1065 C  CA  . LEU   A 1 143 ? 11.714  -6.613  2.513   1.00 20.86 ? 143 LEU   A CA  1 
ATOM   1066 C  C   . LEU   A 1 143 ? 11.963  -7.755  3.504   1.00 24.68 ? 143 LEU   A C   1 
ATOM   1067 O  O   . LEU   A 1 143 ? 11.884  -7.495  4.727   1.00 23.98 ? 143 LEU   A O   1 
ATOM   1068 C  CB  . LEU   A 1 143 ? 10.213  -6.427  2.292   1.00 19.13 ? 143 LEU   A CB  1 
ATOM   1069 C  CG  . LEU   A 1 143 ? 9.773   -5.060  1.793   1.00 18.74 ? 143 LEU   A CG  1 
ATOM   1070 C  CD1 . LEU   A 1 143 ? 8.283   -5.079  1.484   1.00 20.31 ? 143 LEU   A CD1 1 
ATOM   1071 C  CD2 . LEU   A 1 143 ? 10.092  -3.946  2.803   1.00 19.69 ? 143 LEU   A CD2 1 
ATOM   1072 N  N   . ASP   A 1 144 ? 12.267  -8.955  2.979   1.00 29.62 ? 144 ASP   A N   1 
ATOM   1073 C  CA  . ASP   A 1 144 ? 12.359  -10.254 3.701   1.00 36.50 ? 144 ASP   A CA  1 
ATOM   1074 C  C   . ASP   A 1 144 ? 13.779  -10.657 4.099   1.00 41.43 ? 144 ASP   A C   1 
ATOM   1075 O  O   . ASP   A 1 144 ? 13.905  -11.806 4.562   1.00 44.56 ? 144 ASP   A O   1 
ATOM   1076 C  CB  . ASP   A 1 144 ? 11.868  -11.405 2.820   1.00 37.08 ? 144 ASP   A CB  1 
ATOM   1077 C  CG  . ASP   A 1 144 ? 10.399  -11.672 3.010   1.00 36.74 ? 144 ASP   A CG  1 
ATOM   1078 O  OD1 . ASP   A 1 144 ? 9.926   -11.478 4.145   1.00 41.33 ? 144 ASP   A OD1 1 
ATOM   1079 O  OD2 . ASP   A 1 144 ? 9.751   -12.039 2.023   1.00 42.04 ? 144 ASP   A OD2 1 
ATOM   1080 N  N   . GLU   A 1 145 ? 14.799  -9.818  3.891   1.00 49.92 ? 145 GLU   A N   1 
ATOM   1081 C  CA  . GLU   A 1 145 ? 16.164  -10.056 4.451   1.00 60.67 ? 145 GLU   A CA  1 
ATOM   1082 C  C   . GLU   A 1 145 ? 16.777  -8.737  4.936   1.00 68.62 ? 145 GLU   A C   1 
ATOM   1083 O  O   . GLU   A 1 145 ? 16.352  -7.663  4.454   1.00 70.19 ? 145 GLU   A O   1 
ATOM   1084 C  CB  . GLU   A 1 145 ? 17.095  -10.744 3.447   1.00 61.09 ? 145 GLU   A CB  1 
ATOM   1085 C  CG  . GLU   A 1 145 ? 17.434  -9.905  2.225   1.00 63.28 ? 145 GLU   A CG  1 
ATOM   1086 C  CD  . GLU   A 1 145 ? 16.645  -10.254 0.975   1.00 63.77 ? 145 GLU   A CD  1 
ATOM   1087 O  OE1 . GLU   A 1 145 ? 17.097  -9.890  -0.138  1.00 61.22 ? 145 GLU   A OE1 1 
ATOM   1088 O  OE2 . GLU   A 1 145 ? 15.587  -10.894 1.119   1.00 64.01 ? 145 GLU   A OE2 1 
HETATM 1089 N  N1  . A1AM8 B 2 .   ? -5.553  -11.343 8.383   0.62 28.61 ? 201 A1AM8 A N1  1 
HETATM 1090 C  C4  . A1AM8 B 2 .   ? -2.514  -9.752  10.630  0.62 27.72 ? 201 A1AM8 A C4  1 
HETATM 1091 C  C5  . A1AM8 B 2 .   ? -3.358  -11.437 9.328   0.62 27.32 ? 201 A1AM8 A C5  1 
HETATM 1092 C  C6  . A1AM8 B 2 .   ? -4.573  -10.770 9.169   0.62 28.11 ? 201 A1AM8 A C6  1 
HETATM 1093 N  N   . A1AM8 B 2 .   ? -2.340  -10.944 10.042  0.62 27.90 ? 201 A1AM8 A N   1 
HETATM 1094 C  C   . A1AM8 B 2 .   ? -6.320  -6.554  10.466  0.62 27.44 ? 201 A1AM8 A C   1 
HETATM 1095 O  O   . A1AM8 B 2 .   ? -6.244  -7.975  10.736  0.62 27.86 ? 201 A1AM8 A O   1 
HETATM 1096 C  C1  . A1AM8 B 2 .   ? -6.015  -8.760  9.689   0.62 27.88 ? 201 A1AM8 A C1  1 
HETATM 1097 C  C2  . A1AM8 B 2 .   ? -4.740  -9.519  9.810   0.62 28.50 ? 201 A1AM8 A C2  1 
HETATM 1098 C  C3  . A1AM8 B 2 .   ? -3.677  -9.006  10.554  0.62 26.68 ? 201 A1AM8 A C3  1 
HETATM 1099 O  O1  . A1AM8 B 2 .   ? -6.766  -8.846  8.752   0.62 31.32 ? 201 A1AM8 A O1  1 
HETATM 1100 N  N1  A A1AM8 C 2 .   ? -9.194  7.056   -1.791  0.36 23.02 ? 202 A1AM8 A N1  1 
HETATM 1101 N  N1  B A1AM8 C 2 .   ? -10.934 7.492   -2.151  0.35 21.16 ? 202 A1AM8 A N1  1 
HETATM 1102 C  C4  A A1AM8 C 2 .   ? -11.609 9.854   -3.577  0.36 23.60 ? 202 A1AM8 A C4  1 
HETATM 1103 C  C4  B A1AM8 C 2 .   ? -9.012  10.724  -3.792  0.35 19.98 ? 202 A1AM8 A C4  1 
HETATM 1104 C  C5  A A1AM8 C 2 .   ? -11.284 7.780   -2.681  0.36 23.24 ? 202 A1AM8 A C5  1 
HETATM 1105 C  C5  B A1AM8 C 2 .   ? -10.929 9.537   -3.405  0.35 20.73 ? 202 A1AM8 A C5  1 
HETATM 1106 C  C6  A A1AM8 C 2 .   ? -9.953  8.032   -2.419  0.36 23.73 ? 202 A1AM8 A C6  1 
HETATM 1107 C  C6  B A1AM8 C 2 .   ? -10.236 8.550   -2.683  0.35 20.41 ? 202 A1AM8 A C6  1 
HETATM 1108 N  N   A A1AM8 C 2 .   ? -12.113 8.664   -3.239  0.36 23.03 ? 202 A1AM8 A N   1 
HETATM 1109 N  N   B A1AM8 C 2 .   ? -10.333 10.600  -3.959  0.35 19.90 ? 202 A1AM8 A N   1 
HETATM 1110 C  C   A A1AM8 C 2 .   ? -6.292  8.199   -1.910  0.36 28.58 ? 202 A1AM8 A C   1 
HETATM 1111 C  C   B A1AM8 C 2 .   ? -7.923  5.578   -0.791  0.35 16.64 ? 202 A1AM8 A C   1 
HETATM 1112 O  O   A A1AM8 C 2 .   ? -7.479  8.946   -1.545  0.36 27.19 ? 202 A1AM8 A O   1 
HETATM 1113 O  O   B A1AM8 C 2 .   ? -8.704  6.646   -1.379  0.35 17.57 ? 202 A1AM8 A O   1 
HETATM 1114 C  C1  A A1AM8 C 2 .   ? -8.029  9.684   -2.506  0.36 26.12 ? 202 A1AM8 A C1  1 
HETATM 1115 C  C1  B A1AM8 C 2 .   ? -8.005  7.677   -1.835  0.35 18.94 ? 202 A1AM8 A C1  1 
HETATM 1116 C  C2  A A1AM8 C 2 .   ? -9.437  9.298   -2.780  0.36 24.46 ? 202 A1AM8 A C2  1 
HETATM 1117 C  C2  B A1AM8 C 2 .   ? -8.840  8.699   -2.534  0.35 19.60 ? 202 A1AM8 A C2  1 
HETATM 1118 C  C3  A A1AM8 C 2 .   ? -10.290 10.221  -3.381  0.36 23.76 ? 202 A1AM8 A C3  1 
HETATM 1119 C  C3  B A1AM8 C 2 .   ? -8.229  9.822   -3.093  0.35 20.24 ? 202 A1AM8 A C3  1 
HETATM 1120 O  O1  A A1AM8 C 2 .   ? -7.464  10.593  -3.061  0.36 26.27 ? 202 A1AM8 A O1  1 
HETATM 1121 O  O1  B A1AM8 C 2 .   ? -6.817  7.766   -1.695  0.35 20.73 ? 202 A1AM8 A O1  1 
HETATM 1122 ZN ZN  . ZN    D 3 .   ? -1.490  -14.821 -2.308  1.00 14.81 ? 203 ZN    A ZN  1 
HETATM 1123 S  S   . DMS   E 4 .   ? 9.918   7.117   -9.154  1.00 47.44 ? 204 DMS   A S   1 
HETATM 1124 O  O   . DMS   E 4 .   ? 8.840   8.165   -9.084  1.00 34.36 ? 204 DMS   A O   1 
HETATM 1125 C  C1  . DMS   E 4 .   ? 9.736   6.339   -10.745 1.00 42.76 ? 204 DMS   A C1  1 
HETATM 1126 C  C2  . DMS   E 4 .   ? 11.441  7.986   -9.470  1.00 44.02 ? 204 DMS   A C2  1 
HETATM 1127 S  S   . DMS   F 4 .   ? -18.831 -3.278  -3.863  1.00 49.80 ? 205 DMS   A S   1 
HETATM 1128 O  O   . DMS   F 4 .   ? -18.634 -1.798  -3.786  1.00 44.40 ? 205 DMS   A O   1 
HETATM 1129 C  C1  . DMS   F 4 .   ? -19.665 -3.739  -2.363  1.00 49.79 ? 205 DMS   A C1  1 
HETATM 1130 C  C2  . DMS   F 4 .   ? -20.179 -3.565  -4.984  1.00 50.28 ? 205 DMS   A C2  1 
HETATM 1131 O  O   . HOH   G 5 .   ? -7.780  -9.206  7.128   1.00 21.26 ? 301 HOH   A O   1 
HETATM 1132 O  O   . HOH   G 5 .   ? 14.282  10.140  13.358  0.50 51.19 ? 302 HOH   A O   1 
HETATM 1133 O  O   . HOH   G 5 .   ? -6.327  -15.358 -2.120  1.00 39.66 ? 303 HOH   A O   1 
HETATM 1134 O  O   . HOH   G 5 .   ? 7.632   -11.739 4.691   1.00 22.54 ? 304 HOH   A O   1 
HETATM 1135 O  O   . HOH   G 5 .   ? -10.043 2.062   11.888  1.00 23.85 ? 305 HOH   A O   1 
HETATM 1136 O  O   . HOH   G 5 .   ? 1.768   14.468  3.610   0.71 28.09 ? 306 HOH   A O   1 
HETATM 1137 O  O   . HOH   G 5 .   ? 10.927  3.916   10.647  1.00 36.61 ? 307 HOH   A O   1 
HETATM 1138 O  O   . HOH   G 5 .   ? 0.320   18.231  -3.120  0.71 26.64 ? 308 HOH   A O   1 
HETATM 1139 O  O   . HOH   G 5 .   ? 14.868  -6.256  8.215   1.00 28.31 ? 309 HOH   A O   1 
HETATM 1140 O  O   . HOH   G 5 .   ? 1.571   -9.775  8.180   1.00 33.57 ? 310 HOH   A O   1 
HETATM 1141 O  O   . HOH   G 5 .   ? 15.207  8.911   -2.735  1.00 26.25 ? 311 HOH   A O   1 
HETATM 1142 O  O   . HOH   G 5 .   ? 0.400   4.652   5.237   1.00 12.79 ? 312 HOH   A O   1 
HETATM 1143 O  O   . HOH   G 5 .   ? 8.318   11.995  12.749  1.00 25.37 ? 313 HOH   A O   1 
HETATM 1144 O  O   . HOH   G 5 .   ? 9.361   -3.572  11.148  1.00 20.41 ? 314 HOH   A O   1 
HETATM 1145 O  O   . HOH   G 5 .   ? 1.463   1.874   12.167  0.62 23.95 ? 315 HOH   A O   1 
HETATM 1146 O  O   . HOH   G 5 .   ? 4.254   -4.965  -8.521  1.00 16.65 ? 316 HOH   A O   1 
HETATM 1147 O  O   . HOH   G 5 .   ? 0.746   -3.720  10.089  1.00 31.94 ? 317 HOH   A O   1 
HETATM 1148 O  O   . HOH   G 5 .   ? 3.539   -8.495  -7.506  1.00 12.03 ? 318 HOH   A O   1 
HETATM 1149 O  O   . HOH   G 5 .   ? 17.148  10.214  4.978   1.00 24.06 ? 319 HOH   A O   1 
HETATM 1150 O  O   . HOH   G 5 .   ? 1.654   -7.195  -12.920 1.00 31.72 ? 320 HOH   A O   1 
HETATM 1151 O  O   . HOH   G 5 .   ? -2.761  2.662   -18.160 1.00 41.86 ? 321 HOH   A O   1 
HETATM 1152 O  O   . HOH   G 5 .   ? -13.402 -6.056  -7.659  1.00 10.87 ? 322 HOH   A O   1 
HETATM 1153 O  O   . HOH   G 5 .   ? -4.020  -2.863  -12.129 1.00 23.70 ? 323 HOH   A O   1 
HETATM 1154 O  O   . HOH   G 5 .   ? -5.611  -12.093 -14.725 1.00 33.11 ? 324 HOH   A O   1 
HETATM 1155 O  O   . HOH   G 5 .   ? -6.251  -15.219 -7.360  1.00 24.81 ? 325 HOH   A O   1 
HETATM 1156 O  O   . HOH   G 5 .   ? -6.525  1.907   7.907   1.00 17.48 ? 326 HOH   A O   1 
HETATM 1157 O  O   . HOH   G 5 .   ? 3.327   -12.930 10.005  0.71 18.93 ? 327 HOH   A O   1 
HETATM 1158 O  O   . HOH   G 5 .   ? 8.141   2.861   -10.345 1.00 32.06 ? 328 HOH   A O   1 
HETATM 1159 O  O   . HOH   G 5 .   ? -21.353 -0.455  6.905   1.00 24.94 ? 329 HOH   A O   1 
HETATM 1160 O  O   . HOH   G 5 .   ? -17.843 3.782   -2.488  0.71 27.78 ? 330 HOH   A O   1 
HETATM 1161 O  O   . HOH   G 5 .   ? 9.320   9.808   16.861  1.00 42.67 ? 331 HOH   A O   1 
HETATM 1162 O  O   . HOH   G 5 .   ? 15.151  -8.408  10.139  1.00 37.06 ? 332 HOH   A O   1 
HETATM 1163 O  O   . HOH   G 5 .   ? -17.433 6.896   7.282   1.00 14.80 ? 333 HOH   A O   1 
HETATM 1164 O  O   . HOH   G 5 .   ? -4.695  9.887   1.995   1.00 21.17 ? 334 HOH   A O   1 
HETATM 1165 O  O   . HOH   G 5 .   ? 10.706  -4.272  -7.459  1.00 26.46 ? 335 HOH   A O   1 
HETATM 1166 O  O   A HOH   G 5 .   ? -5.494  10.670  -0.801  0.36 27.48 ? 336 HOH   A O   1 
HETATM 1167 O  O   B HOH   G 5 .   ? -5.565  10.532  -0.738  0.35 27.47 ? 336 HOH   A O   1 
HETATM 1168 O  O   . HOH   G 5 .   ? -2.149  11.314  -9.083  0.71 19.71 ? 337 HOH   A O   1 
HETATM 1169 O  O   . HOH   G 5 .   ? 4.583   10.800  -8.597  0.71 21.98 ? 338 HOH   A O   1 
HETATM 1170 O  O   . HOH   G 5 .   ? -19.876 0.234   8.401   1.00 24.98 ? 339 HOH   A O   1 
HETATM 1171 O  O   . HOH   G 5 .   ? -12.204 4.280   11.596  1.00 27.15 ? 340 HOH   A O   1 
HETATM 1172 O  O   . HOH   G 5 .   ? -10.568 10.594  4.512   1.00 20.54 ? 341 HOH   A O   1 
HETATM 1173 O  O   . HOH   G 5 .   ? -7.170  10.981  -6.990  0.71 31.07 ? 342 HOH   A O   1 
HETATM 1174 O  O   . HOH   G 5 .   ? -20.599 -2.265  4.229   1.00 22.65 ? 343 HOH   A O   1 
HETATM 1175 O  O   . HOH   G 5 .   ? 3.347   -0.288  -5.281  1.00 11.64 ? 344 HOH   A O   1 
HETATM 1176 O  O   . HOH   G 5 .   ? -8.353  1.631   5.526   1.00 10.18 ? 345 HOH   A O   1 
HETATM 1177 O  O   . HOH   G 5 .   ? 11.037  0.355   15.932  1.00 34.95 ? 346 HOH   A O   1 
HETATM 1178 O  O   . HOH   G 5 .   ? 1.371   1.727   -6.229  1.00 14.25 ? 347 HOH   A O   1 
HETATM 1179 O  O   . HOH   G 5 .   ? 10.599  8.530   -6.152  1.00 18.97 ? 348 HOH   A O   1 
HETATM 1180 O  O   . HOH   G 5 .   ? -4.995  8.670   7.269   1.00 27.10 ? 349 HOH   A O   1 
HETATM 1181 O  O   . HOH   G 5 .   ? -16.521 -6.549  -1.418  1.00 24.06 ? 350 HOH   A O   1 
HETATM 1182 O  O   . HOH   G 5 .   ? 16.335  -1.331  8.278   1.00 35.67 ? 351 HOH   A O   1 
HETATM 1183 O  O   . HOH   G 5 .   ? -16.343 -5.886  -4.955  0.71 15.60 ? 352 HOH   A O   1 
HETATM 1184 O  O   . HOH   G 5 .   ? -19.086 2.583   12.417  1.00 25.39 ? 353 HOH   A O   1 
HETATM 1185 O  O   . HOH   G 5 .   ? -15.077 8.006   -1.520  0.71 27.21 ? 354 HOH   A O   1 
HETATM 1186 O  O   . HOH   G 5 .   ? 18.723  1.820   1.093   1.00 25.52 ? 355 HOH   A O   1 
HETATM 1187 O  O   . HOH   G 5 .   ? -2.160  -9.714  -8.622  1.00 16.16 ? 356 HOH   A O   1 
HETATM 1188 O  O   . HOH   G 5 .   ? 8.767   6.162   11.365  1.00 39.93 ? 357 HOH   A O   1 
HETATM 1189 O  O   . HOH   G 5 .   ? -18.081 0.437   -5.567  0.71 12.64 ? 358 HOH   A O   1 
HETATM 1190 O  O   . HOH   G 5 .   ? -6.069  18.329  -6.144  0.71 25.31 ? 359 HOH   A O   1 
HETATM 1191 O  O   . HOH   G 5 .   ? -1.229  -19.503 2.197   1.00 48.65 ? 360 HOH   A O   1 
HETATM 1192 O  O   . HOH   G 5 .   ? 2.392   7.751   8.723   1.00 37.05 ? 361 HOH   A O   1 
HETATM 1193 O  O   . HOH   G 5 .   ? 7.202   7.613   12.160  1.00 33.33 ? 362 HOH   A O   1 
HETATM 1194 O  O   . HOH   G 5 .   ? -9.506  14.875  -8.535  0.71 24.46 ? 363 HOH   A O   1 
HETATM 1195 O  O   . HOH   G 5 .   ? -1.710  7.707   -4.525  1.00 31.02 ? 364 HOH   A O   1 
HETATM 1196 O  O   . HOH   G 5 .   ? 18.390  7.540   4.878   1.00 28.76 ? 365 HOH   A O   1 
HETATM 1197 O  O   . HOH   G 5 .   ? 4.449   11.265  -1.569  1.00 14.64 ? 366 HOH   A O   1 
HETATM 1198 O  O   . HOH   G 5 .   ? -16.166 -1.924  -0.144  1.00 19.23 ? 367 HOH   A O   1 
HETATM 1199 O  O   . HOH   G 5 .   ? -1.583  -11.761 6.867   0.62 18.38 ? 368 HOH   A O   1 
HETATM 1200 O  O   . HOH   G 5 .   ? -6.770  8.643   -5.031  0.71 24.35 ? 369 HOH   A O   1 
HETATM 1201 O  O   . HOH   G 5 .   ? 8.920   -2.634  13.633  1.00 24.11 ? 370 HOH   A O   1 
HETATM 1202 O  O   . HOH   G 5 .   ? -20.409 3.260   0.246   0.71 26.05 ? 371 HOH   A O   1 
HETATM 1203 O  O   . HOH   G 5 .   ? 2.086   -10.710 -8.146  1.00 13.36 ? 372 HOH   A O   1 
HETATM 1204 O  O   . HOH   G 5 .   ? -18.945 7.381   2.850   1.00 19.05 ? 373 HOH   A O   1 
HETATM 1205 O  O   . HOH   G 5 .   ? -15.751 -4.179  -2.002  0.71 16.44 ? 374 HOH   A O   1 
HETATM 1206 O  O   . HOH   G 5 .   ? 3.203   -1.188  -12.982 1.00 18.11 ? 375 HOH   A O   1 
HETATM 1207 O  O   . HOH   G 5 .   ? -8.096  6.204   9.047   1.00 31.12 ? 376 HOH   A O   1 
HETATM 1208 O  O   . HOH   G 5 .   ? -5.094  -8.371  -13.996 1.00 20.56 ? 377 HOH   A O   1 
HETATM 1209 O  O   . HOH   G 5 .   ? 0.781   -1.401  -16.952 1.00 33.03 ? 378 HOH   A O   1 
HETATM 1210 O  O   . HOH   G 5 .   ? -13.861 3.893   -3.522  1.00 23.80 ? 379 HOH   A O   1 
HETATM 1211 O  O   . HOH   G 5 .   ? -20.032 0.805   1.801   0.71 21.55 ? 380 HOH   A O   1 
HETATM 1212 O  O   . HOH   G 5 .   ? -8.169  8.463   -10.145 0.71 19.18 ? 381 HOH   A O   1 
HETATM 1213 O  O   . HOH   G 5 .   ? -4.670  4.348   -17.251 0.71 18.67 ? 382 HOH   A O   1 
HETATM 1214 O  O   . HOH   G 5 .   ? -6.790  -6.878  5.830   1.00 21.09 ? 383 HOH   A O   1 
HETATM 1215 O  O   . HOH   G 5 .   ? -5.046  -2.774  7.855   1.00 15.75 ? 384 HOH   A O   1 
HETATM 1216 O  O   . HOH   G 5 .   ? -14.482 -7.599  -5.793  1.00 16.67 ? 385 HOH   A O   1 
HETATM 1217 O  O   . HOH   G 5 .   ? 4.967   -6.526  13.698  1.00 33.99 ? 386 HOH   A O   1 
HETATM 1218 O  O   . HOH   G 5 .   ? -17.445 8.864   5.353   1.00 15.93 ? 387 HOH   A O   1 
HETATM 1219 O  O   . HOH   G 5 .   ? 5.951   14.188  10.388  1.00 32.22 ? 388 HOH   A O   1 
HETATM 1220 O  O   . HOH   G 5 .   ? -8.021  4.716   -8.286  0.71 25.69 ? 389 HOH   A O   1 
HETATM 1221 O  O   . HOH   G 5 .   ? 0.535   -17.463 -6.753  1.00 17.79 ? 390 HOH   A O   1 
HETATM 1222 O  O   . HOH   G 5 .   ? 9.743   0.102   -8.200  1.00 23.17 ? 391 HOH   A O   1 
HETATM 1223 O  O   . HOH   G 5 .   ? -0.539  0.411   11.082  0.62 17.41 ? 392 HOH   A O   1 
HETATM 1224 O  O   . HOH   G 5 .   ? 14.765  5.317   -2.977  1.00 18.03 ? 393 HOH   A O   1 
HETATM 1225 O  O   . HOH   G 5 .   ? 1.232   4.608   9.835   0.62 18.42 ? 394 HOH   A O   1 
HETATM 1226 O  O   . HOH   G 5 .   ? 5.631   12.530  3.286   1.00 26.84 ? 395 HOH   A O   1 
HETATM 1227 O  O   . HOH   G 5 .   ? 5.551   3.026   14.399  0.62 24.95 ? 396 HOH   A O   1 
HETATM 1228 O  O   . HOH   G 5 .   ? 0.021   5.962   7.659   1.00 22.05 ? 397 HOH   A O   1 
HETATM 1229 O  O   . HOH   G 5 .   ? 2.707   -5.894  12.716  1.00 29.48 ? 398 HOH   A O   1 
HETATM 1230 O  O   . HOH   G 5 .   ? 11.567  15.048  6.928   1.00 29.01 ? 399 HOH   A O   1 
HETATM 1231 O  O   . HOH   G 5 .   ? 13.129  -7.318  -5.435  1.00 23.89 ? 400 HOH   A O   1 
HETATM 1232 O  O   . HOH   G 5 .   ? -13.429 -11.901 -4.377  1.00 28.29 ? 401 HOH   A O   1 
HETATM 1233 O  O   . HOH   G 5 .   ? 12.447  -4.786  -5.466  1.00 27.19 ? 402 HOH   A O   1 
HETATM 1234 O  O   . HOH   G 5 .   ? -18.636 1.359   -2.995  1.00 27.30 ? 403 HOH   A O   1 
HETATM 1235 O  O   . HOH   G 5 .   ? -7.160  8.531   8.886   1.00 28.45 ? 404 HOH   A O   1 
HETATM 1236 O  O   . HOH   G 5 .   ? -18.624 -1.406  0.528   0.71 23.30 ? 405 HOH   A O   1 
HETATM 1237 O  O   . HOH   G 5 .   ? -2.205  -17.510 -5.996  1.00 22.67 ? 406 HOH   A O   1 
HETATM 1238 O  O   . HOH   G 5 .   ? 0.856   -12.112 8.888   0.71 24.43 ? 407 HOH   A O   1 
HETATM 1239 O  O   . HOH   G 5 .   ? -4.402  9.715   -5.293  0.71 23.83 ? 408 HOH   A O   1 
HETATM 1240 O  O   . HOH   G 5 .   ? -5.561  -5.259  7.900   0.62 17.61 ? 409 HOH   A O   1 
HETATM 1241 O  O   . HOH   G 5 .   ? 3.659   13.218  -8.941  0.71 24.81 ? 410 HOH   A O   1 
HETATM 1242 O  O   . HOH   G 5 .   ? 0.176   -10.610 -9.816  1.00 21.93 ? 411 HOH   A O   1 
HETATM 1243 O  O   . HOH   G 5 .   ? 13.384  -10.022 7.930   1.00 34.74 ? 412 HOH   A O   1 
HETATM 1244 O  O   . HOH   G 5 .   ? 6.403   -4.143  14.464  1.00 30.91 ? 413 HOH   A O   1 
HETATM 1245 O  O   . HOH   G 5 .   ? -4.624  -1.379  8.847   0.62 13.55 ? 414 HOH   A O   1 
HETATM 1246 O  O   . HOH   G 5 .   ? 0.825   -20.151 2.134   1.00 55.45 ? 415 HOH   A O   1 
HETATM 1247 O  O   . HOH   G 5 .   ? -7.527  -3.592  12.065  0.62 47.80 ? 416 HOH   A O   1 
HETATM 1248 O  O   . HOH   G 5 .   ? -3.222  1.327   12.001  0.62 20.57 ? 417 HOH   A O   1 
HETATM 1249 O  O   . HOH   G 5 .   ? 16.578  14.583  10.909  0.50 57.03 ? 418 HOH   A O   1 
# 
